data_5N9E
#
_entry.id   5N9E
#
_cell.length_a   304.472
_cell.length_b   51.242
_cell.length_c   164.522
_cell.angle_alpha   90.00
_cell.angle_beta   114.67
_cell.angle_gamma   90.00
#
_symmetry.space_group_name_H-M   'C 1 2 1'
#
loop_
_entity.id
_entity.type
_entity.pdbx_description
1 polymer 'CG9323, isoform A'
2 polymer "DNA (5'-D(P*TP*GP*GP*GP*GP*AP*TP*TP*T)-3')"
3 water water
#
loop_
_entity_poly.entity_id
_entity_poly.type
_entity_poly.pdbx_seq_one_letter_code
_entity_poly.pdbx_strand_id
1 'polypeptide(L)'
;MQRDRDSSGSNARKGNRPPGLRGKDIGLYYRNLARQQKKDRGENAESKEPQIRLGCNVSAPSGVLERVKELMEDYSRAPS
RQNVDDKNVDAKFQQQFRHLLSVNFEEFVAETKERNADLDWVNPKLDERLQLELGQRQLEENAKKRLEARKKLPTMKYAD
DIIQAVRENQVILIVGSTGCGKTTQVPQILLDDAISRGCASSCRIICTQPRRISAIAIAEWVSYERCESLGNSVGYQIRL
ESRKARERASITYCTTGVLLQQLQSDPLMHNLSVLILDEIHERSVETDLLMGLLKVILPHRPDLKVILMSATVREQDFCD
YFNNCPMFRIEGVMFPVKMLYLEDVLSKTNYEFQKFRDRRPKRDPPERRMKHEAMIEPYLRRIRNSYDSRVLDKLRLPES
EGCEDIDFIADLVYYICENEPEGAILVFLPGYDKISQLYNILDKPKTSKGQRWRDHMAVFPLHSLMQSGEQQAVFRRPPA
GQRKVIISTIIAETSVTIDDVVYVINSGRTKATNYDIETNIQSLDEVWVTKANTQQRRGRAGRVRPGICYNLFSRAREDR
MDDIPTPEILRSKLESIILSLKLLHIDDPYRFLQTLINAPNPEAIKMGVELLKRIEALDQTGTLTPLGMHLAKLPIDPQM
GKMILMSALFCCLDPITSAAAALSFKSPFYSPLGKESRVDEIKRRMARNMRSDHLMVHNTIIAYRDSRYSHAERDFCYKN
FLSSMTLQQLERMKNQFSELLYNYKFLASSNCKDAASNKNSEKIPLLRAIIGAGLYPNMAHLRKSRQIKNRVRAIHTMAT
DDGRRVNFHPSSVNSGESGFDSAYFVYFQRQKSTDLFLLDSTMVFPMALIIFGDGVEAGVTQNTPYLCVAKTYYFKCNRE
TADVVIQLRSNLEKLLLKKALYPAPIEENGYEKQLIKAIELLLSLDERLGEDYISSDEIDDIVD
;
A,B
2 'polydeoxyribonucleotide' (DT)(DG)(DG)(DG)(DG)(DA)(DT)(DT)(DT) C,D
#
loop_
_chem_comp.id
_chem_comp.type
_chem_comp.name
_chem_comp.formula
DA DNA linking 2'-DEOXYADENOSINE-5'-MONOPHOSPHATE 'C10 H14 N5 O6 P'
DG DNA linking 2'-DEOXYGUANOSINE-5'-MONOPHOSPHATE 'C10 H14 N5 O7 P'
DT DNA linking THYMIDINE-5'-MONOPHOSPHATE 'C10 H15 N2 O8 P'
#
# COMPACT_ATOMS: atom_id res chain seq x y z
N ILE A 52 30.25 53.72 15.71
CA ILE A 52 30.52 52.33 15.32
C ILE A 52 31.95 51.91 15.73
N ARG A 53 32.10 50.71 16.30
CA ARG A 53 33.41 50.16 16.65
C ARG A 53 33.71 48.94 15.79
N LEU A 54 34.92 48.86 15.26
CA LEU A 54 35.30 47.83 14.33
C LEU A 54 35.80 46.60 15.08
N GLY A 55 35.19 45.45 14.82
CA GLY A 55 35.58 44.21 15.47
C GLY A 55 36.76 43.62 14.75
N CYS A 56 37.00 42.32 14.98
CA CYS A 56 38.27 41.76 14.53
C CYS A 56 38.26 41.44 13.04
N ASN A 57 39.45 41.22 12.50
CA ASN A 57 39.61 40.99 11.07
C ASN A 57 39.16 39.59 10.67
N VAL A 58 38.38 39.51 9.60
CA VAL A 58 37.86 38.29 9.02
C VAL A 58 38.29 38.11 7.58
N SER A 59 39.23 38.92 7.09
CA SER A 59 39.77 38.66 5.77
C SER A 59 40.38 37.26 5.78
N ALA A 60 40.22 36.57 4.69
CA ALA A 60 40.76 35.24 4.44
C ALA A 60 41.99 35.29 3.55
N PRO A 61 42.89 34.31 3.70
CA PRO A 61 44.06 34.23 2.80
C PRO A 61 43.68 34.08 1.34
N SER A 62 44.54 34.63 0.46
CA SER A 62 44.31 34.59 -0.99
C SER A 62 44.17 33.15 -1.49
N GLY A 63 45.01 32.25 -0.99
CA GLY A 63 44.94 30.88 -1.44
C GLY A 63 43.59 30.27 -1.13
N VAL A 64 43.05 30.55 0.05
CA VAL A 64 41.73 30.04 0.36
C VAL A 64 40.68 30.70 -0.55
N LEU A 65 40.66 32.04 -0.64
CA LEU A 65 39.69 32.71 -1.51
C LEU A 65 39.73 32.16 -2.94
N GLU A 66 40.93 31.92 -3.48
CA GLU A 66 41.03 31.38 -4.85
C GLU A 66 40.34 30.03 -4.96
N ARG A 67 40.39 29.20 -3.92
CA ARG A 67 39.69 27.92 -3.96
C ARG A 67 38.18 28.11 -3.78
N VAL A 68 37.77 29.03 -2.90
CA VAL A 68 36.35 29.34 -2.77
C VAL A 68 35.80 29.81 -4.12
N LYS A 69 36.53 30.70 -4.81
CA LYS A 69 36.04 31.14 -6.12
C LYS A 69 35.93 29.96 -7.09
N GLU A 70 36.90 29.03 -7.05
CA GLU A 70 36.87 27.88 -7.95
C GLU A 70 35.64 27.00 -7.68
N LEU A 71 35.37 26.71 -6.41
CA LEU A 71 34.25 25.83 -6.05
C LEU A 71 32.91 26.46 -6.42
N MET A 72 32.75 27.75 -6.12
CA MET A 72 31.55 28.47 -6.52
C MET A 72 31.32 28.45 -8.03
N GLU A 73 32.38 28.49 -8.82
CA GLU A 73 32.15 28.45 -10.27
C GLU A 73 31.74 27.06 -10.71
N ASP A 74 32.22 26.02 -10.02
CA ASP A 74 31.73 24.67 -10.30
C ASP A 74 30.25 24.56 -9.97
N TYR A 75 29.84 25.06 -8.80
CA TYR A 75 28.44 24.99 -8.44
C TYR A 75 27.58 25.63 -9.53
N SER A 76 28.05 26.72 -10.13
CA SER A 76 27.27 27.50 -11.07
C SER A 76 27.24 26.92 -12.47
N ARG A 77 27.77 25.72 -12.70
CA ARG A 77 27.67 25.09 -14.02
C ARG A 77 26.81 23.83 -13.95
N ALA A 78 25.73 23.91 -13.17
CA ALA A 78 24.77 22.83 -13.12
C ALA A 78 23.45 23.32 -13.70
N PRO A 79 22.75 22.48 -14.47
CA PRO A 79 21.45 22.80 -15.07
C PRO A 79 20.26 22.70 -14.08
N ASP A 90 13.06 14.11 -9.17
CA ASP A 90 11.60 14.07 -9.24
C ASP A 90 10.98 14.75 -8.02
N ALA A 91 10.15 15.75 -8.26
CA ALA A 91 9.53 16.55 -7.21
C ALA A 91 8.03 16.31 -7.12
N LYS A 92 7.63 15.30 -6.33
CA LYS A 92 6.24 15.27 -5.88
C LYS A 92 6.00 16.39 -4.88
N PHE A 93 6.99 16.71 -4.05
CA PHE A 93 6.79 17.71 -3.00
C PHE A 93 6.40 19.06 -3.59
N GLN A 94 7.02 19.44 -4.69
CA GLN A 94 6.74 20.73 -5.30
C GLN A 94 5.27 20.87 -5.69
N GLN A 95 4.67 19.80 -6.23
CA GLN A 95 3.26 19.90 -6.63
C GLN A 95 2.33 19.94 -5.43
N GLN A 96 2.69 19.26 -4.34
CA GLN A 96 1.91 19.40 -3.11
C GLN A 96 1.94 20.85 -2.65
N PHE A 97 3.10 21.49 -2.72
CA PHE A 97 3.22 22.87 -2.24
C PHE A 97 2.42 23.83 -3.10
N ARG A 98 2.37 23.61 -4.41
CA ARG A 98 1.56 24.50 -5.22
C ARG A 98 0.08 24.20 -5.03
N HIS A 99 -0.26 22.92 -4.81
CA HIS A 99 -1.65 22.54 -4.59
C HIS A 99 -2.20 23.13 -3.29
N LEU A 100 -1.38 23.23 -2.24
CA LEU A 100 -1.83 23.87 -1.01
C LEU A 100 -2.10 25.35 -1.22
N LEU A 101 -1.26 26.03 -2.02
CA LEU A 101 -1.41 27.47 -2.21
C LEU A 101 -2.55 27.83 -3.15
N SER A 102 -2.97 26.91 -3.99
CA SER A 102 -3.94 27.20 -5.03
C SER A 102 -5.39 27.07 -4.54
N VAL A 103 -5.63 26.19 -3.57
CA VAL A 103 -6.98 25.88 -3.10
C VAL A 103 -7.42 26.87 -2.03
N ASN A 104 -8.71 27.25 -2.04
CA ASN A 104 -9.24 27.98 -0.91
C ASN A 104 -9.81 26.99 0.09
N PHE A 105 -10.26 27.51 1.22
CA PHE A 105 -10.70 26.66 2.32
C PHE A 105 -11.90 25.79 1.92
N GLU A 106 -12.80 26.31 1.10
CA GLU A 106 -13.93 25.51 0.66
C GLU A 106 -13.47 24.23 -0.04
N GLU A 107 -12.50 24.37 -0.94
CA GLU A 107 -12.01 23.23 -1.71
C GLU A 107 -11.22 22.29 -0.83
N PHE A 108 -10.45 22.85 0.12
CA PHE A 108 -9.68 22.03 1.05
C PHE A 108 -10.60 21.14 1.86
N VAL A 109 -11.75 21.69 2.26
CA VAL A 109 -12.72 20.93 3.03
C VAL A 109 -13.29 19.78 2.19
N ALA A 110 -13.64 20.06 0.94
CA ALA A 110 -14.01 19.00 0.00
C ALA A 110 -12.93 17.93 -0.08
N GLU A 111 -11.70 18.33 -0.43
CA GLU A 111 -10.64 17.38 -0.68
C GLU A 111 -10.41 16.46 0.49
N THR A 112 -10.36 17.02 1.70
CA THR A 112 -10.03 16.22 2.87
C THR A 112 -11.11 15.17 3.15
N LYS A 113 -12.37 15.44 2.81
CA LYS A 113 -13.43 14.46 3.05
C LYS A 113 -13.18 13.17 2.29
N GLU A 114 -13.03 13.27 0.96
CA GLU A 114 -12.78 12.10 0.11
C GLU A 114 -11.53 11.31 0.53
N ARG A 115 -10.42 12.01 0.85
CA ARG A 115 -9.13 11.35 1.13
C ARG A 115 -9.11 10.53 2.42
N ASN A 116 -9.83 10.95 3.46
CA ASN A 116 -9.95 10.20 4.73
C ASN A 116 -11.39 9.73 4.89
N ALA A 117 -11.67 8.55 4.33
CA ALA A 117 -13.00 7.98 4.32
C ALA A 117 -13.10 6.70 5.14
N ASP A 118 -12.03 6.29 5.85
CA ASP A 118 -12.04 4.96 6.50
C ASP A 118 -13.25 4.74 7.38
N LEU A 119 -13.78 5.79 8.01
CA LEU A 119 -14.93 5.59 8.86
C LEU A 119 -16.26 5.50 8.10
N ASP A 120 -16.29 5.85 6.81
CA ASP A 120 -17.50 5.58 6.01
C ASP A 120 -17.76 4.08 5.87
N TRP A 121 -16.88 3.22 6.42
CA TRP A 121 -16.98 1.78 6.26
C TRP A 121 -17.17 1.12 7.63
N VAL A 122 -18.12 0.19 7.72
CA VAL A 122 -18.42 -0.53 8.94
C VAL A 122 -18.35 -2.02 8.64
N ASN A 123 -18.14 -2.81 9.70
CA ASN A 123 -18.00 -4.26 9.60
C ASN A 123 -19.18 -4.96 10.30
N PRO A 124 -20.26 -5.27 9.59
CA PRO A 124 -21.44 -5.84 10.29
C PRO A 124 -21.17 -7.20 10.94
N LYS A 125 -20.32 -8.03 10.35
CA LYS A 125 -19.92 -9.29 10.96
C LYS A 125 -19.15 -9.05 12.25
N LEU A 126 -18.43 -7.94 12.35
CA LEU A 126 -17.77 -7.56 13.59
C LEU A 126 -18.70 -6.87 14.58
N ASP A 127 -19.55 -5.95 14.09
CA ASP A 127 -20.56 -5.34 14.95
C ASP A 127 -21.28 -6.39 15.76
N GLU A 128 -21.73 -7.45 15.09
CA GLU A 128 -22.52 -8.46 15.76
C GLU A 128 -21.65 -9.31 16.68
N ARG A 129 -20.44 -9.67 16.21
CA ARG A 129 -19.57 -10.53 17.02
C ARG A 129 -19.23 -9.87 18.34
N LEU A 130 -18.95 -8.56 18.32
CA LEU A 130 -18.62 -7.90 19.57
C LEU A 130 -19.86 -7.67 20.43
N GLN A 131 -21.01 -7.46 19.80
CA GLN A 131 -22.23 -7.33 20.57
C GLN A 131 -22.52 -8.59 21.38
N LEU A 132 -22.24 -9.77 20.80
CA LEU A 132 -22.49 -11.03 21.48
C LEU A 132 -21.53 -11.23 22.64
N GLU A 133 -20.22 -11.08 22.38
CA GLU A 133 -19.20 -11.24 23.42
C GLU A 133 -19.39 -10.27 24.57
N LEU A 134 -19.99 -9.10 24.33
CA LEU A 134 -20.23 -8.15 25.42
C LEU A 134 -21.24 -8.70 26.40
N GLY A 135 -22.45 -9.03 25.92
CA GLY A 135 -23.45 -9.65 26.78
C GLY A 135 -22.95 -10.88 27.51
N GLN A 136 -22.15 -11.70 26.83
CA GLN A 136 -21.62 -12.92 27.42
C GLN A 136 -20.65 -12.66 28.57
N ARG A 137 -19.70 -11.72 28.37
CA ARG A 137 -18.71 -11.43 29.42
C ARG A 137 -19.26 -10.59 30.56
N GLN A 138 -20.49 -10.08 30.45
CA GLN A 138 -21.16 -9.40 31.55
C GLN A 138 -21.86 -10.37 32.49
N LEU A 139 -21.93 -11.65 32.14
CA LEU A 139 -22.48 -12.64 33.05
C LEU A 139 -21.40 -13.53 33.66
N GLU A 140 -20.15 -13.40 33.20
CA GLU A 140 -19.06 -14.08 33.87
C GLU A 140 -18.76 -13.42 35.22
N GLU A 141 -18.00 -14.16 36.04
CA GLU A 141 -17.62 -13.72 37.38
C GLU A 141 -16.18 -13.23 37.45
N ASN A 142 -15.58 -12.89 36.31
CA ASN A 142 -14.39 -12.06 36.37
C ASN A 142 -14.79 -10.60 36.25
N ALA A 143 -15.68 -10.31 35.30
CA ALA A 143 -16.42 -9.06 35.29
C ALA A 143 -17.58 -9.17 36.27
N LYS A 144 -18.32 -8.08 36.40
CA LYS A 144 -19.53 -8.03 37.20
C LYS A 144 -19.17 -8.04 38.68
N LYS A 145 -17.87 -8.22 39.01
CA LYS A 145 -17.24 -7.54 40.12
C LYS A 145 -16.64 -6.23 39.65
N ARG A 146 -16.12 -6.26 38.42
CA ARG A 146 -15.59 -5.04 37.87
C ARG A 146 -16.72 -4.08 37.56
N LEU A 147 -17.92 -4.59 37.24
CA LEU A 147 -19.06 -3.70 37.04
C LEU A 147 -19.61 -3.16 38.34
N GLU A 148 -19.65 -3.97 39.40
CA GLU A 148 -20.29 -3.50 40.64
C GLU A 148 -19.43 -2.47 41.34
N ALA A 149 -18.11 -2.55 41.20
CA ALA A 149 -17.23 -1.52 41.71
C ALA A 149 -17.21 -0.29 40.80
N ARG A 150 -17.40 -0.47 39.49
CA ARG A 150 -17.60 0.69 38.63
C ARG A 150 -18.87 1.45 38.97
N LYS A 151 -19.93 0.75 39.41
CA LYS A 151 -21.24 1.36 39.70
C LYS A 151 -21.25 2.16 41.01
N LYS A 152 -20.20 2.03 41.83
CA LYS A 152 -20.01 2.91 42.98
C LYS A 152 -19.43 4.26 42.60
N LEU A 153 -18.99 4.44 41.36
CA LEU A 153 -18.46 5.72 40.93
C LEU A 153 -19.60 6.66 40.54
N PRO A 154 -19.52 7.91 40.97
CA PRO A 154 -20.64 8.84 40.72
C PRO A 154 -21.01 8.96 39.25
N THR A 155 -20.02 9.01 38.35
CA THR A 155 -20.33 9.20 36.93
C THR A 155 -21.31 8.15 36.42
N MET A 156 -21.16 6.90 36.88
CA MET A 156 -21.98 5.81 36.37
C MET A 156 -23.48 5.97 36.67
N LYS A 157 -23.84 6.79 37.67
CA LYS A 157 -25.24 7.10 37.97
C LYS A 157 -25.89 7.92 36.87
N TYR A 158 -25.11 8.62 36.05
CA TYR A 158 -25.63 9.44 34.97
C TYR A 158 -25.45 8.81 33.60
N ALA A 159 -24.99 7.56 33.50
CA ALA A 159 -24.66 7.00 32.19
C ALA A 159 -25.75 7.26 31.14
N ASP A 160 -27.02 6.98 31.47
CA ASP A 160 -28.08 7.03 30.47
C ASP A 160 -28.41 8.47 30.05
N ASP A 161 -28.43 9.42 31.00
CA ASP A 161 -28.58 10.82 30.60
C ASP A 161 -27.41 11.27 29.73
N ILE A 162 -26.19 10.78 30.02
CA ILE A 162 -25.03 11.17 29.23
C ILE A 162 -25.15 10.62 27.82
N ILE A 163 -25.50 9.34 27.68
CA ILE A 163 -25.69 8.74 26.36
C ILE A 163 -26.67 9.56 25.54
N GLN A 164 -27.82 9.91 26.15
CA GLN A 164 -28.84 10.67 25.42
C GLN A 164 -28.38 12.08 25.15
N ALA A 165 -27.66 12.68 26.11
CA ALA A 165 -27.18 14.04 25.91
C ALA A 165 -26.22 14.11 24.72
N VAL A 166 -25.40 13.08 24.54
CA VAL A 166 -24.57 13.02 23.35
C VAL A 166 -25.43 12.84 22.10
N ARG A 167 -26.51 12.06 22.20
CA ARG A 167 -27.33 11.81 21.02
C ARG A 167 -27.97 13.10 20.52
N GLU A 168 -28.43 13.95 21.42
CA GLU A 168 -29.18 15.14 21.05
C GLU A 168 -28.31 16.37 20.82
N ASN A 169 -27.05 16.37 21.25
CA ASN A 169 -26.19 17.55 21.11
C ASN A 169 -24.82 17.15 20.61
N GLN A 170 -24.30 17.99 19.70
CA GLN A 170 -22.96 17.83 19.13
C GLN A 170 -21.89 18.00 20.19
N VAL A 171 -22.07 18.96 21.08
CA VAL A 171 -21.10 19.33 22.08
C VAL A 171 -21.79 19.32 23.43
N ILE A 172 -21.25 18.55 24.37
CA ILE A 172 -21.63 18.69 25.76
C ILE A 172 -20.37 18.93 26.60
N LEU A 173 -20.59 19.24 27.87
CA LEU A 173 -19.55 19.44 28.86
C LEU A 173 -19.91 18.66 30.11
N ILE A 174 -18.95 17.92 30.65
CA ILE A 174 -19.11 17.18 31.91
C ILE A 174 -18.11 17.76 32.91
N VAL A 175 -18.64 18.34 33.99
CA VAL A 175 -17.85 19.04 35.01
C VAL A 175 -17.91 18.24 36.30
N GLY A 176 -16.75 17.87 36.84
CA GLY A 176 -16.74 16.98 37.99
C GLY A 176 -15.43 17.05 38.73
N SER A 177 -15.49 16.71 40.01
CA SER A 177 -14.31 16.80 40.87
C SER A 177 -13.50 15.52 40.76
N THR A 178 -12.22 15.62 41.10
CA THR A 178 -11.39 14.42 41.11
C THR A 178 -12.03 13.37 42.00
N GLY A 179 -12.06 12.14 41.52
CA GLY A 179 -12.76 11.08 42.18
C GLY A 179 -14.07 10.71 41.51
N CYS A 180 -14.57 11.58 40.61
CA CYS A 180 -15.86 11.34 39.99
C CYS A 180 -15.83 10.30 38.89
N GLY A 181 -14.67 9.90 38.41
CA GLY A 181 -14.57 8.85 37.40
C GLY A 181 -15.04 9.21 36.01
N LYS A 182 -15.21 10.50 35.70
CA LYS A 182 -15.57 10.92 34.34
C LYS A 182 -14.55 10.46 33.31
N THR A 183 -13.28 10.44 33.67
CA THR A 183 -12.23 10.15 32.71
C THR A 183 -12.20 8.68 32.32
N THR A 184 -12.25 7.78 33.31
CA THR A 184 -12.35 6.35 33.04
C THR A 184 -13.76 5.89 32.67
N GLN A 185 -14.82 6.54 33.16
CA GLN A 185 -16.14 5.94 32.99
C GLN A 185 -16.89 6.48 31.78
N VAL A 186 -16.76 7.76 31.42
CA VAL A 186 -17.47 8.27 30.24
C VAL A 186 -17.10 7.53 28.96
N PRO A 187 -15.82 7.31 28.64
CA PRO A 187 -15.52 6.64 27.38
C PRO A 187 -16.10 5.25 27.33
N GLN A 188 -16.03 4.53 28.45
CA GLN A 188 -16.62 3.19 28.50
C GLN A 188 -18.12 3.24 28.35
N ILE A 189 -18.77 4.29 28.85
CA ILE A 189 -20.22 4.41 28.73
C ILE A 189 -20.63 4.51 27.28
N LEU A 190 -19.97 5.37 26.50
CA LEU A 190 -20.37 5.52 25.09
C LEU A 190 -19.99 4.31 24.26
N LEU A 191 -18.88 3.66 24.58
CA LEU A 191 -18.43 2.52 23.79
C LEU A 191 -19.38 1.36 23.99
N ASP A 192 -19.51 0.90 25.24
CA ASP A 192 -20.39 -0.23 25.55
C ASP A 192 -21.80 0.02 25.04
N ASP A 193 -22.23 1.29 25.01
CA ASP A 193 -23.52 1.61 24.40
C ASP A 193 -23.57 1.24 22.92
N ALA A 194 -22.62 1.79 22.14
CA ALA A 194 -22.61 1.52 20.70
C ALA A 194 -22.45 0.03 20.37
N ILE A 195 -21.63 -0.70 21.16
CA ILE A 195 -21.47 -2.14 20.92
C ILE A 195 -22.80 -2.87 21.02
N SER A 196 -23.57 -2.58 22.09
CA SER A 196 -24.83 -3.29 22.32
C SER A 196 -25.86 -2.95 21.27
N ARG A 197 -25.97 -1.68 20.88
CA ARG A 197 -26.84 -1.27 19.79
C ARG A 197 -26.44 -1.84 18.42
N GLY A 198 -25.35 -2.59 18.35
CA GLY A 198 -24.91 -3.14 17.09
C GLY A 198 -24.23 -2.16 16.17
N CYS A 199 -23.48 -1.20 16.73
CA CYS A 199 -22.69 -0.24 15.96
C CYS A 199 -21.21 -0.32 16.22
N ALA A 200 -20.72 -1.37 16.89
CA ALA A 200 -19.34 -1.39 17.40
C ALA A 200 -18.30 -0.87 16.40
N SER A 201 -18.36 -1.30 15.14
CA SER A 201 -17.28 -0.90 14.26
C SER A 201 -17.34 0.57 13.88
N SER A 202 -18.47 1.26 14.05
CA SER A 202 -18.50 2.70 13.74
C SER A 202 -17.93 3.58 14.84
N CYS A 203 -17.51 3.02 15.98
CA CYS A 203 -17.21 3.79 17.20
C CYS A 203 -15.72 3.83 17.47
N ARG A 204 -15.11 5.03 17.32
CA ARG A 204 -13.70 5.21 17.63
C ARG A 204 -13.55 6.45 18.49
N ILE A 205 -13.16 6.25 19.74
CA ILE A 205 -13.17 7.30 20.75
C ILE A 205 -11.73 7.74 21.04
N ILE A 206 -11.49 9.03 20.96
CA ILE A 206 -10.19 9.59 21.29
C ILE A 206 -10.37 10.51 22.48
N CYS A 207 -9.62 10.26 23.53
CA CYS A 207 -9.68 11.02 24.77
C CYS A 207 -8.30 11.63 25.02
N THR A 208 -8.22 12.97 25.04
CA THR A 208 -6.93 13.61 25.26
C THR A 208 -6.64 13.73 26.76
N GLN A 209 -5.38 13.90 27.07
CA GLN A 209 -4.91 14.20 28.41
C GLN A 209 -3.80 15.22 28.26
N PRO A 210 -3.58 16.06 29.28
CA PRO A 210 -2.51 17.05 29.20
C PRO A 210 -1.16 16.41 29.43
N ARG A 211 -1.11 15.37 30.26
CA ARG A 211 0.15 14.79 30.72
C ARG A 211 0.34 13.38 30.16
N ARG A 212 1.60 13.06 29.82
CA ARG A 212 1.94 11.73 29.29
C ARG A 212 1.63 10.64 30.32
N ILE A 213 2.13 10.79 31.55
CA ILE A 213 1.99 9.72 32.52
C ILE A 213 0.53 9.42 32.79
N SER A 214 -0.29 10.46 32.81
CA SER A 214 -1.69 10.27 33.09
C SER A 214 -2.34 9.47 31.97
N ALA A 215 -2.05 9.83 30.71
CA ALA A 215 -2.61 9.11 29.58
C ALA A 215 -2.37 7.60 29.66
N ILE A 216 -1.18 7.18 30.11
CA ILE A 216 -0.89 5.75 30.22
C ILE A 216 -1.68 5.10 31.35
N ALA A 217 -1.50 5.57 32.59
CA ALA A 217 -2.09 4.88 33.74
C ALA A 217 -3.60 4.80 33.62
N ILE A 218 -4.24 5.87 33.11
CA ILE A 218 -5.65 5.79 32.83
C ILE A 218 -5.92 4.63 31.87
N ALA A 219 -5.08 4.48 30.84
CA ALA A 219 -5.25 3.43 29.86
C ALA A 219 -5.11 2.06 30.49
N GLU A 220 -4.07 1.88 31.32
CA GLU A 220 -3.90 0.61 32.01
C GLU A 220 -5.08 0.32 32.93
N TRP A 221 -5.60 1.36 33.59
CA TRP A 221 -6.71 1.15 34.50
C TRP A 221 -8.00 0.78 33.75
N VAL A 222 -8.40 1.58 32.77
CA VAL A 222 -9.61 1.27 32.00
C VAL A 222 -9.48 -0.11 31.38
N SER A 223 -8.26 -0.49 31.00
CA SER A 223 -8.04 -1.80 30.41
C SER A 223 -8.24 -2.90 31.43
N TYR A 224 -7.88 -2.63 32.69
CA TYR A 224 -8.17 -3.52 33.82
C TYR A 224 -9.66 -3.72 34.05
N GLU A 225 -10.44 -2.63 34.03
CA GLU A 225 -11.87 -2.69 34.28
C GLU A 225 -12.65 -3.43 33.21
N ARG A 226 -11.97 -3.89 32.16
CA ARG A 226 -12.60 -4.59 31.05
C ARG A 226 -12.02 -5.99 30.82
N CYS A 227 -11.18 -6.48 31.75
CA CYS A 227 -10.56 -7.80 31.70
C CYS A 227 -9.81 -8.01 30.38
N GLU A 228 -8.95 -7.06 30.06
CA GLU A 228 -8.16 -7.14 28.85
C GLU A 228 -6.71 -6.73 29.09
N SER A 229 -5.80 -7.39 28.39
CA SER A 229 -4.46 -6.85 28.36
C SER A 229 -4.52 -5.56 27.57
N LEU A 230 -3.64 -4.63 27.90
CA LEU A 230 -3.65 -3.35 27.22
C LEU A 230 -3.43 -3.52 25.72
N GLY A 231 -4.25 -2.87 24.94
CA GLY A 231 -4.07 -2.91 23.51
C GLY A 231 -5.14 -3.64 22.75
N ASN A 232 -6.11 -4.27 23.43
CA ASN A 232 -7.28 -4.77 22.69
C ASN A 232 -8.35 -3.72 22.44
N SER A 233 -8.98 -3.19 23.50
CA SER A 233 -10.03 -2.18 23.32
C SER A 233 -9.69 -0.83 23.92
N VAL A 234 -8.70 -0.77 24.81
CA VAL A 234 -8.23 0.48 25.35
C VAL A 234 -6.75 0.59 24.98
N GLY A 235 -6.33 1.76 24.48
CA GLY A 235 -4.93 1.98 24.23
C GLY A 235 -4.50 3.39 24.52
N TYR A 236 -3.20 3.61 24.42
CA TYR A 236 -2.65 4.95 24.53
C TYR A 236 -1.65 5.21 23.44
N GLN A 237 -1.55 6.49 23.09
CA GLN A 237 -0.56 6.94 22.13
C GLN A 237 -0.02 8.26 22.66
N ILE A 238 1.28 8.31 22.90
CA ILE A 238 1.97 9.54 23.23
C ILE A 238 3.19 9.61 22.32
N ARG A 239 3.97 10.71 22.41
CA ARG A 239 5.10 10.89 21.50
C ARG A 239 6.10 9.76 21.68
N LEU A 240 6.35 9.01 20.60
CA LEU A 240 7.37 7.97 20.52
C LEU A 240 7.12 6.82 21.45
N GLU A 241 5.87 6.64 21.86
CA GLU A 241 5.53 5.45 22.63
C GLU A 241 4.03 5.24 22.53
N SER A 242 3.63 4.08 22.02
CA SER A 242 2.21 3.82 21.81
C SER A 242 1.94 2.33 21.95
N ARG A 243 0.92 1.99 22.75
CA ARG A 243 0.31 0.65 22.79
C ARG A 243 -1.05 0.87 22.14
N LYS A 244 -1.09 0.73 20.82
CA LYS A 244 -2.25 1.13 20.04
C LYS A 244 -3.40 0.15 20.29
N ALA A 245 -4.60 0.70 20.46
CA ALA A 245 -5.77 -0.16 20.59
C ALA A 245 -6.18 -0.68 19.21
N ARG A 246 -7.14 -1.63 19.18
CA ARG A 246 -7.60 -2.12 17.89
C ARG A 246 -8.20 -0.97 17.06
N GLU A 247 -8.39 -1.22 15.78
CA GLU A 247 -8.75 -0.15 14.86
C GLU A 247 -10.13 0.45 15.21
N ARG A 248 -11.14 -0.41 15.39
CA ARG A 248 -12.54 -0.03 15.57
C ARG A 248 -13.06 -0.54 16.91
N ALA A 249 -14.14 0.10 17.40
CA ALA A 249 -14.69 -0.23 18.72
C ALA A 249 -13.63 -0.12 19.80
N SER A 250 -12.95 1.04 19.84
CA SER A 250 -11.80 1.21 20.71
C SER A 250 -11.78 2.61 21.34
N ILE A 251 -11.10 2.70 22.47
CA ILE A 251 -10.89 3.94 23.22
C ILE A 251 -9.38 4.17 23.29
N THR A 252 -8.92 5.30 22.77
CA THR A 252 -7.51 5.63 22.79
C THR A 252 -7.26 6.87 23.65
N TYR A 253 -6.32 6.79 24.57
CA TYR A 253 -5.89 7.95 25.34
C TYR A 253 -4.63 8.51 24.73
N CYS A 254 -4.60 9.83 24.53
CA CYS A 254 -3.42 10.45 23.93
C CYS A 254 -3.16 11.82 24.54
N THR A 255 -1.90 12.26 24.45
CA THR A 255 -1.57 13.63 24.81
C THR A 255 -2.17 14.55 23.78
N THR A 256 -2.66 15.71 24.23
CA THR A 256 -3.31 16.65 23.33
C THR A 256 -2.44 16.99 22.14
N GLY A 257 -1.11 17.10 22.33
CA GLY A 257 -0.24 17.44 21.22
C GLY A 257 -0.26 16.41 20.09
N VAL A 258 -0.33 15.11 20.44
CA VAL A 258 -0.45 14.07 19.43
C VAL A 258 -1.56 14.43 18.45
N LEU A 259 -2.73 14.78 19.00
CA LEU A 259 -3.88 15.09 18.18
C LEU A 259 -3.60 16.31 17.26
N LEU A 260 -2.89 17.31 17.79
CA LEU A 260 -2.55 18.49 16.98
C LEU A 260 -1.67 18.12 15.78
N GLN A 261 -0.56 17.41 16.01
CA GLN A 261 0.26 17.00 14.86
C GLN A 261 -0.55 16.13 13.88
N GLN A 262 -1.48 15.29 14.40
CA GLN A 262 -2.29 14.46 13.52
C GLN A 262 -3.26 15.27 12.67
N LEU A 263 -3.63 16.50 13.12
CA LEU A 263 -4.55 17.31 12.32
C LEU A 263 -4.03 17.56 10.91
N GLN A 264 -2.71 17.66 10.71
CA GLN A 264 -2.20 17.96 9.37
C GLN A 264 -2.71 16.92 8.39
N SER A 265 -2.68 15.65 8.78
CA SER A 265 -3.09 14.55 7.92
C SER A 265 -4.60 14.38 7.85
N ASP A 266 -5.32 14.79 8.89
CA ASP A 266 -6.75 14.60 9.02
C ASP A 266 -7.32 15.90 9.60
N PRO A 267 -7.36 16.95 8.77
CA PRO A 267 -7.68 18.29 9.30
C PRO A 267 -9.09 18.41 9.85
N LEU A 268 -10.02 17.61 9.38
CA LEU A 268 -11.41 17.70 9.82
C LEU A 268 -11.87 16.47 10.62
N MET A 269 -10.94 15.73 11.21
CA MET A 269 -11.24 14.69 12.19
C MET A 269 -12.23 13.65 11.65
N HIS A 270 -12.00 13.20 10.43
CA HIS A 270 -12.75 12.09 9.88
C HIS A 270 -12.30 10.74 10.42
N ASN A 271 -11.18 10.68 11.14
CA ASN A 271 -10.67 9.39 11.60
C ASN A 271 -11.10 9.05 13.03
N LEU A 272 -12.12 9.74 13.54
CA LEU A 272 -12.63 9.49 14.88
C LEU A 272 -14.11 9.83 14.88
N SER A 273 -14.87 9.17 15.76
CA SER A 273 -16.30 9.42 15.90
C SER A 273 -16.65 10.25 17.12
N VAL A 274 -15.83 10.15 18.18
CA VAL A 274 -16.02 10.89 19.44
C VAL A 274 -14.68 11.43 19.89
N LEU A 275 -14.63 12.73 20.14
CA LEU A 275 -13.47 13.41 20.73
C LEU A 275 -13.82 13.80 22.15
N ILE A 276 -13.03 13.33 23.12
CA ILE A 276 -13.21 13.68 24.52
C ILE A 276 -11.98 14.48 24.94
N LEU A 277 -12.15 15.80 25.17
CA LEU A 277 -11.09 16.66 25.72
C LEU A 277 -11.16 16.72 27.25
N ASP A 278 -10.09 16.29 27.91
CA ASP A 278 -10.11 16.28 29.37
C ASP A 278 -9.22 17.40 29.93
N GLU A 279 -9.49 17.76 31.19
CA GLU A 279 -8.68 18.72 31.95
C GLU A 279 -8.51 20.04 31.19
N ILE A 280 -9.57 20.45 30.50
CA ILE A 280 -9.47 21.68 29.75
C ILE A 280 -9.43 22.88 30.66
N HIS A 281 -9.88 22.72 31.90
CA HIS A 281 -9.83 23.84 32.84
C HIS A 281 -8.41 24.27 33.13
N GLU A 282 -7.44 23.39 32.90
CA GLU A 282 -6.05 23.79 33.09
C GLU A 282 -5.59 24.80 32.05
N ARG A 283 -6.33 24.97 30.96
CA ARG A 283 -6.05 25.98 29.95
C ARG A 283 -4.66 25.79 29.33
N SER A 284 -4.20 24.55 29.21
CA SER A 284 -2.98 24.34 28.43
C SER A 284 -3.20 24.89 27.03
N VAL A 285 -2.11 25.30 26.37
CA VAL A 285 -2.22 25.91 25.03
C VAL A 285 -3.00 24.98 24.13
N GLU A 286 -2.73 23.69 24.26
CA GLU A 286 -3.25 22.70 23.33
C GLU A 286 -4.76 22.56 23.49
N THR A 287 -5.27 22.53 24.73
CA THR A 287 -6.72 22.44 24.85
C THR A 287 -7.39 23.72 24.35
N ASP A 288 -6.86 24.88 24.74
CA ASP A 288 -7.43 26.15 24.24
C ASP A 288 -7.35 26.23 22.73
N LEU A 289 -6.21 25.82 22.18
CA LEU A 289 -6.01 25.83 20.73
C LEU A 289 -6.94 24.84 20.05
N LEU A 290 -7.07 23.64 20.62
CA LEU A 290 -7.97 22.65 20.06
C LEU A 290 -9.41 23.17 20.01
N MET A 291 -9.84 23.88 21.05
CA MET A 291 -11.22 24.35 21.08
C MET A 291 -11.49 25.38 20.02
N GLY A 292 -10.58 26.33 19.83
CA GLY A 292 -10.78 27.24 18.73
C GLY A 292 -10.90 26.51 17.41
N LEU A 293 -10.08 25.48 17.23
CA LEU A 293 -10.15 24.75 15.98
C LEU A 293 -11.47 23.99 15.84
N LEU A 294 -12.07 23.53 16.94
CA LEU A 294 -13.36 22.86 16.85
C LEU A 294 -14.45 23.75 16.25
N LYS A 295 -14.41 25.06 16.51
CA LYS A 295 -15.39 25.95 15.89
C LYS A 295 -15.24 26.01 14.38
N VAL A 296 -14.02 25.83 13.85
CA VAL A 296 -13.81 25.79 12.41
C VAL A 296 -14.20 24.44 11.83
N ILE A 297 -14.02 23.37 12.59
CA ILE A 297 -14.27 22.00 12.13
C ILE A 297 -15.73 21.61 12.28
N LEU A 298 -16.33 21.88 13.43
CA LEU A 298 -17.64 21.31 13.73
C LEU A 298 -18.75 21.67 12.75
N PRO A 299 -18.78 22.83 12.10
CA PRO A 299 -19.78 23.05 11.05
C PRO A 299 -19.67 22.12 9.85
N HIS A 300 -18.53 21.46 9.67
CA HIS A 300 -18.32 20.57 8.55
C HIS A 300 -18.29 19.09 8.97
N ARG A 301 -18.42 18.78 10.25
CA ARG A 301 -18.43 17.40 10.75
C ARG A 301 -19.65 17.22 11.63
N PRO A 302 -20.84 17.25 11.04
CA PRO A 302 -22.04 17.19 11.87
C PRO A 302 -22.25 15.85 12.57
N ASP A 303 -21.73 14.76 12.03
CA ASP A 303 -21.79 13.44 12.68
C ASP A 303 -20.75 13.27 13.79
N LEU A 304 -19.78 14.17 13.93
CA LEU A 304 -18.79 14.07 14.99
C LEU A 304 -19.37 14.51 16.34
N LYS A 305 -19.06 13.74 17.38
CA LYS A 305 -19.51 14.03 18.75
C LYS A 305 -18.31 14.45 19.61
N VAL A 306 -18.41 15.61 20.24
CA VAL A 306 -17.38 16.13 21.12
C VAL A 306 -17.89 16.20 22.55
N ILE A 307 -17.07 15.75 23.49
CA ILE A 307 -17.38 15.86 24.91
C ILE A 307 -16.21 16.57 25.59
N LEU A 308 -16.47 17.78 26.10
CA LEU A 308 -15.52 18.54 26.91
C LEU A 308 -15.61 18.11 28.37
N MET A 309 -14.47 18.15 29.06
CA MET A 309 -14.40 17.74 30.46
C MET A 309 -13.52 18.68 31.25
N SER A 310 -13.96 19.00 32.46
CA SER A 310 -13.40 20.09 33.23
C SER A 310 -13.54 19.82 34.74
N ALA A 311 -12.62 20.37 35.52
CA ALA A 311 -12.86 20.51 36.94
C ALA A 311 -13.77 21.72 37.17
N THR A 312 -14.13 21.99 38.41
CA THR A 312 -15.01 23.11 38.73
C THR A 312 -14.20 24.41 38.89
N VAL A 313 -13.53 24.78 37.80
CA VAL A 313 -12.61 25.91 37.76
C VAL A 313 -13.02 26.75 36.54
N ARG A 314 -13.82 27.78 36.78
CA ARG A 314 -14.46 28.60 35.74
C ARG A 314 -15.05 27.71 34.65
N GLU A 315 -15.73 26.64 35.06
CA GLU A 315 -16.37 25.74 34.12
C GLU A 315 -17.32 26.50 33.20
N GLN A 316 -17.90 27.60 33.69
CA GLN A 316 -18.91 28.30 32.90
C GLN A 316 -18.32 28.89 31.64
N ASP A 317 -17.01 29.20 31.65
CA ASP A 317 -16.36 29.77 30.48
C ASP A 317 -16.44 28.83 29.28
N PHE A 318 -16.30 27.54 29.51
CA PHE A 318 -16.37 26.59 28.40
C PHE A 318 -17.82 26.39 27.97
N CYS A 319 -18.74 26.36 28.92
CA CYS A 319 -20.13 26.24 28.53
C CYS A 319 -20.57 27.46 27.74
N ASP A 320 -20.16 28.66 28.17
CA ASP A 320 -20.43 29.86 27.39
C ASP A 320 -19.80 29.77 26.01
N TYR A 321 -18.58 29.27 25.94
CA TYR A 321 -17.85 29.28 24.69
C TYR A 321 -18.59 28.47 23.64
N PHE A 322 -19.04 27.25 23.98
CA PHE A 322 -19.88 26.47 23.06
C PHE A 322 -21.39 26.66 23.27
N ASN A 323 -21.75 27.92 23.27
CA ASN A 323 -22.90 28.64 22.76
C ASN A 323 -24.36 28.55 23.26
N ASN A 324 -24.90 27.61 24.07
CA ASN A 324 -25.01 27.54 25.53
C ASN A 324 -24.85 26.10 26.04
N CYS A 325 -23.94 25.25 25.58
CA CYS A 325 -24.23 23.81 25.49
C CYS A 325 -24.65 23.15 26.82
N PRO A 326 -25.23 21.93 26.76
CA PRO A 326 -25.56 21.20 28.00
C PRO A 326 -24.36 20.88 28.89
N MET A 327 -24.59 20.91 30.19
CA MET A 327 -23.54 20.80 31.18
C MET A 327 -24.00 19.89 32.30
N PHE A 328 -23.26 18.80 32.53
CA PHE A 328 -23.46 17.89 33.64
C PHE A 328 -22.53 18.27 34.78
N ARG A 329 -23.04 18.22 36.00
CA ARG A 329 -22.19 18.34 37.17
C ARG A 329 -22.23 17.02 37.92
N ILE A 330 -21.08 16.36 38.02
CA ILE A 330 -20.96 15.07 38.68
C ILE A 330 -20.15 15.24 39.96
N GLU A 331 -20.71 14.81 41.09
CA GLU A 331 -20.07 15.01 42.39
C GLU A 331 -18.83 14.12 42.55
N GLY A 332 -17.83 14.62 43.30
CA GLY A 332 -16.60 13.88 43.56
C GLY A 332 -16.60 13.06 44.84
N VAL A 333 -15.60 12.19 44.95
CA VAL A 333 -15.48 11.28 46.10
C VAL A 333 -14.07 11.48 46.65
N MET A 334 -13.94 12.39 47.63
CA MET A 334 -12.73 12.48 48.46
C MET A 334 -13.11 12.50 49.93
N PHE A 335 -12.07 12.44 50.81
CA PHE A 335 -12.19 12.72 52.24
C PHE A 335 -12.17 14.21 52.51
N PRO A 336 -12.90 14.68 53.51
CA PRO A 336 -12.93 16.12 53.78
C PRO A 336 -11.59 16.62 54.31
N VAL A 337 -11.15 17.75 53.78
CA VAL A 337 -9.90 18.37 54.21
C VAL A 337 -10.24 19.75 54.76
N LYS A 338 -9.83 20.00 55.99
CA LYS A 338 -10.08 21.28 56.64
C LYS A 338 -9.03 22.30 56.22
N MET A 339 -9.47 23.51 55.87
CA MET A 339 -8.61 24.61 55.44
C MET A 339 -8.34 25.52 56.63
N LEU A 340 -7.08 25.68 56.99
CA LEU A 340 -6.68 26.68 57.97
C LEU A 340 -5.90 27.77 57.26
N TYR A 341 -6.03 29.01 57.72
CA TYR A 341 -5.34 30.16 57.15
C TYR A 341 -4.36 30.72 58.20
N LEU A 342 -3.62 31.78 57.84
CA LEU A 342 -2.46 32.22 58.62
C LEU A 342 -2.85 32.57 60.06
N GLU A 343 -4.04 33.15 60.27
CA GLU A 343 -4.49 33.41 61.63
C GLU A 343 -4.62 32.12 62.41
N ASP A 344 -5.23 31.09 61.81
CA ASP A 344 -5.41 29.80 62.48
C ASP A 344 -4.09 29.05 62.71
N VAL A 345 -3.10 29.17 61.81
CA VAL A 345 -1.84 28.43 62.00
C VAL A 345 -1.05 29.01 63.17
N LEU A 346 -0.87 30.34 63.20
CA LEU A 346 -0.16 30.95 64.31
C LEU A 346 -0.89 30.73 65.62
N SER A 347 -2.21 30.65 65.58
CA SER A 347 -3.00 30.35 66.77
C SER A 347 -2.60 29.01 67.38
N LYS A 348 -2.29 28.02 66.54
CA LYS A 348 -1.92 26.72 67.08
C LYS A 348 -0.44 26.64 67.46
N THR A 349 0.47 27.15 66.61
CA THR A 349 1.90 27.00 66.91
C THR A 349 2.50 28.18 67.67
N ASN A 350 1.90 29.37 67.60
CA ASN A 350 2.36 30.54 68.34
C ASN A 350 3.84 30.82 68.08
N TYR A 351 4.26 30.58 66.85
CA TYR A 351 5.64 30.83 66.49
C TYR A 351 5.96 32.32 66.63
N GLU A 352 7.20 32.62 66.98
CA GLU A 352 7.66 33.97 67.22
C GLU A 352 8.69 34.33 66.15
N PHE A 353 8.50 35.48 65.50
CA PHE A 353 9.43 35.90 64.47
C PHE A 353 10.43 36.87 65.09
N GLN A 354 11.72 36.61 64.90
CA GLN A 354 12.75 37.56 65.30
C GLN A 354 14.09 37.11 64.72
N LYS A 355 14.91 38.09 64.28
CA LYS A 355 16.23 37.82 63.68
C LYS A 355 17.20 39.01 63.79
N ARG A 369 6.64 47.19 49.32
CA ARG A 369 6.11 48.21 50.20
C ARG A 369 4.99 47.67 51.08
N MET A 370 4.65 48.49 52.06
CA MET A 370 3.51 48.39 52.96
C MET A 370 2.47 49.34 52.36
N LYS A 371 1.19 49.00 52.40
CA LYS A 371 0.47 48.12 51.46
C LYS A 371 0.58 46.63 51.71
N HIS A 372 1.39 46.23 52.68
CA HIS A 372 0.99 45.09 53.51
C HIS A 372 -0.16 45.52 54.39
N GLU A 373 -0.07 46.75 54.88
CA GLU A 373 -1.01 47.27 55.84
C GLU A 373 -2.33 47.67 55.19
N ALA A 374 -2.32 48.14 53.94
CA ALA A 374 -3.57 48.48 53.28
C ALA A 374 -4.51 47.29 53.24
N MET A 375 -3.94 46.10 53.09
CA MET A 375 -4.69 44.86 52.99
C MET A 375 -5.01 44.25 54.36
N ILE A 376 -4.07 44.31 55.30
CA ILE A 376 -4.16 43.45 56.47
C ILE A 376 -4.98 44.07 57.60
N GLU A 377 -4.85 45.38 57.86
CA GLU A 377 -5.60 46.01 58.95
C GLU A 377 -7.11 45.96 58.76
N PRO A 378 -7.68 46.34 57.58
CA PRO A 378 -9.13 46.19 57.41
C PRO A 378 -9.61 44.80 57.75
N TYR A 379 -8.78 43.80 57.45
CA TYR A 379 -9.12 42.42 57.80
C TYR A 379 -8.99 42.19 59.31
N LEU A 380 -7.84 42.55 59.90
CA LEU A 380 -7.65 42.39 61.34
C LEU A 380 -8.78 43.01 62.15
N ARG A 381 -9.43 44.05 61.62
CA ARG A 381 -10.56 44.64 62.33
C ARG A 381 -11.75 43.69 62.32
N ARG A 382 -12.05 43.08 61.17
CA ARG A 382 -13.20 42.21 61.08
C ARG A 382 -13.06 40.96 61.96
N ILE A 383 -11.86 40.61 62.43
CA ILE A 383 -11.68 39.39 63.21
C ILE A 383 -11.19 39.65 64.63
N ARG A 384 -11.28 40.91 65.11
CA ARG A 384 -10.74 41.26 66.43
C ARG A 384 -11.26 40.35 67.55
N ASN A 385 -12.54 39.95 67.49
CA ASN A 385 -13.18 39.12 68.52
C ASN A 385 -13.01 37.64 68.30
N SER A 386 -12.56 37.20 67.14
CA SER A 386 -12.40 35.78 66.85
C SER A 386 -10.98 35.26 67.11
N TYR A 387 -9.97 36.12 67.18
CA TYR A 387 -8.59 35.70 67.41
C TYR A 387 -7.94 36.58 68.47
N ASP A 388 -6.96 35.99 69.16
CA ASP A 388 -6.11 36.67 70.13
C ASP A 388 -5.46 37.91 69.52
N SER A 389 -5.14 38.88 70.37
CA SER A 389 -4.54 40.14 69.91
C SER A 389 -3.05 40.01 69.64
N ARG A 390 -2.35 39.06 70.29
CA ARG A 390 -0.94 38.83 70.00
C ARG A 390 -0.77 38.21 68.63
N VAL A 391 -1.69 37.32 68.25
CA VAL A 391 -1.68 36.70 66.93
C VAL A 391 -1.85 37.77 65.84
N LEU A 392 -2.92 38.57 65.93
CA LEU A 392 -3.17 39.57 64.89
C LEU A 392 -2.01 40.54 64.68
N ASP A 393 -1.13 40.72 65.68
CA ASP A 393 0.05 41.57 65.49
C ASP A 393 1.03 40.94 64.52
N LYS A 394 1.16 39.61 64.55
CA LYS A 394 2.09 38.97 63.63
C LYS A 394 1.63 39.11 62.18
N LEU A 395 0.31 39.07 61.93
CA LEU A 395 -0.21 39.30 60.59
C LEU A 395 0.17 40.68 60.05
N ARG A 396 0.51 41.61 60.94
CA ARG A 396 1.03 42.89 60.49
C ARG A 396 2.44 42.75 59.93
N LEU A 397 3.23 41.78 60.43
CA LEU A 397 4.55 41.52 59.86
C LEU A 397 4.46 41.10 58.40
N PRO A 398 5.12 41.80 57.47
CA PRO A 398 5.08 41.36 56.08
C PRO A 398 5.64 39.97 55.87
N GLU A 399 6.48 39.47 56.78
CA GLU A 399 7.11 38.19 56.51
C GLU A 399 6.34 37.01 57.08
N SER A 400 5.19 37.24 57.73
CA SER A 400 4.42 36.12 58.26
C SER A 400 3.77 35.30 57.14
N GLU A 401 3.41 35.93 56.02
CA GLU A 401 2.71 35.26 54.95
C GLU A 401 3.67 34.82 53.84
N GLY A 402 3.31 33.75 53.15
CA GLY A 402 4.18 33.25 52.10
C GLY A 402 5.24 32.34 52.71
N CYS A 403 6.46 32.37 52.18
CA CYS A 403 7.55 31.57 52.73
C CYS A 403 8.78 32.43 53.02
N GLU A 404 8.61 33.65 53.53
CA GLU A 404 9.80 34.47 53.78
C GLU A 404 10.61 33.91 54.94
N ASP A 405 9.96 33.48 56.03
CA ASP A 405 10.65 32.88 57.17
C ASP A 405 10.49 31.36 57.12
N ILE A 406 11.57 30.67 56.75
CA ILE A 406 11.52 29.21 56.61
C ILE A 406 11.42 28.51 57.96
N ASP A 407 12.03 29.09 59.01
CA ASP A 407 11.92 28.50 60.33
C ASP A 407 10.48 28.52 60.80
N PHE A 408 9.66 29.41 60.24
CA PHE A 408 8.23 29.35 60.48
C PHE A 408 7.63 28.06 59.93
N ILE A 409 7.95 27.72 58.68
CA ILE A 409 7.45 26.46 58.12
C ILE A 409 8.06 25.27 58.87
N ALA A 410 9.37 25.33 59.15
CA ALA A 410 9.98 24.27 59.94
C ALA A 410 9.25 24.06 61.27
N ASP A 411 8.87 25.15 61.94
CA ASP A 411 8.13 25.00 63.18
C ASP A 411 6.76 24.38 62.93
N LEU A 412 6.17 24.65 61.76
CA LEU A 412 4.86 24.06 61.44
C LEU A 412 4.96 22.56 61.16
N VAL A 413 6.10 22.08 60.64
CA VAL A 413 6.32 20.64 60.48
C VAL A 413 6.55 19.97 61.83
N TYR A 414 7.44 20.54 62.65
CA TYR A 414 7.68 19.98 63.96
C TYR A 414 6.38 19.88 64.75
N TYR A 415 5.50 20.87 64.59
CA TYR A 415 4.20 20.83 65.26
C TYR A 415 3.40 19.59 64.85
N ILE A 416 3.30 19.36 63.54
CA ILE A 416 2.46 18.25 63.06
C ILE A 416 3.04 16.92 63.50
N CYS A 417 4.38 16.81 63.58
CA CYS A 417 5.00 15.55 63.96
C CYS A 417 4.56 15.08 65.35
N GLU A 418 4.26 16.01 66.25
CA GLU A 418 3.85 15.67 67.62
C GLU A 418 2.34 15.40 67.74
N ASN A 419 1.52 16.37 67.36
CA ASN A 419 0.07 16.35 67.51
C ASN A 419 -0.50 15.74 66.22
N GLU A 420 -1.84 15.83 66.01
CA GLU A 420 -2.35 15.52 64.67
C GLU A 420 -1.87 14.16 64.15
N PRO A 421 -2.39 13.05 64.67
CA PRO A 421 -1.69 11.77 64.49
C PRO A 421 -1.65 11.25 63.06
N GLU A 422 -1.04 10.08 62.90
CA GLU A 422 -0.06 9.79 61.87
C GLU A 422 -0.54 10.13 60.45
N GLY A 423 0.41 10.58 59.64
CA GLY A 423 0.20 10.87 58.23
C GLY A 423 1.39 11.63 57.70
N ALA A 424 1.48 11.74 56.37
CA ALA A 424 2.65 12.37 55.75
C ALA A 424 2.41 13.86 55.51
N ILE A 425 3.50 14.66 55.53
CA ILE A 425 3.42 16.11 55.34
C ILE A 425 3.91 16.49 53.94
N LEU A 426 3.08 17.23 53.20
CA LEU A 426 3.40 17.70 51.84
C LEU A 426 3.58 19.21 51.85
N VAL A 427 4.81 19.66 51.59
CA VAL A 427 5.18 21.06 51.72
C VAL A 427 5.30 21.68 50.34
N PHE A 428 4.50 22.72 50.07
CA PHE A 428 4.54 23.40 48.79
C PHE A 428 5.41 24.66 48.92
N LEU A 429 6.54 24.65 48.26
CA LEU A 429 7.44 25.79 48.24
C LEU A 429 7.61 26.24 46.80
N PRO A 430 8.01 27.49 46.57
CA PRO A 430 7.96 27.99 45.19
C PRO A 430 8.99 27.33 44.32
N GLY A 431 10.22 27.19 44.83
CA GLY A 431 11.29 26.77 43.95
C GLY A 431 12.43 26.03 44.62
N TYR A 432 13.43 25.77 43.78
CA TYR A 432 14.63 25.01 44.17
C TYR A 432 15.29 25.63 45.36
N ASP A 433 15.39 26.96 45.36
CA ASP A 433 16.14 27.64 46.40
C ASP A 433 15.52 27.42 47.77
N LYS A 434 14.20 27.63 47.88
CA LYS A 434 13.53 27.52 49.17
C LYS A 434 13.37 26.07 49.61
N ILE A 435 13.26 25.13 48.67
CA ILE A 435 13.23 23.71 49.03
C ILE A 435 14.55 23.30 49.67
N SER A 436 15.67 23.80 49.13
CA SER A 436 16.95 23.54 49.76
C SER A 436 16.99 24.04 51.20
N GLN A 437 16.51 25.26 51.44
CA GLN A 437 16.57 25.84 52.77
C GLN A 437 15.84 24.99 53.81
N LEU A 438 14.58 24.61 53.50
CA LEU A 438 13.82 23.81 54.44
C LEU A 438 14.44 22.43 54.63
N TYR A 439 15.01 21.87 53.56
CA TYR A 439 15.62 20.56 53.66
C TYR A 439 16.81 20.58 54.61
N ASN A 440 17.69 21.58 54.46
CA ASN A 440 18.85 21.65 55.34
C ASN A 440 18.41 21.83 56.78
N ILE A 441 17.37 22.63 57.00
CA ILE A 441 16.87 22.81 58.37
C ILE A 441 16.33 21.51 58.94
N LEU A 442 15.56 20.74 58.15
CA LEU A 442 15.04 19.47 58.65
C LEU A 442 16.11 18.40 58.75
N ASP A 443 17.23 18.57 58.06
CA ASP A 443 18.33 17.62 58.15
C ASP A 443 19.43 18.08 59.09
N LYS A 444 19.65 19.38 59.20
CA LYS A 444 20.73 19.93 60.03
C LYS A 444 20.14 21.01 60.91
N PRO A 445 19.35 20.61 61.90
CA PRO A 445 18.64 21.61 62.71
C PRO A 445 19.61 22.29 63.67
N LYS A 446 19.39 23.59 63.88
CA LYS A 446 20.15 24.35 64.86
C LYS A 446 19.43 24.49 66.20
N THR A 447 18.12 24.25 66.22
CA THR A 447 17.30 24.34 67.43
C THR A 447 17.19 22.96 68.10
N SER A 448 16.86 22.98 69.39
CA SER A 448 16.65 21.74 70.13
C SER A 448 15.49 20.96 69.54
N LYS A 449 14.34 21.63 69.33
CA LYS A 449 13.17 20.98 68.75
C LYS A 449 13.47 20.27 67.43
N GLY A 450 14.36 20.83 66.62
CA GLY A 450 14.64 20.22 65.34
C GLY A 450 15.46 18.94 65.45
N GLN A 451 16.49 18.96 66.31
CA GLN A 451 17.34 17.77 66.52
C GLN A 451 16.54 16.63 67.13
N ARG A 452 15.59 16.96 68.00
CA ARG A 452 14.68 15.97 68.56
C ARG A 452 14.01 15.14 67.48
N TRP A 453 13.63 15.78 66.38
CA TRP A 453 12.80 15.18 65.33
C TRP A 453 13.58 14.66 64.14
N ARG A 454 14.84 15.07 63.99
CA ARG A 454 15.60 14.81 62.76
C ARG A 454 15.61 13.34 62.37
N ASP A 455 15.90 12.45 63.33
CA ASP A 455 15.98 11.04 62.97
C ASP A 455 14.61 10.39 62.85
N HIS A 456 13.52 11.14 63.05
CA HIS A 456 12.17 10.61 62.88
C HIS A 456 11.46 11.13 61.63
N MET A 457 12.15 11.86 60.77
CA MET A 457 11.55 12.24 59.50
C MET A 457 12.29 11.60 58.33
N ALA A 458 11.53 11.28 57.29
CA ALA A 458 12.07 10.81 56.04
C ALA A 458 11.72 11.91 55.04
N VAL A 459 12.68 12.74 54.70
CA VAL A 459 12.43 14.02 54.05
C VAL A 459 12.82 13.94 52.57
N PHE A 460 11.83 14.07 51.67
CA PHE A 460 12.06 13.97 50.23
C PHE A 460 11.86 15.30 49.53
N PRO A 461 12.89 15.84 48.85
CA PRO A 461 12.67 17.00 47.98
C PRO A 461 12.18 16.56 46.61
N LEU A 462 11.27 17.36 46.07
CA LEU A 462 10.52 16.98 44.88
C LEU A 462 10.57 18.15 43.90
N HIS A 463 11.30 17.97 42.81
CA HIS A 463 11.57 19.06 41.88
C HIS A 463 11.92 18.43 40.54
N SER A 464 11.50 19.09 39.47
CA SER A 464 11.62 18.49 38.15
C SER A 464 13.05 18.19 37.80
N LEU A 465 14.00 18.93 38.40
CA LEU A 465 15.43 18.73 38.22
C LEU A 465 16.04 17.77 39.23
N MET A 466 15.23 17.14 40.09
CA MET A 466 15.76 16.26 41.12
C MET A 466 15.30 14.83 40.87
N GLN A 467 16.16 13.90 41.27
CA GLN A 467 15.93 12.50 40.94
C GLN A 467 14.79 11.89 41.72
N SER A 468 14.39 12.49 42.85
CA SER A 468 13.45 11.84 43.76
C SER A 468 12.16 11.41 43.07
N GLY A 469 11.73 12.14 42.04
CA GLY A 469 10.53 11.76 41.33
C GLY A 469 10.66 10.48 40.51
N GLU A 470 11.88 10.16 40.08
CA GLU A 470 12.10 9.03 39.17
C GLU A 470 12.52 7.76 39.92
N GLN A 471 12.37 7.76 41.25
CA GLN A 471 12.63 6.64 42.14
C GLN A 471 11.37 6.29 42.91
N GLN A 472 11.30 5.05 43.39
CA GLN A 472 10.09 4.58 44.07
C GLN A 472 10.02 4.87 45.57
N ALA A 473 10.99 5.58 46.15
CA ALA A 473 11.02 5.76 47.62
C ALA A 473 9.93 6.71 48.09
N VAL A 474 9.86 7.92 47.50
CA VAL A 474 8.92 8.96 47.91
C VAL A 474 7.45 8.55 47.78
N PHE A 475 7.15 7.46 47.07
CA PHE A 475 5.77 7.06 46.90
C PHE A 475 5.31 6.00 47.89
N ARG A 476 6.26 5.31 48.55
CA ARG A 476 5.99 4.27 49.53
C ARG A 476 5.93 4.83 50.94
N ARG A 477 5.38 4.05 51.86
CA ARG A 477 5.22 4.48 53.24
C ARG A 477 6.58 4.51 53.98
N PRO A 478 6.72 5.41 54.95
CA PRO A 478 8.04 5.63 55.56
C PRO A 478 8.42 4.49 56.49
N PRO A 479 9.70 4.43 56.89
CA PRO A 479 10.11 3.43 57.88
C PRO A 479 9.33 3.60 59.18
N ALA A 480 9.30 2.52 59.96
CA ALA A 480 8.61 2.57 61.25
C ALA A 480 9.22 3.66 62.10
N GLY A 481 8.37 4.35 62.87
CA GLY A 481 8.80 5.45 63.72
C GLY A 481 9.21 6.72 62.98
N GLN A 482 9.09 6.75 61.66
CA GLN A 482 9.38 7.93 60.88
C GLN A 482 8.14 8.39 60.13
N ARG A 483 8.03 9.71 59.99
CA ARG A 483 7.00 10.35 59.21
C ARG A 483 7.58 10.90 57.91
N LYS A 484 6.87 10.69 56.81
CA LYS A 484 7.30 11.19 55.51
C LYS A 484 6.94 12.66 55.32
N VAL A 485 7.95 13.46 54.97
CA VAL A 485 7.80 14.89 54.72
C VAL A 485 8.29 15.19 53.33
N ILE A 486 7.40 15.68 52.48
CA ILE A 486 7.73 15.98 51.09
C ILE A 486 7.84 17.49 50.95
N ILE A 487 9.01 17.94 50.49
CA ILE A 487 9.31 19.35 50.23
C ILE A 487 9.28 19.54 48.72
N SER A 488 8.27 20.22 48.22
CA SER A 488 7.99 20.13 46.80
C SER A 488 7.68 21.50 46.19
N THR A 489 7.83 21.58 44.87
CA THR A 489 7.24 22.66 44.10
C THR A 489 5.84 22.27 43.68
N ILE A 490 5.26 23.10 42.80
CA ILE A 490 3.92 22.90 42.26
C ILE A 490 3.82 21.59 41.50
N ILE A 491 4.95 20.93 41.25
CA ILE A 491 4.97 19.64 40.56
C ILE A 491 4.04 18.62 41.23
N ALA A 492 3.94 18.66 42.56
CA ALA A 492 3.09 17.73 43.30
C ALA A 492 1.62 18.12 43.33
N GLU A 493 1.25 19.19 42.64
CA GLU A 493 -0.15 19.62 42.55
C GLU A 493 -0.95 18.75 41.61
N THR A 494 -0.50 18.58 40.39
CA THR A 494 -1.15 17.66 39.47
C THR A 494 -0.19 16.65 38.87
N SER A 495 1.05 17.04 38.59
CA SER A 495 1.95 16.15 37.85
C SER A 495 2.23 14.87 38.64
N VAL A 496 2.67 15.01 39.89
CA VAL A 496 3.11 13.90 40.71
C VAL A 496 2.13 13.70 41.85
N THR A 497 1.85 12.44 42.19
CA THR A 497 0.85 12.09 43.19
C THR A 497 1.45 11.17 44.24
N ILE A 498 1.38 11.59 45.50
CA ILE A 498 1.81 10.78 46.63
C ILE A 498 0.54 10.43 47.41
N ASP A 499 0.29 9.13 47.60
CA ASP A 499 -1.04 8.68 48.01
C ASP A 499 -1.26 8.76 49.52
N ASP A 500 -0.21 8.70 50.34
CA ASP A 500 -0.35 8.74 51.80
C ASP A 500 -0.22 10.14 52.38
N VAL A 501 -0.29 11.18 51.57
CA VAL A 501 -0.31 12.53 52.12
C VAL A 501 -1.59 12.74 52.93
N VAL A 502 -1.42 13.17 54.18
CA VAL A 502 -2.54 13.61 55.00
C VAL A 502 -2.50 15.09 55.30
N TYR A 503 -1.32 15.72 55.24
CA TYR A 503 -1.16 17.12 55.63
C TYR A 503 -0.46 17.87 54.51
N VAL A 504 -1.07 18.97 54.10
CA VAL A 504 -0.57 19.82 53.03
C VAL A 504 -0.29 21.18 53.64
N ILE A 505 0.97 21.62 53.58
CA ILE A 505 1.37 22.98 53.93
C ILE A 505 1.47 23.76 52.63
N ASN A 506 0.58 24.74 52.45
CA ASN A 506 0.48 25.53 51.22
C ASN A 506 1.07 26.92 51.47
N SER A 507 2.29 27.13 51.00
CA SER A 507 2.93 28.44 51.17
C SER A 507 2.24 29.54 50.37
N GLY A 508 1.48 29.22 49.33
CA GLY A 508 0.85 30.20 48.47
C GLY A 508 1.74 30.85 47.43
N ARG A 509 3.03 30.52 47.41
CA ARG A 509 3.97 31.12 46.47
C ARG A 509 4.50 30.09 45.48
N THR A 510 4.49 30.46 44.20
CA THR A 510 5.00 29.64 43.10
C THR A 510 5.82 30.59 42.22
N LYS A 511 6.47 30.05 41.20
CA LYS A 511 7.17 30.89 40.25
C LYS A 511 6.51 30.83 38.86
N ALA A 512 6.61 31.92 38.12
CA ALA A 512 6.05 31.98 36.78
C ALA A 512 6.98 32.76 35.87
N THR A 513 7.03 32.34 34.61
CA THR A 513 7.84 33.02 33.61
C THR A 513 6.89 33.94 32.85
N ASN A 514 7.27 35.22 32.73
CA ASN A 514 6.42 36.23 32.12
C ASN A 514 7.20 36.96 31.04
N TYR A 515 6.69 36.97 29.82
CA TYR A 515 7.29 37.75 28.76
C TYR A 515 6.61 39.11 28.63
N ASP A 516 7.41 40.14 28.68
CA ASP A 516 6.97 41.52 28.50
C ASP A 516 7.21 41.91 27.05
N ILE A 517 6.12 41.99 26.29
CA ILE A 517 6.21 42.21 24.85
C ILE A 517 6.91 43.54 24.53
N GLU A 518 6.79 44.53 25.42
CA GLU A 518 7.31 45.88 25.15
C GLU A 518 8.84 45.92 25.24
N THR A 519 9.44 45.20 26.20
CA THR A 519 10.89 45.23 26.43
C THR A 519 11.63 43.99 25.92
N ASN A 520 10.95 43.01 25.35
CA ASN A 520 11.58 41.76 24.89
C ASN A 520 12.42 41.08 25.98
N ILE A 521 11.91 41.11 27.21
CA ILE A 521 12.57 40.52 28.38
C ILE A 521 11.69 39.42 29.00
N GLN A 522 12.18 38.19 29.02
CA GLN A 522 11.55 37.13 29.79
C GLN A 522 12.12 37.09 31.21
N SER A 523 11.23 37.00 32.20
CA SER A 523 11.65 37.05 33.59
C SER A 523 11.03 35.90 34.36
N LEU A 524 11.73 35.50 35.42
CA LEU A 524 11.26 34.44 36.29
C LEU A 524 11.07 35.03 37.67
N ASP A 525 9.82 35.11 38.10
CA ASP A 525 9.46 35.85 39.30
C ASP A 525 8.72 34.94 40.26
N GLU A 526 8.86 35.23 41.55
CA GLU A 526 8.02 34.62 42.56
C GLU A 526 6.69 35.37 42.61
N VAL A 527 5.57 34.64 42.53
CA VAL A 527 4.24 35.22 42.45
C VAL A 527 3.30 34.46 43.37
N TRP A 528 2.14 35.07 43.63
CA TRP A 528 1.10 34.36 44.38
C TRP A 528 0.43 33.29 43.53
N VAL A 529 -0.03 32.25 44.19
CA VAL A 529 -0.87 31.24 43.55
C VAL A 529 -2.28 31.82 43.42
N THR A 530 -3.12 31.16 42.63
CA THR A 530 -4.50 31.57 42.41
C THR A 530 -5.47 30.75 43.26
N LYS A 531 -6.74 31.15 43.24
CA LYS A 531 -7.74 30.41 44.00
C LYS A 531 -7.83 28.95 43.55
N ALA A 532 -7.81 28.71 42.23
CA ALA A 532 -7.82 27.34 41.73
C ALA A 532 -6.68 26.49 42.30
N ASN A 533 -5.45 27.04 42.32
CA ASN A 533 -4.29 26.30 42.85
C ASN A 533 -4.52 25.84 44.28
N THR A 534 -4.82 26.80 45.17
CA THR A 534 -5.03 26.48 46.58
C THR A 534 -6.06 25.38 46.72
N GLN A 535 -7.13 25.45 45.92
CA GLN A 535 -8.12 24.38 45.88
C GLN A 535 -7.50 23.04 45.52
N GLN A 536 -6.55 23.04 44.57
CA GLN A 536 -5.98 21.78 44.10
C GLN A 536 -5.04 21.18 45.15
N ARG A 537 -4.30 22.03 45.85
CA ARG A 537 -3.40 21.57 46.91
C ARG A 537 -4.16 21.03 48.11
N ARG A 538 -5.36 21.55 48.37
CA ARG A 538 -6.22 21.03 49.42
C ARG A 538 -6.61 19.59 49.14
N GLY A 539 -7.05 19.33 47.91
CA GLY A 539 -7.51 17.99 47.56
C GLY A 539 -6.41 16.95 47.68
N ARG A 540 -5.16 17.39 47.55
CA ARG A 540 -4.04 16.49 47.69
C ARG A 540 -3.99 15.83 49.07
N ALA A 541 -4.70 16.35 50.08
CA ALA A 541 -4.73 15.77 51.42
C ALA A 541 -5.93 14.86 51.69
N GLY A 542 -6.85 14.74 50.74
CA GLY A 542 -8.06 13.98 50.94
C GLY A 542 -8.08 12.65 50.23
N ARG A 543 -6.93 12.00 50.07
CA ARG A 543 -6.88 10.71 49.37
C ARG A 543 -7.08 9.48 50.27
N VAL A 544 -6.33 9.38 51.36
CA VAL A 544 -6.37 8.19 52.22
C VAL A 544 -7.36 8.33 53.36
N ARG A 545 -7.26 9.43 54.10
CA ARG A 545 -8.11 9.74 55.23
C ARG A 545 -8.29 11.24 55.28
N PRO A 546 -9.30 11.73 55.99
CA PRO A 546 -9.49 13.19 56.09
C PRO A 546 -8.25 13.88 56.62
N GLY A 547 -7.84 14.92 55.92
CA GLY A 547 -6.61 15.60 56.27
C GLY A 547 -6.78 17.07 56.60
N ILE A 548 -5.66 17.78 56.62
CA ILE A 548 -5.63 19.20 56.96
C ILE A 548 -4.74 19.89 55.94
N CYS A 549 -5.13 21.08 55.54
CA CYS A 549 -4.31 21.90 54.66
C CYS A 549 -4.03 23.21 55.37
N TYR A 550 -2.75 23.52 55.59
CA TYR A 550 -2.31 24.75 56.25
C TYR A 550 -1.83 25.75 55.20
N ASN A 551 -2.56 26.85 55.04
CA ASN A 551 -2.25 27.87 54.04
C ASN A 551 -1.58 29.03 54.74
N LEU A 552 -0.31 29.28 54.41
CA LEU A 552 0.43 30.32 55.12
C LEU A 552 0.15 31.71 54.57
N PHE A 553 -1.13 32.08 54.46
CA PHE A 553 -1.54 33.43 54.10
C PHE A 553 -2.91 33.70 54.71
N SER A 554 -3.22 34.98 54.91
CA SER A 554 -4.48 35.39 55.52
C SER A 554 -5.63 35.33 54.50
N ARG A 555 -6.85 35.30 55.02
CA ARG A 555 -8.01 35.37 54.13
C ARG A 555 -8.09 36.70 53.41
N ALA A 556 -7.49 37.75 53.97
CA ALA A 556 -7.40 39.02 53.26
C ALA A 556 -6.54 38.89 52.01
N ARG A 557 -5.59 37.94 52.04
CA ARG A 557 -4.81 37.63 50.84
C ARG A 557 -5.64 36.87 49.80
N GLU A 558 -6.29 35.78 50.19
CA GLU A 558 -7.08 34.98 49.23
C GLU A 558 -8.05 35.83 48.43
N ASP A 559 -8.74 36.76 49.09
CA ASP A 559 -9.69 37.59 48.38
C ASP A 559 -9.00 38.41 47.30
N ARG A 560 -7.72 38.70 47.47
CA ARG A 560 -6.95 39.48 46.52
C ARG A 560 -6.23 38.60 45.49
N MET A 561 -6.25 37.27 45.65
CA MET A 561 -5.69 36.33 44.68
C MET A 561 -6.65 36.14 43.51
N ASP A 562 -6.06 35.84 42.34
CA ASP A 562 -6.81 35.63 41.11
C ASP A 562 -7.65 34.36 41.19
N ASP A 563 -8.64 34.26 40.28
CA ASP A 563 -9.39 33.02 40.14
C ASP A 563 -8.53 31.88 39.61
N ILE A 564 -7.90 32.06 38.46
CA ILE A 564 -7.13 31.00 37.83
C ILE A 564 -5.79 31.58 37.41
N PRO A 565 -4.81 30.76 37.03
CA PRO A 565 -3.59 31.28 36.42
C PRO A 565 -3.87 31.89 35.07
N THR A 566 -2.99 32.78 34.64
CA THR A 566 -3.12 33.29 33.28
C THR A 566 -3.14 32.12 32.29
N PRO A 567 -4.14 32.06 31.40
CA PRO A 567 -4.08 31.06 30.31
C PRO A 567 -2.70 31.09 29.68
N GLU A 568 -2.07 29.92 29.56
CA GLU A 568 -0.66 29.98 29.17
C GLU A 568 -0.48 30.45 27.72
N ILE A 569 -1.51 30.33 26.89
CA ILE A 569 -1.35 30.77 25.50
C ILE A 569 -0.99 32.26 25.42
N LEU A 570 -1.36 33.04 26.44
CA LEU A 570 -0.96 34.43 26.36
C LEU A 570 0.51 34.63 26.70
N ARG A 571 1.18 33.61 27.24
CA ARG A 571 2.62 33.70 27.51
C ARG A 571 3.51 33.03 26.46
N SER A 572 2.95 32.31 25.49
CA SER A 572 3.74 31.44 24.63
C SER A 572 4.11 32.08 23.31
N LYS A 573 5.30 31.73 22.82
CA LYS A 573 5.72 32.12 21.48
C LYS A 573 4.81 31.48 20.45
N LEU A 574 4.43 32.26 19.43
CA LEU A 574 3.38 31.91 18.49
C LEU A 574 3.91 31.43 17.14
N GLU A 575 5.23 31.40 16.95
CA GLU A 575 5.74 31.00 15.64
C GLU A 575 5.22 29.63 15.30
N SER A 576 5.26 28.71 16.27
CA SER A 576 4.90 27.34 15.93
C SER A 576 3.44 27.25 15.50
N ILE A 577 2.56 27.89 16.26
CA ILE A 577 1.14 27.79 15.94
C ILE A 577 0.86 28.45 14.61
N ILE A 578 1.35 29.70 14.44
CA ILE A 578 1.07 30.47 13.22
C ILE A 578 1.48 29.67 12.00
N LEU A 579 2.62 28.96 12.09
CA LEU A 579 3.05 28.11 10.99
C LEU A 579 2.17 26.87 10.86
N SER A 580 1.92 26.16 11.98
CA SER A 580 1.09 24.96 11.92
C SER A 580 -0.34 25.23 11.41
N LEU A 581 -0.91 26.40 11.73
CA LEU A 581 -2.22 26.78 11.21
C LEU A 581 -2.26 26.76 9.68
N LYS A 582 -1.13 27.10 9.00
CA LYS A 582 -1.11 27.18 7.53
C LYS A 582 -1.37 25.83 6.90
N LEU A 583 -0.97 24.75 7.59
CA LEU A 583 -1.21 23.39 7.13
C LEU A 583 -2.67 23.01 7.25
N LEU A 584 -3.46 23.77 8.00
CA LEU A 584 -4.88 23.54 8.10
C LEU A 584 -5.65 24.52 7.26
N HIS A 585 -4.96 25.27 6.42
CA HIS A 585 -5.56 26.27 5.56
C HIS A 585 -6.28 27.33 6.38
N ILE A 586 -5.78 27.57 7.58
CA ILE A 586 -6.18 28.72 8.38
C ILE A 586 -5.08 29.74 8.16
N ASP A 587 -5.28 30.58 7.15
CA ASP A 587 -4.21 31.42 6.63
C ASP A 587 -4.09 32.78 7.31
N ASP A 588 -5.03 33.16 8.14
CA ASP A 588 -4.97 34.45 8.84
C ASP A 588 -4.85 34.24 10.34
N PRO A 589 -3.64 34.28 10.88
CA PRO A 589 -3.50 33.98 12.31
C PRO A 589 -4.10 35.04 13.20
N TYR A 590 -4.04 36.31 12.80
CA TYR A 590 -4.72 37.36 13.56
C TYR A 590 -6.23 37.08 13.65
N ARG A 591 -6.88 36.75 12.52
CA ARG A 591 -8.31 36.52 12.56
C ARG A 591 -8.68 35.26 13.35
N PHE A 592 -7.94 34.17 13.14
CA PHE A 592 -8.28 32.94 13.85
C PHE A 592 -7.98 33.03 15.34
N LEU A 593 -6.78 33.50 15.70
CA LEU A 593 -6.42 33.48 17.11
C LEU A 593 -7.29 34.37 17.95
N GLN A 594 -7.96 35.36 17.34
CA GLN A 594 -8.87 36.21 18.08
C GLN A 594 -10.09 35.43 18.56
N THR A 595 -10.39 34.30 17.94
CA THR A 595 -11.56 33.52 18.28
C THR A 595 -11.29 32.48 19.35
N LEU A 596 -10.14 32.55 20.00
CA LEU A 596 -9.88 31.68 21.14
C LEU A 596 -10.55 32.22 22.42
N ILE A 597 -10.65 31.33 23.42
CA ILE A 597 -11.28 31.70 24.70
C ILE A 597 -10.67 32.98 25.24
N ASN A 598 -9.35 33.01 25.34
CA ASN A 598 -8.59 34.22 25.62
C ASN A 598 -7.71 34.44 24.42
N ALA A 599 -7.94 35.54 23.71
CA ALA A 599 -7.21 35.86 22.50
C ALA A 599 -5.82 36.38 22.87
N PRO A 600 -4.76 35.89 22.21
CA PRO A 600 -3.41 36.38 22.52
C PRO A 600 -3.24 37.79 22.00
N ASN A 601 -2.24 38.48 22.54
CA ASN A 601 -2.01 39.87 22.18
C ASN A 601 -1.72 39.94 20.69
N PRO A 602 -2.49 40.68 19.90
CA PRO A 602 -2.17 40.78 18.47
C PRO A 602 -0.76 41.26 18.20
N GLU A 603 -0.18 42.07 19.09
CA GLU A 603 1.21 42.49 18.94
C GLU A 603 2.15 41.29 19.05
N ALA A 604 1.80 40.29 19.88
CA ALA A 604 2.58 39.05 19.95
C ALA A 604 2.40 38.17 18.70
N ILE A 605 1.23 38.22 18.05
CA ILE A 605 1.03 37.54 16.78
C ILE A 605 1.95 38.11 15.70
N LYS A 606 1.97 39.44 15.56
CA LYS A 606 2.83 40.10 14.57
C LYS A 606 4.30 39.74 14.80
N MET A 607 4.72 39.73 16.07
CA MET A 607 6.10 39.40 16.38
C MET A 607 6.44 37.99 15.88
N GLY A 608 5.49 37.06 16.00
CA GLY A 608 5.70 35.73 15.47
C GLY A 608 5.82 35.69 13.96
N VAL A 609 4.96 36.45 13.25
CA VAL A 609 5.05 36.44 11.79
C VAL A 609 6.39 36.98 11.31
N GLU A 610 6.95 37.97 11.99
CA GLU A 610 8.24 38.50 11.54
C GLU A 610 9.33 37.45 11.73
N LEU A 611 9.39 36.78 12.88
CA LEU A 611 10.31 35.65 13.02
C LEU A 611 10.19 34.67 11.88
N LEU A 612 8.95 34.31 11.50
CA LEU A 612 8.77 33.36 10.41
C LEU A 612 9.21 33.94 9.07
N LYS A 613 8.96 35.24 8.83
CA LYS A 613 9.48 35.88 7.63
C LYS A 613 11.00 36.03 7.70
N ARG A 614 11.56 36.18 8.88
CA ARG A 614 13.00 36.37 8.98
C ARG A 614 13.76 35.10 8.64
N ILE A 615 13.26 33.93 9.07
CA ILE A 615 13.90 32.65 8.72
C ILE A 615 13.44 32.15 7.36
N GLU A 616 12.63 32.95 6.66
CA GLU A 616 12.16 32.72 5.29
C GLU A 616 11.23 31.48 5.18
N ALA A 617 10.41 31.22 6.21
CA ALA A 617 9.30 30.25 6.16
C ALA A 617 8.00 30.86 5.64
N LEU A 618 7.85 32.16 5.78
CA LEU A 618 6.83 32.94 5.12
C LEU A 618 7.53 34.00 4.27
N ASP A 619 6.94 34.34 3.14
CA ASP A 619 7.46 35.42 2.32
C ASP A 619 6.89 36.76 2.80
N GLN A 620 7.26 37.86 2.13
CA GLN A 620 6.87 39.17 2.66
C GLN A 620 5.35 39.35 2.65
N THR A 621 4.63 38.71 1.70
CA THR A 621 3.17 38.70 1.64
C THR A 621 2.50 37.80 2.68
N GLY A 622 3.26 37.11 3.53
CA GLY A 622 2.76 36.19 4.53
C GLY A 622 2.41 34.79 4.07
N THR A 623 2.70 34.43 2.82
CA THR A 623 2.35 33.13 2.30
C THR A 623 3.40 32.09 2.72
N LEU A 624 2.96 30.86 2.90
CA LEU A 624 3.87 29.78 3.25
C LEU A 624 4.92 29.65 2.15
N THR A 625 6.17 29.42 2.54
CA THR A 625 7.19 29.14 1.54
C THR A 625 7.51 27.65 1.50
N PRO A 626 8.17 27.16 0.45
CA PRO A 626 8.52 25.71 0.43
C PRO A 626 9.26 25.26 1.66
N LEU A 627 10.27 26.01 2.09
CA LEU A 627 10.91 25.70 3.35
C LEU A 627 9.91 25.73 4.51
N GLY A 628 9.00 26.73 4.51
CA GLY A 628 8.04 26.87 5.60
C GLY A 628 7.14 25.66 5.76
N MET A 629 6.67 25.06 4.65
CA MET A 629 5.86 23.86 4.72
C MET A 629 6.63 22.70 5.37
N HIS A 630 7.90 22.53 4.99
CA HIS A 630 8.75 21.54 5.66
C HIS A 630 8.81 21.79 7.16
N LEU A 631 9.15 23.01 7.58
CA LEU A 631 9.21 23.30 9.01
C LEU A 631 7.89 23.01 9.73
N ALA A 632 6.77 23.30 9.08
CA ALA A 632 5.50 23.17 9.79
C ALA A 632 5.20 21.73 10.15
N LYS A 633 5.72 20.79 9.34
CA LYS A 633 5.44 19.37 9.51
C LYS A 633 6.27 18.75 10.62
N LEU A 634 7.18 19.50 11.23
CA LEU A 634 8.18 18.89 12.13
C LEU A 634 7.83 19.18 13.58
N PRO A 635 7.88 18.17 14.43
CA PRO A 635 7.42 18.34 15.82
C PRO A 635 8.40 19.14 16.65
N ILE A 636 8.77 20.31 16.15
CA ILE A 636 9.78 21.13 16.81
C ILE A 636 9.58 22.53 16.26
N ASP A 637 9.96 23.51 17.06
CA ASP A 637 9.92 24.94 16.73
C ASP A 637 10.64 25.23 15.40
N PRO A 638 10.14 26.19 14.61
CA PRO A 638 10.66 26.32 13.23
C PRO A 638 12.14 26.68 13.17
N GLN A 639 12.68 27.39 14.18
CA GLN A 639 14.11 27.69 14.20
C GLN A 639 14.92 26.40 14.31
N MET A 640 14.69 25.62 15.36
CA MET A 640 15.42 24.39 15.52
C MET A 640 15.09 23.40 14.42
N GLY A 641 13.88 23.45 13.86
CA GLY A 641 13.60 22.66 12.67
C GLY A 641 14.53 23.04 11.52
N LYS A 642 14.70 24.34 11.29
CA LYS A 642 15.64 24.77 10.24
C LYS A 642 17.05 24.25 10.52
N MET A 643 17.48 24.37 11.77
CA MET A 643 18.81 23.89 12.17
C MET A 643 18.99 22.41 11.85
N ILE A 644 18.00 21.62 12.22
CA ILE A 644 18.06 20.20 11.87
C ILE A 644 18.16 20.06 10.37
N LEU A 645 17.37 20.84 9.62
CA LEU A 645 17.41 20.72 8.16
C LEU A 645 18.81 21.06 7.63
N MET A 646 19.39 22.17 8.10
CA MET A 646 20.73 22.50 7.69
C MET A 646 21.70 21.37 8.03
N SER A 647 21.50 20.69 9.15
CA SER A 647 22.48 19.67 9.51
C SER A 647 22.43 18.49 8.56
N ALA A 648 21.28 18.27 7.93
CA ALA A 648 21.17 17.23 6.93
C ALA A 648 21.92 17.61 5.66
N LEU A 649 21.78 18.86 5.22
CA LEU A 649 22.53 19.35 4.07
C LEU A 649 24.02 19.51 4.33
N PHE A 650 24.48 19.64 5.58
CA PHE A 650 25.89 19.89 5.88
C PHE A 650 26.60 18.75 6.59
N CYS A 651 25.99 17.56 6.62
CA CYS A 651 26.63 16.33 7.11
C CYS A 651 27.08 16.41 8.57
N CYS A 652 26.25 17.03 9.43
CA CYS A 652 26.47 16.92 10.87
C CYS A 652 25.15 16.55 11.58
N LEU A 653 24.43 15.55 11.04
CA LEU A 653 23.10 15.25 11.53
C LEU A 653 23.10 14.92 13.03
N ASP A 654 24.07 14.11 13.49
CA ASP A 654 23.98 13.57 14.84
C ASP A 654 24.15 14.63 15.91
N PRO A 655 25.22 15.41 15.94
CA PRO A 655 25.31 16.43 17.00
C PRO A 655 24.18 17.43 16.94
N ILE A 656 23.85 17.93 15.76
CA ILE A 656 22.85 18.99 15.67
C ILE A 656 21.50 18.52 16.22
N THR A 657 21.04 17.29 15.86
CA THR A 657 19.76 16.80 16.41
C THR A 657 19.84 16.53 17.91
N SER A 658 21.01 16.30 18.48
CA SER A 658 21.15 16.36 19.93
C SER A 658 20.86 17.78 20.45
N ALA A 659 21.46 18.79 19.84
CA ALA A 659 21.18 20.15 20.28
C ALA A 659 19.69 20.50 20.14
N ALA A 660 19.10 20.22 18.98
CA ALA A 660 17.67 20.48 18.78
C ALA A 660 16.82 19.70 19.77
N ALA A 661 17.09 18.39 19.94
CA ALA A 661 16.23 17.61 20.81
C ALA A 661 16.33 18.09 22.24
N ALA A 662 17.53 18.43 22.68
CA ALA A 662 17.70 18.84 24.07
C ALA A 662 17.06 20.21 24.32
N LEU A 663 17.22 21.15 23.37
CA LEU A 663 16.65 22.49 23.54
C LEU A 663 15.14 22.46 23.56
N SER A 664 14.54 21.61 22.73
CA SER A 664 13.11 21.43 22.77
C SER A 664 12.68 20.73 24.06
N PHE A 665 13.32 19.61 24.42
CA PHE A 665 12.65 18.92 25.53
C PHE A 665 13.14 19.23 26.95
N LYS A 666 14.39 18.94 27.28
CA LYS A 666 15.03 19.41 28.51
C LYS A 666 16.46 18.87 28.49
N SER A 667 17.24 19.31 29.47
CA SER A 667 18.55 18.71 29.63
C SER A 667 18.43 17.36 30.33
N PRO A 668 19.35 16.44 30.04
CA PRO A 668 19.38 15.17 30.78
C PRO A 668 19.93 15.29 32.19
N PHE A 669 20.42 16.47 32.58
CA PHE A 669 21.15 16.60 33.84
C PHE A 669 20.25 16.93 35.03
N TYR A 670 20.41 16.13 36.08
CA TYR A 670 19.83 16.42 37.39
C TYR A 670 20.55 17.58 38.06
N SER A 671 19.99 18.02 39.17
CA SER A 671 20.57 19.07 40.00
C SER A 671 20.31 18.68 41.44
N PRO A 672 21.06 17.70 41.95
CA PRO A 672 20.77 17.20 43.29
C PRO A 672 21.20 18.17 44.38
N LEU A 673 20.47 18.14 45.50
CA LEU A 673 20.74 19.03 46.63
C LEU A 673 22.18 18.92 47.13
N GLY A 674 22.78 20.07 47.41
CA GLY A 674 24.12 20.12 47.95
C GLY A 674 25.21 19.99 46.92
N LYS A 675 24.91 19.29 45.83
CA LYS A 675 25.90 18.91 44.83
C LYS A 675 26.21 19.97 43.77
N GLU A 676 25.79 21.24 43.95
CA GLU A 676 25.87 22.20 42.84
C GLU A 676 27.30 22.45 42.39
N SER A 677 28.28 22.29 43.28
CA SER A 677 29.66 22.38 42.83
C SER A 677 30.03 21.17 41.99
N ARG A 678 29.65 19.96 42.41
CA ARG A 678 29.95 18.75 41.65
C ARG A 678 29.20 18.73 40.31
N VAL A 679 28.05 19.39 40.24
CA VAL A 679 27.34 19.45 38.97
C VAL A 679 28.15 20.27 37.99
N ASP A 680 28.65 21.44 38.44
CA ASP A 680 29.48 22.29 37.60
C ASP A 680 30.67 21.52 37.05
N GLU A 681 31.28 20.66 37.89
CA GLU A 681 32.43 19.87 37.45
C GLU A 681 32.03 18.81 36.44
N ILE A 682 30.84 18.21 36.56
CA ILE A 682 30.47 17.20 35.59
C ILE A 682 30.25 17.84 34.22
N LYS A 683 29.60 19.01 34.20
CA LYS A 683 29.37 19.71 32.94
C LYS A 683 30.67 20.27 32.34
N ARG A 684 31.59 20.80 33.16
CA ARG A 684 32.88 21.22 32.61
C ARG A 684 33.51 20.06 31.83
N ARG A 685 33.44 18.84 32.37
CA ARG A 685 34.13 17.70 31.76
C ARG A 685 33.42 17.23 30.50
N MET A 686 32.09 17.20 30.54
CA MET A 686 31.32 16.82 29.36
C MET A 686 31.43 17.85 28.23
N ALA A 687 31.59 19.13 28.54
CA ALA A 687 31.68 20.10 27.47
C ALA A 687 32.95 19.94 26.67
N ARG A 688 33.97 19.31 27.26
CA ARG A 688 35.24 19.09 26.56
C ARG A 688 35.83 20.42 26.08
N ASN A 689 35.77 21.43 26.92
CA ASN A 689 36.39 22.70 26.61
C ASN A 689 35.88 23.28 25.28
N MET A 690 34.73 22.83 24.80
CA MET A 690 34.18 23.31 23.55
C MET A 690 33.38 24.60 23.69
N ARG A 691 33.11 25.05 24.93
CA ARG A 691 32.45 26.33 25.26
C ARG A 691 31.08 26.46 24.61
N SER A 692 30.35 25.37 24.56
CA SER A 692 29.01 25.37 23.99
C SER A 692 28.15 24.46 24.82
N ASP A 693 27.08 25.01 25.39
CA ASP A 693 26.18 24.17 26.18
C ASP A 693 25.58 23.07 25.34
N HIS A 694 25.32 23.34 24.06
CA HIS A 694 24.62 22.37 23.22
C HIS A 694 25.52 21.22 22.79
N LEU A 695 26.75 21.53 22.35
CA LEU A 695 27.67 20.44 22.08
C LEU A 695 27.91 19.61 23.34
N MET A 696 27.80 20.23 24.51
CA MET A 696 27.99 19.51 25.76
C MET A 696 26.97 18.37 25.92
N VAL A 697 25.70 18.64 25.62
CA VAL A 697 24.71 17.57 25.70
C VAL A 697 25.01 16.49 24.66
N HIS A 698 25.44 16.89 23.46
CA HIS A 698 25.72 15.85 22.47
C HIS A 698 26.89 14.97 22.91
N ASN A 699 27.95 15.58 23.47
CA ASN A 699 29.02 14.82 24.10
C ASN A 699 28.50 13.88 25.18
N THR A 700 27.51 14.33 25.95
CA THR A 700 26.92 13.45 26.95
C THR A 700 26.27 12.24 26.30
N ILE A 701 25.51 12.46 25.22
CA ILE A 701 24.81 11.37 24.57
C ILE A 701 25.79 10.38 23.93
N ILE A 702 26.86 10.90 23.31
CA ILE A 702 27.96 10.06 22.83
C ILE A 702 28.55 9.24 23.98
N ALA A 703 28.68 9.85 25.16
CA ALA A 703 29.12 9.12 26.33
C ALA A 703 28.06 8.09 26.77
N TYR A 704 26.78 8.49 26.80
CA TYR A 704 25.74 7.55 27.19
C TYR A 704 25.73 6.31 26.29
N ARG A 705 25.86 6.51 24.96
CA ARG A 705 25.81 5.37 24.05
C ARG A 705 26.95 4.42 24.34
N ASP A 706 28.14 4.96 24.60
CA ASP A 706 29.32 4.17 24.92
C ASP A 706 29.10 3.35 26.20
N SER A 707 28.46 3.96 27.20
CA SER A 707 28.14 3.24 28.44
C SER A 707 27.11 2.14 28.21
N ARG A 708 26.24 2.27 27.21
CA ARG A 708 25.38 1.13 26.88
C ARG A 708 26.16 0.05 26.17
N TYR A 709 27.19 0.43 25.43
CA TYR A 709 28.04 -0.55 24.79
C TYR A 709 28.86 -1.34 25.80
N SER A 710 29.20 -0.76 26.95
CA SER A 710 30.06 -1.38 27.95
C SER A 710 29.32 -1.95 29.17
N HIS A 711 27.98 -2.02 29.13
CA HIS A 711 27.15 -2.46 30.25
C HIS A 711 27.37 -1.65 31.54
N ALA A 712 28.00 -0.48 31.46
CA ALA A 712 28.11 0.44 32.58
C ALA A 712 26.99 1.48 32.61
N GLU A 713 25.84 1.20 31.97
CA GLU A 713 24.80 2.23 31.85
C GLU A 713 24.47 2.86 33.19
N ARG A 714 24.11 2.04 34.18
CA ARG A 714 23.78 2.59 35.50
C ARG A 714 24.98 3.33 36.12
N ASP A 715 26.15 2.67 36.15
CA ASP A 715 27.33 3.28 36.76
C ASP A 715 27.58 4.67 36.17
N PHE A 716 27.57 4.77 34.85
CA PHE A 716 27.79 6.03 34.17
C PHE A 716 26.79 7.10 34.61
N CYS A 717 25.50 6.74 34.71
CA CYS A 717 24.48 7.73 35.11
C CYS A 717 24.59 8.15 36.56
N TYR A 718 24.88 7.19 37.44
CA TYR A 718 25.15 7.54 38.83
C TYR A 718 26.28 8.56 38.91
N LYS A 719 27.36 8.32 38.19
CA LYS A 719 28.57 9.16 38.30
C LYS A 719 28.34 10.57 37.78
N ASN A 720 27.53 10.74 36.74
CA ASN A 720 27.39 12.04 36.09
C ASN A 720 26.03 12.71 36.30
N PHE A 721 25.23 12.24 37.26
CA PHE A 721 23.93 12.83 37.57
C PHE A 721 23.02 12.92 36.35
N LEU A 722 22.88 11.80 35.67
CA LEU A 722 22.13 11.73 34.43
C LEU A 722 20.86 10.92 34.62
N SER A 723 19.79 11.39 33.98
CA SER A 723 18.53 10.68 33.96
C SER A 723 18.58 9.80 32.73
N SER A 724 18.64 8.47 32.93
CA SER A 724 18.56 7.55 31.80
C SER A 724 17.23 7.71 31.06
N MET A 725 16.16 8.02 31.79
CA MET A 725 14.87 8.25 31.14
C MET A 725 14.95 9.45 30.19
N THR A 726 15.45 10.61 30.67
CA THR A 726 15.62 11.77 29.81
C THR A 726 16.46 11.41 28.58
N LEU A 727 17.60 10.75 28.80
CA LEU A 727 18.50 10.44 27.68
C LEU A 727 17.84 9.53 26.64
N GLN A 728 17.19 8.45 27.10
CA GLN A 728 16.58 7.51 26.16
C GLN A 728 15.55 8.20 25.28
N GLN A 729 14.78 9.12 25.88
CA GLN A 729 13.78 9.91 25.16
C GLN A 729 14.43 10.96 24.25
N LEU A 730 15.57 11.55 24.66
CA LEU A 730 16.33 12.34 23.71
C LEU A 730 16.81 11.48 22.54
N GLU A 731 17.27 10.26 22.82
CA GLU A 731 17.64 9.38 21.72
C GLU A 731 16.46 9.12 20.79
N ARG A 732 15.28 8.85 21.36
CA ARG A 732 14.10 8.59 20.54
C ARG A 732 13.74 9.79 19.67
N MET A 733 13.91 11.02 20.19
CA MET A 733 13.62 12.24 19.40
C MET A 733 14.60 12.43 18.25
N LYS A 734 15.87 12.16 18.49
CA LYS A 734 16.84 12.25 17.41
C LYS A 734 16.41 11.37 16.24
N ASN A 735 15.90 10.16 16.52
CA ASN A 735 15.50 9.27 15.43
C ASN A 735 14.22 9.76 14.75
N GLN A 736 13.29 10.31 15.54
CA GLN A 736 12.08 10.85 14.93
C GLN A 736 12.44 11.95 13.95
N PHE A 737 13.39 12.80 14.31
CA PHE A 737 13.88 13.81 13.37
C PHE A 737 14.56 13.15 12.17
N SER A 738 15.37 12.11 12.40
CA SER A 738 16.09 11.47 11.31
C SER A 738 15.13 10.82 10.33
N GLU A 739 14.11 10.10 10.85
CA GLU A 739 13.18 9.43 9.97
C GLU A 739 12.37 10.45 9.17
N LEU A 740 11.93 11.52 9.82
CA LEU A 740 11.20 12.56 9.11
C LEU A 740 12.06 13.15 8.01
N LEU A 741 13.28 13.53 8.35
CA LEU A 741 14.18 14.04 7.33
C LEU A 741 14.41 13.00 6.23
N TYR A 742 14.51 11.72 6.61
CA TYR A 742 14.59 10.68 5.60
C TYR A 742 13.35 10.64 4.72
N ASN A 743 12.16 10.62 5.33
CA ASN A 743 10.93 10.53 4.54
C ASN A 743 10.76 11.75 3.65
N TYR A 744 11.25 12.91 4.08
CA TYR A 744 11.11 14.12 3.28
C TYR A 744 12.17 14.24 2.18
N LYS A 745 13.01 13.21 2.03
CA LYS A 745 14.06 13.11 1.01
C LYS A 745 15.24 14.04 1.28
N PHE A 746 15.55 14.36 2.54
CA PHE A 746 16.77 15.12 2.84
C PHE A 746 17.95 14.27 3.28
N LEU A 747 17.72 13.04 3.67
CA LEU A 747 18.79 12.17 4.09
C LEU A 747 18.71 10.88 3.29
N ALA A 748 19.88 10.27 3.07
CA ALA A 748 19.86 8.99 2.38
C ALA A 748 19.41 7.86 3.30
N SER A 749 19.59 8.02 4.61
CA SER A 749 19.32 6.98 5.60
C SER A 749 18.51 7.56 6.75
N SER A 750 17.59 6.76 7.32
CA SER A 750 16.80 7.23 8.46
C SER A 750 17.55 7.19 9.79
N ASN A 751 18.81 6.76 9.82
CA ASN A 751 19.58 6.66 11.06
C ASN A 751 20.32 7.97 11.33
N CYS A 752 20.17 8.50 12.55
CA CYS A 752 20.88 9.74 12.83
C CYS A 752 22.38 9.53 13.04
N LYS A 753 22.83 8.28 13.08
CA LYS A 753 24.25 8.01 13.23
C LYS A 753 24.92 7.64 11.90
N ASP A 754 24.15 7.43 10.82
CA ASP A 754 24.74 6.93 9.57
C ASP A 754 25.94 7.76 9.15
N ALA A 755 26.93 7.06 8.60
CA ALA A 755 28.21 7.68 8.27
C ALA A 755 28.03 8.78 7.23
N ALA A 756 27.11 8.59 6.28
CA ALA A 756 26.96 9.56 5.22
C ALA A 756 26.41 10.87 5.75
N SER A 757 25.44 10.79 6.65
CA SER A 757 24.86 11.99 7.24
C SER A 757 25.83 12.71 8.15
N ASN A 758 27.05 12.19 8.37
CA ASN A 758 27.88 12.66 9.47
C ASN A 758 29.35 12.86 9.16
N LYS A 759 29.72 13.05 7.90
CA LYS A 759 31.13 13.23 7.59
C LYS A 759 31.72 14.48 8.28
N ASN A 760 30.91 15.51 8.50
CA ASN A 760 31.42 16.72 9.14
C ASN A 760 31.19 16.76 10.64
N SER A 761 30.67 15.69 11.23
CA SER A 761 30.24 15.75 12.63
C SER A 761 31.38 15.97 13.61
N GLU A 762 32.63 15.86 13.16
CA GLU A 762 33.77 16.10 14.04
C GLU A 762 34.38 17.47 13.81
N LYS A 763 33.92 18.19 12.80
CA LYS A 763 34.44 19.51 12.43
C LYS A 763 33.78 20.56 13.31
N ILE A 764 34.41 20.83 14.46
CA ILE A 764 33.74 21.68 15.47
C ILE A 764 33.42 23.08 14.99
N PRO A 765 34.27 23.76 14.23
CA PRO A 765 33.84 25.06 13.69
C PRO A 765 32.58 24.96 12.83
N LEU A 766 32.40 23.86 12.12
CA LEU A 766 31.22 23.70 11.27
C LEU A 766 29.95 23.57 12.10
N LEU A 767 29.98 22.75 13.16
CA LEU A 767 28.83 22.61 14.04
C LEU A 767 28.37 23.96 14.57
N ARG A 768 29.32 24.78 15.08
CA ARG A 768 28.98 26.09 15.62
C ARG A 768 28.26 26.96 14.58
N ALA A 769 28.57 26.78 13.31
CA ALA A 769 27.90 27.53 12.24
C ALA A 769 26.43 27.13 12.13
N ILE A 770 26.15 25.83 12.30
CA ILE A 770 24.78 25.37 12.14
C ILE A 770 24.01 25.68 13.40
N ILE A 771 24.65 25.56 14.56
CA ILE A 771 24.01 25.98 15.79
C ILE A 771 23.60 27.45 15.72
N GLY A 772 24.53 28.32 15.29
CA GLY A 772 24.21 29.74 15.10
C GLY A 772 23.09 29.98 14.10
N ALA A 773 23.09 29.25 12.98
CA ALA A 773 21.97 29.32 12.04
C ALA A 773 20.65 29.00 12.72
N GLY A 774 20.67 28.18 13.76
CA GLY A 774 19.46 27.89 14.50
C GLY A 774 19.12 29.01 15.46
N LEU A 775 20.09 29.44 16.26
CA LEU A 775 19.81 30.41 17.31
C LEU A 775 19.86 31.87 16.85
N TYR A 776 20.44 32.17 15.70
CA TYR A 776 20.42 33.52 15.16
C TYR A 776 18.99 34.05 15.09
N PRO A 777 18.76 35.34 15.41
CA PRO A 777 19.77 36.35 15.69
C PRO A 777 20.03 36.59 17.18
N ASN A 778 19.90 35.56 18.01
CA ASN A 778 20.19 35.78 19.43
C ASN A 778 21.69 35.73 19.67
N MET A 779 22.34 36.90 19.63
CA MET A 779 23.79 36.99 19.74
C MET A 779 24.23 37.76 20.98
N ALA A 780 25.43 37.45 21.46
CA ALA A 780 26.02 38.19 22.56
C ALA A 780 27.49 38.43 22.25
N HIS A 781 28.01 39.51 22.83
CA HIS A 781 29.39 39.93 22.65
C HIS A 781 30.03 40.15 24.01
N LEU A 782 31.21 39.55 24.22
CA LEU A 782 31.91 39.61 25.49
C LEU A 782 33.15 40.49 25.35
N ARG A 783 33.29 41.48 26.25
CA ARG A 783 34.35 42.48 26.26
C ARG A 783 35.16 42.54 27.57
N LYS A 784 35.16 41.50 28.40
CA LYS A 784 35.88 41.57 29.68
C LYS A 784 36.55 40.24 30.05
N SER A 785 37.65 40.40 30.78
CA SER A 785 38.50 39.32 31.24
C SER A 785 38.83 39.58 32.71
N ARG A 786 38.89 38.51 33.49
CA ARG A 786 39.31 38.62 34.88
C ARG A 786 40.45 37.63 35.17
N ARG A 793 37.38 31.98 39.36
CA ARG A 793 36.32 32.54 38.50
C ARG A 793 36.65 33.88 37.83
N ALA A 794 35.95 34.18 36.74
CA ALA A 794 36.13 35.43 36.00
C ALA A 794 34.81 36.21 35.92
N ILE A 795 34.94 37.56 35.91
CA ILE A 795 33.82 38.47 35.67
C ILE A 795 33.76 38.86 34.20
N HIS A 796 32.55 39.06 33.72
CA HIS A 796 32.26 39.26 32.31
C HIS A 796 31.50 40.57 32.13
N THR A 797 31.98 41.42 31.21
CA THR A 797 31.25 42.57 30.68
C THR A 797 30.71 42.14 29.32
N MET A 798 29.44 41.76 29.27
CA MET A 798 28.89 41.13 28.08
C MET A 798 27.50 41.68 27.81
N ALA A 799 27.17 41.89 26.54
CA ALA A 799 25.88 42.49 26.21
C ALA A 799 25.33 41.88 24.94
N THR A 800 24.00 41.73 24.90
CA THR A 800 23.37 41.11 23.74
C THR A 800 23.30 42.12 22.59
N ASP A 801 22.85 41.66 21.43
CA ASP A 801 22.84 42.52 20.24
C ASP A 801 21.91 43.71 20.37
N ASP A 802 20.97 43.67 21.31
CA ASP A 802 20.11 44.80 21.56
C ASP A 802 20.73 45.84 22.48
N GLY A 803 21.89 45.54 23.08
CA GLY A 803 22.59 46.49 23.90
C GLY A 803 22.58 46.19 25.39
N ARG A 804 21.63 45.37 25.86
CA ARG A 804 21.48 45.13 27.28
C ARG A 804 22.62 44.27 27.84
N ARG A 805 23.10 44.64 29.03
CA ARG A 805 24.20 43.93 29.67
C ARG A 805 23.65 42.61 30.24
N VAL A 806 24.35 41.49 29.99
CA VAL A 806 23.95 40.15 30.42
C VAL A 806 25.16 39.41 31.00
N ASN A 807 24.89 38.28 31.64
CA ASN A 807 25.91 37.32 32.06
C ASN A 807 25.51 35.91 31.64
N PHE A 808 26.44 34.97 31.76
CA PHE A 808 26.08 33.57 31.60
C PHE A 808 25.40 33.08 32.85
N HIS A 809 24.27 32.43 32.67
CA HIS A 809 23.60 31.84 33.81
C HIS A 809 24.52 30.83 34.50
N PRO A 810 24.54 30.81 35.83
CA PRO A 810 25.42 29.86 36.55
C PRO A 810 25.25 28.39 36.18
N SER A 811 24.07 27.97 35.71
CA SER A 811 23.94 26.58 35.28
C SER A 811 24.61 26.32 33.93
N SER A 812 24.83 27.37 33.13
CA SER A 812 25.55 27.28 31.87
C SER A 812 27.03 26.97 32.07
N VAL A 813 27.61 26.26 31.10
CA VAL A 813 29.02 25.87 31.18
C VAL A 813 29.97 27.01 30.85
N ASN A 814 29.47 28.19 30.56
CA ASN A 814 30.34 29.32 30.32
C ASN A 814 30.38 30.30 31.49
N SER A 815 29.53 30.13 32.51
CA SER A 815 29.55 30.95 33.73
C SER A 815 30.92 30.95 34.37
N GLY A 816 31.48 32.14 34.55
CA GLY A 816 32.74 32.29 35.24
C GLY A 816 33.95 31.87 34.46
N GLU A 817 33.78 31.24 33.30
CA GLU A 817 34.91 30.80 32.50
C GLU A 817 35.66 31.96 31.87
N SER A 818 36.94 31.75 31.65
CA SER A 818 37.83 32.75 31.08
C SER A 818 38.55 32.15 29.88
N GLY A 819 39.14 33.03 29.07
CA GLY A 819 39.91 32.59 27.91
C GLY A 819 39.14 31.96 26.76
N PHE A 820 38.19 32.71 26.22
CA PHE A 820 37.45 32.27 25.04
C PHE A 820 38.21 32.57 23.76
N ASP A 821 38.21 31.60 22.83
CA ASP A 821 38.84 31.82 21.54
C ASP A 821 38.05 32.77 20.65
N SER A 822 36.79 33.05 21.00
CA SER A 822 35.96 34.02 20.29
C SER A 822 35.16 34.84 21.28
N ALA A 823 34.78 36.05 20.88
CA ALA A 823 34.05 36.93 21.79
C ALA A 823 32.56 36.98 21.52
N TYR A 824 32.05 36.15 20.61
CA TYR A 824 30.65 36.17 20.20
C TYR A 824 29.96 34.86 20.50
N PHE A 825 28.73 34.95 21.00
CA PHE A 825 27.97 33.79 21.45
C PHE A 825 26.54 33.85 20.93
N VAL A 826 25.97 32.67 20.67
CA VAL A 826 24.56 32.52 20.38
C VAL A 826 23.90 31.83 21.57
N TYR A 827 22.59 32.06 21.72
CA TYR A 827 21.81 31.59 22.87
C TYR A 827 20.38 31.29 22.46
N PHE A 828 19.76 30.32 23.15
CA PHE A 828 18.33 30.02 22.93
C PHE A 828 17.44 30.89 23.81
N GLN A 829 17.77 31.00 25.09
CA GLN A 829 16.88 31.60 26.07
C GLN A 829 17.62 32.65 26.88
N ARG A 830 17.03 33.85 27.00
CA ARG A 830 17.58 34.88 27.87
C ARG A 830 16.53 35.23 28.92
N GLN A 831 16.94 35.27 30.19
CA GLN A 831 15.95 35.34 31.28
C GLN A 831 16.51 36.03 32.51
N LYS A 832 15.69 36.90 33.08
CA LYS A 832 16.09 37.74 34.20
C LYS A 832 15.52 37.17 35.50
N SER A 833 16.39 36.72 36.42
CA SER A 833 15.96 36.55 37.79
C SER A 833 16.67 37.47 38.78
N THR A 834 18.00 37.44 38.83
CA THR A 834 18.82 38.36 39.60
C THR A 834 19.66 39.26 38.72
N ASP A 835 19.70 38.96 37.44
CA ASP A 835 20.45 39.69 36.43
C ASP A 835 19.95 39.06 35.14
N LEU A 836 20.36 39.64 34.02
CA LEU A 836 19.92 39.14 32.72
C LEU A 836 20.87 38.02 32.33
N PHE A 837 20.40 36.78 32.32
CA PHE A 837 21.27 35.64 32.06
C PHE A 837 20.92 34.99 30.72
N LEU A 838 21.92 34.39 30.08
CA LEU A 838 21.70 33.50 28.95
C LEU A 838 21.72 32.09 29.52
N LEU A 839 20.56 31.44 29.54
CA LEU A 839 20.48 30.14 30.18
C LEU A 839 21.38 29.11 29.52
N ASP A 840 21.80 29.36 28.28
CA ASP A 840 22.47 28.38 27.44
C ASP A 840 23.15 29.11 26.30
N SER A 841 24.35 28.70 25.95
CA SER A 841 25.11 29.49 24.99
C SER A 841 26.12 28.61 24.28
N THR A 842 26.40 28.99 23.04
CA THR A 842 27.46 28.38 22.24
C THR A 842 28.34 29.49 21.66
N MET A 843 29.64 29.42 21.93
CA MET A 843 30.57 30.37 21.36
C MET A 843 30.64 30.13 19.87
N VAL A 844 30.54 31.20 19.05
CA VAL A 844 30.56 31.13 17.59
C VAL A 844 31.55 32.14 17.03
N PHE A 845 31.91 31.96 15.75
CA PHE A 845 32.88 32.88 15.17
C PHE A 845 32.23 33.82 14.16
N PRO A 846 32.76 35.05 14.02
CA PRO A 846 32.17 36.01 13.05
C PRO A 846 31.94 35.47 11.63
N MET A 847 32.88 34.74 11.03
CA MET A 847 32.66 34.36 9.65
C MET A 847 31.40 33.48 9.49
N ALA A 848 31.07 32.63 10.48
CA ALA A 848 29.87 31.80 10.39
C ALA A 848 28.59 32.65 10.54
N LEU A 849 28.60 33.59 11.48
CA LEU A 849 27.47 34.51 11.58
C LEU A 849 27.23 35.21 10.27
N ILE A 850 28.28 35.75 9.66
CA ILE A 850 28.17 36.49 8.41
C ILE A 850 27.62 35.61 7.30
N ILE A 851 28.04 34.34 7.24
CA ILE A 851 27.58 33.50 6.14
C ILE A 851 26.11 33.12 6.28
N PHE A 852 25.65 32.78 7.49
CA PHE A 852 24.29 32.27 7.61
C PHE A 852 23.26 33.32 8.06
N GLY A 853 23.72 34.50 8.46
CA GLY A 853 22.85 35.56 8.96
C GLY A 853 22.28 36.47 7.89
N ASP A 854 21.82 37.64 8.32
CA ASP A 854 21.24 38.65 7.44
C ASP A 854 21.81 40.01 7.88
N GLY A 855 21.36 41.08 7.23
CA GLY A 855 21.98 42.38 7.52
C GLY A 855 23.45 42.47 7.17
N VAL A 856 23.88 41.78 6.10
CA VAL A 856 25.27 41.71 5.67
C VAL A 856 25.52 42.73 4.56
N GLU A 857 26.49 43.62 4.78
CA GLU A 857 26.95 44.57 3.75
C GLU A 857 28.45 44.82 3.92
N ALA A 858 29.10 45.18 2.83
CA ALA A 858 30.51 45.52 2.85
C ALA A 858 30.68 46.99 2.51
N GLY A 859 31.65 47.63 3.15
CA GLY A 859 31.88 49.06 2.95
C GLY A 859 33.11 49.65 3.61
N VAL A 860 33.06 50.95 3.90
CA VAL A 860 34.14 51.70 4.55
C VAL A 860 33.52 52.66 5.56
N THR A 861 33.95 52.59 6.85
CA THR A 861 33.50 53.62 7.80
C THR A 861 34.62 54.35 8.52
N GLN A 862 35.69 53.65 8.86
CA GLN A 862 36.99 54.19 9.16
C GLN A 862 37.69 54.27 7.81
N ASN A 863 38.97 54.46 7.78
CA ASN A 863 39.54 54.36 6.45
C ASN A 863 39.83 52.90 6.08
N THR A 864 39.11 52.01 6.79
CA THR A 864 39.14 50.56 6.88
C THR A 864 37.94 49.94 6.17
N PRO A 865 38.08 48.89 5.35
CA PRO A 865 36.90 48.21 4.83
C PRO A 865 36.32 47.23 5.85
N TYR A 866 34.99 47.13 5.88
CA TYR A 866 34.31 46.31 6.87
C TYR A 866 33.37 45.34 6.19
N LEU A 867 32.95 44.35 6.97
CA LEU A 867 31.89 43.40 6.61
C LEU A 867 31.09 43.19 7.89
N CYS A 868 29.78 43.43 7.81
CA CYS A 868 28.92 43.46 9.00
C CYS A 868 27.88 42.34 9.01
N VAL A 869 27.29 42.12 10.18
CA VAL A 869 26.19 41.17 10.31
C VAL A 869 25.12 41.77 11.22
N ALA A 870 23.86 41.52 10.85
CA ALA A 870 22.68 42.10 11.50
C ALA A 870 22.71 43.62 11.51
N LYS A 871 23.52 44.23 10.63
CA LYS A 871 23.81 45.67 10.69
C LYS A 871 24.16 46.10 12.12
N THR A 872 24.72 45.18 12.89
CA THR A 872 25.04 45.44 14.28
C THR A 872 26.49 45.21 14.62
N TYR A 873 27.09 44.16 14.09
CA TYR A 873 28.48 43.82 14.33
C TYR A 873 29.28 44.07 13.05
N TYR A 874 30.17 45.06 13.10
CA TYR A 874 31.00 45.44 11.95
C TYR A 874 32.43 44.96 12.15
N PHE A 875 32.91 44.16 11.19
CA PHE A 875 34.21 43.47 11.28
C PHE A 875 35.16 43.95 10.19
N LYS A 876 36.45 44.06 10.52
CA LYS A 876 37.47 44.39 9.52
C LYS A 876 37.55 43.31 8.47
N CYS A 877 37.45 43.70 7.20
CA CYS A 877 37.48 42.74 6.12
C CYS A 877 37.90 43.38 4.80
N ASN A 878 38.91 42.79 4.14
CA ASN A 878 39.37 43.36 2.88
C ASN A 878 38.36 43.08 1.76
N ARG A 879 38.50 43.87 0.68
CA ARG A 879 37.47 43.85 -0.35
C ARG A 879 37.41 42.50 -1.04
N GLU A 880 38.53 41.78 -1.10
CA GLU A 880 38.54 40.49 -1.80
C GLU A 880 37.75 39.45 -1.02
N THR A 881 37.92 39.40 0.30
CA THR A 881 37.16 38.42 1.10
C THR A 881 35.67 38.79 1.14
N ALA A 882 35.34 40.09 1.27
CA ALA A 882 33.94 40.52 1.25
C ALA A 882 33.23 40.14 -0.05
N ASP A 883 33.74 40.59 -1.19
CA ASP A 883 33.06 40.28 -2.46
C ASP A 883 32.86 38.78 -2.64
N VAL A 884 33.75 37.96 -2.08
CA VAL A 884 33.57 36.52 -2.14
C VAL A 884 32.48 36.06 -1.18
N VAL A 885 32.52 36.52 0.08
CA VAL A 885 31.53 36.05 1.06
C VAL A 885 30.12 36.46 0.66
N ILE A 886 29.98 37.67 0.12
CA ILE A 886 28.69 38.10 -0.44
C ILE A 886 28.27 37.18 -1.60
N GLN A 887 29.15 36.95 -2.58
CA GLN A 887 28.83 36.04 -3.67
C GLN A 887 28.55 34.63 -3.16
N LEU A 888 29.24 34.24 -2.09
CA LEU A 888 28.97 32.94 -1.51
C LEU A 888 27.55 32.91 -0.96
N ARG A 889 27.18 33.92 -0.17
CA ARG A 889 25.86 33.96 0.45
C ARG A 889 24.75 33.89 -0.58
N SER A 890 24.95 34.53 -1.74
CA SER A 890 23.96 34.40 -2.82
C SER A 890 23.79 32.95 -3.23
N ASN A 891 24.90 32.29 -3.57
CA ASN A 891 24.74 30.92 -4.03
C ASN A 891 24.21 30.02 -2.93
N LEU A 892 24.51 30.34 -1.66
CA LEU A 892 23.91 29.55 -0.60
C LEU A 892 22.40 29.73 -0.59
N GLU A 893 21.93 30.97 -0.73
CA GLU A 893 20.49 31.20 -0.72
C GLU A 893 19.83 30.53 -1.91
N LYS A 894 20.50 30.56 -3.07
CA LYS A 894 19.95 29.90 -4.25
C LYS A 894 19.84 28.38 -4.03
N LEU A 895 20.80 27.77 -3.32
CA LEU A 895 20.74 26.33 -3.06
C LEU A 895 19.62 25.96 -2.10
N LEU A 896 19.57 26.62 -0.93
CA LEU A 896 18.53 26.35 0.06
C LEU A 896 17.13 26.39 -0.55
N LEU A 897 16.87 27.40 -1.38
CA LEU A 897 15.62 27.50 -2.12
C LEU A 897 15.35 26.25 -2.94
N LYS A 898 16.36 25.79 -3.70
CA LYS A 898 16.13 24.63 -4.54
C LYS A 898 15.91 23.37 -3.71
N LYS A 899 16.68 23.18 -2.64
CA LYS A 899 16.51 21.93 -1.89
C LYS A 899 15.13 21.85 -1.25
N ALA A 900 14.59 22.98 -0.81
CA ALA A 900 13.26 22.95 -0.20
C ALA A 900 12.21 22.58 -1.23
N LEU A 901 12.36 23.04 -2.46
CA LEU A 901 11.35 22.76 -3.47
C LEU A 901 11.50 21.36 -4.03
N TYR A 902 12.73 20.92 -4.20
CA TYR A 902 13.05 19.66 -4.85
C TYR A 902 13.92 18.84 -3.90
N PRO A 903 13.34 18.31 -2.83
CA PRO A 903 14.18 17.71 -1.79
C PRO A 903 14.85 16.45 -2.31
N ALA A 904 16.12 16.37 -2.06
CA ALA A 904 16.89 15.20 -2.45
C ALA A 904 18.19 15.32 -1.66
N PRO A 905 18.77 14.21 -1.22
CA PRO A 905 20.04 14.32 -0.49
C PRO A 905 21.12 14.89 -1.39
N ILE A 906 22.05 15.61 -0.76
CA ILE A 906 23.20 16.14 -1.49
C ILE A 906 24.10 14.95 -1.85
N GLU A 907 24.26 14.71 -3.15
CA GLU A 907 25.17 13.65 -3.56
C GLU A 907 26.61 14.02 -3.21
N GLU A 908 27.41 13.01 -2.88
CA GLU A 908 28.76 13.25 -2.39
C GLU A 908 29.69 13.82 -3.47
N ASN A 909 29.42 13.53 -4.74
CA ASN A 909 30.29 13.97 -5.83
C ASN A 909 29.55 14.84 -6.83
N GLY A 910 28.60 15.68 -6.38
CA GLY A 910 27.82 16.50 -7.27
C GLY A 910 28.21 17.98 -7.32
N TYR A 911 27.43 18.72 -8.11
CA TYR A 911 27.56 20.18 -8.13
C TYR A 911 27.25 20.77 -6.75
N GLU A 912 26.10 20.37 -6.18
CA GLU A 912 25.70 20.94 -4.89
C GLU A 912 26.80 20.76 -3.84
N LYS A 913 27.46 19.59 -3.82
CA LYS A 913 28.44 19.34 -2.76
C LYS A 913 29.61 20.34 -2.81
N GLN A 914 29.92 20.92 -3.98
CA GLN A 914 31.05 21.85 -4.06
C GLN A 914 30.79 23.13 -3.28
N LEU A 915 29.62 23.73 -3.44
CA LEU A 915 29.26 24.89 -2.62
C LEU A 915 29.37 24.57 -1.14
N ILE A 916 28.99 23.35 -0.76
CA ILE A 916 29.16 22.89 0.63
C ILE A 916 30.63 22.90 1.02
N LYS A 917 31.49 22.34 0.16
CA LYS A 917 32.91 22.28 0.48
C LYS A 917 33.51 23.68 0.57
N ALA A 918 33.03 24.60 -0.26
CA ALA A 918 33.46 25.99 -0.16
C ALA A 918 33.17 26.55 1.23
N ILE A 919 32.02 26.21 1.79
CA ILE A 919 31.66 26.75 3.10
C ILE A 919 32.45 26.07 4.22
N GLU A 920 32.63 24.75 4.14
CA GLU A 920 33.46 24.06 5.11
C GLU A 920 34.84 24.72 5.21
N LEU A 921 35.43 25.08 4.06
CA LEU A 921 36.82 25.54 3.99
C LEU A 921 37.01 26.89 4.66
N LEU A 922 36.13 27.85 4.35
CA LEU A 922 36.11 29.16 5.01
C LEU A 922 35.84 29.06 6.52
N LEU A 923 34.98 28.11 6.94
CA LEU A 923 34.70 27.98 8.37
C LEU A 923 35.86 27.35 9.13
N SER A 924 36.66 26.49 8.48
CA SER A 924 37.80 25.87 9.16
C SER A 924 38.96 26.84 9.43
N LEU A 925 39.00 28.00 8.77
CA LEU A 925 40.05 28.94 9.08
C LEU A 925 40.03 29.36 10.54
N ASP A 926 38.93 29.06 11.25
CA ASP A 926 38.80 29.36 12.67
C ASP A 926 39.15 28.18 13.55
N GLU A 927 39.57 27.06 12.96
CA GLU A 927 39.80 25.88 13.78
C GLU A 927 40.86 26.14 14.84
N ARG A 928 40.68 25.46 15.96
CA ARG A 928 41.66 25.52 17.03
C ARG A 928 42.99 24.95 16.56
N LEU A 929 44.09 25.61 16.92
CA LEU A 929 45.38 25.09 16.54
C LEU A 929 45.87 24.12 17.63
N LEU B 54 24.46 -44.31 -35.26
CA LEU B 54 25.53 -43.44 -34.74
C LEU B 54 25.79 -42.23 -35.65
N GLY B 55 25.48 -41.04 -35.10
CA GLY B 55 25.42 -39.80 -35.83
C GLY B 55 26.75 -39.09 -35.99
N CYS B 56 26.66 -37.78 -36.23
CA CYS B 56 27.82 -36.99 -36.61
C CYS B 56 28.64 -36.56 -35.39
N ASN B 57 29.87 -36.12 -35.65
CA ASN B 57 30.79 -35.73 -34.58
C ASN B 57 30.39 -34.40 -33.97
N VAL B 58 30.44 -34.36 -32.63
CA VAL B 58 30.09 -33.21 -31.81
C VAL B 58 31.24 -32.76 -30.88
N SER B 59 32.44 -33.29 -31.05
CA SER B 59 33.59 -32.77 -30.30
C SER B 59 33.83 -31.31 -30.64
N ALA B 60 34.26 -30.54 -29.64
CA ALA B 60 34.71 -29.15 -29.65
C ALA B 60 36.23 -29.08 -29.70
N PRO B 61 36.80 -28.00 -30.25
CA PRO B 61 38.27 -27.84 -30.23
C PRO B 61 38.81 -27.72 -28.82
N SER B 62 40.06 -28.15 -28.67
CA SER B 62 40.72 -28.07 -27.37
C SER B 62 40.70 -26.64 -26.83
N GLY B 63 40.93 -25.66 -27.71
CA GLY B 63 40.96 -24.28 -27.26
C GLY B 63 39.66 -23.87 -26.63
N VAL B 64 38.55 -24.31 -27.21
CA VAL B 64 37.26 -24.02 -26.63
C VAL B 64 37.11 -24.76 -25.31
N LEU B 65 37.32 -26.08 -25.30
CA LEU B 65 37.19 -26.85 -24.05
C LEU B 65 37.99 -26.23 -22.91
N GLU B 66 39.22 -25.78 -23.21
CA GLU B 66 40.07 -25.13 -22.21
C GLU B 66 39.41 -23.87 -21.66
N ARG B 67 38.71 -23.11 -22.52
CA ARG B 67 38.03 -21.95 -21.98
C ARG B 67 36.77 -22.34 -21.21
N VAL B 68 36.05 -23.36 -21.66
CA VAL B 68 34.89 -23.79 -20.89
C VAL B 68 35.33 -24.23 -19.49
N LYS B 69 36.39 -25.05 -19.38
CA LYS B 69 36.81 -25.49 -18.04
C LYS B 69 37.10 -24.28 -17.15
N GLU B 70 37.72 -23.23 -17.72
CA GLU B 70 38.04 -22.02 -16.94
C GLU B 70 36.78 -21.32 -16.47
N LEU B 71 35.80 -21.13 -17.35
CA LEU B 71 34.59 -20.43 -16.98
C LEU B 71 33.81 -21.21 -15.93
N MET B 72 33.65 -22.52 -16.14
CA MET B 72 33.03 -23.39 -15.12
C MET B 72 33.78 -23.27 -13.82
N GLU B 73 35.09 -23.12 -13.89
CA GLU B 73 35.86 -23.07 -12.65
C GLU B 73 35.63 -21.76 -11.92
N ASP B 74 35.43 -20.65 -12.63
CA ASP B 74 35.07 -19.41 -11.95
C ASP B 74 33.69 -19.52 -11.33
N TYR B 75 32.72 -20.04 -12.07
CA TYR B 75 31.37 -20.17 -11.54
C TYR B 75 31.37 -20.99 -10.25
N SER B 76 32.18 -22.04 -10.17
CA SER B 76 32.13 -22.90 -8.99
C SER B 76 32.97 -22.34 -7.82
N ARG B 77 33.44 -21.10 -7.89
CA ARG B 77 34.15 -20.43 -6.81
C ARG B 77 33.35 -19.22 -6.31
N ALA B 78 32.03 -19.42 -6.19
CA ALA B 78 31.14 -18.41 -5.64
C ALA B 78 30.54 -18.89 -4.33
N PRO B 79 30.34 -17.99 -3.35
CA PRO B 79 29.69 -18.33 -2.07
C PRO B 79 28.17 -18.49 -2.19
N ASP B 90 17.82 -11.20 -1.45
CA ASP B 90 16.82 -11.38 -0.40
C ASP B 90 15.75 -12.39 -0.85
N ALA B 91 15.54 -13.46 -0.06
CA ALA B 91 14.61 -14.52 -0.42
C ALA B 91 13.27 -14.36 0.30
N LYS B 92 12.47 -13.42 -0.22
CA LYS B 92 11.06 -13.41 0.13
C LYS B 92 10.37 -14.60 -0.52
N PHE B 93 10.78 -14.93 -1.75
CA PHE B 93 10.11 -16.01 -2.46
C PHE B 93 10.33 -17.34 -1.74
N GLN B 94 11.53 -17.59 -1.25
CA GLN B 94 11.77 -18.88 -0.65
C GLN B 94 10.81 -19.12 0.51
N GLN B 95 10.47 -18.05 1.24
CA GLN B 95 9.58 -18.21 2.39
C GLN B 95 8.14 -18.47 1.98
N GLN B 96 7.68 -17.90 0.86
CA GLN B 96 6.35 -18.24 0.35
C GLN B 96 6.28 -19.70 -0.06
N PHE B 97 7.30 -20.18 -0.77
CA PHE B 97 7.30 -21.55 -1.22
C PHE B 97 7.37 -22.50 -0.05
N ARG B 98 8.12 -22.11 0.97
CA ARG B 98 8.21 -22.99 2.12
C ARG B 98 6.88 -22.97 2.88
N HIS B 99 6.22 -21.80 2.92
CA HIS B 99 4.92 -21.72 3.59
C HIS B 99 3.85 -22.55 2.88
N LEU B 100 3.84 -22.52 1.55
CA LEU B 100 2.83 -23.25 0.79
C LEU B 100 2.92 -24.75 1.03
N LEU B 101 4.15 -25.27 1.15
CA LEU B 101 4.35 -26.70 1.33
C LEU B 101 4.07 -27.11 2.74
N SER B 102 4.19 -26.15 3.66
CA SER B 102 4.13 -26.41 5.09
C SER B 102 2.71 -26.41 5.65
N VAL B 103 1.79 -25.66 5.04
CA VAL B 103 0.42 -25.57 5.55
C VAL B 103 -0.40 -26.75 5.02
N ASN B 104 -1.33 -27.18 5.84
CA ASN B 104 -2.36 -28.12 5.41
C ASN B 104 -3.58 -27.33 4.92
N PHE B 105 -4.52 -28.07 4.33
CA PHE B 105 -5.66 -27.41 3.72
C PHE B 105 -6.52 -26.67 4.75
N GLU B 106 -6.64 -27.22 5.97
CA GLU B 106 -7.39 -26.51 7.02
C GLU B 106 -6.78 -25.13 7.31
N GLU B 107 -5.44 -25.07 7.44
CA GLU B 107 -4.76 -23.81 7.76
C GLU B 107 -4.80 -22.86 6.58
N PHE B 108 -4.68 -23.39 5.35
CA PHE B 108 -4.75 -22.55 4.17
C PHE B 108 -6.09 -21.83 4.08
N VAL B 109 -7.20 -22.54 4.39
CA VAL B 109 -8.54 -21.95 4.34
C VAL B 109 -8.70 -20.84 5.38
N ALA B 110 -8.23 -21.07 6.62
CA ALA B 110 -8.18 -20.00 7.61
C ALA B 110 -7.41 -18.79 7.08
N GLU B 111 -6.16 -19.00 6.66
CA GLU B 111 -5.32 -17.88 6.24
C GLU B 111 -5.97 -17.08 5.12
N THR B 112 -6.55 -17.76 4.11
CA THR B 112 -7.11 -17.03 2.98
C THR B 112 -8.29 -16.14 3.43
N LYS B 113 -9.01 -16.53 4.49
CA LYS B 113 -10.08 -15.67 5.02
C LYS B 113 -9.54 -14.33 5.51
N GLU B 114 -8.53 -14.36 6.40
CA GLU B 114 -7.94 -13.12 6.90
C GLU B 114 -7.39 -12.25 5.78
N ARG B 115 -6.68 -12.87 4.83
CA ARG B 115 -5.98 -12.11 3.80
C ARG B 115 -6.96 -11.41 2.87
N ASN B 116 -8.13 -12.01 2.59
CA ASN B 116 -9.12 -11.36 1.74
C ASN B 116 -10.39 -11.12 2.56
N ALA B 117 -10.42 -9.99 3.22
CA ALA B 117 -11.51 -9.66 4.13
C ALA B 117 -12.34 -8.47 3.66
N ASP B 118 -12.02 -7.89 2.51
CA ASP B 118 -12.58 -6.59 2.15
C ASP B 118 -14.10 -6.57 2.13
N LEU B 119 -14.75 -7.64 1.69
CA LEU B 119 -16.20 -7.59 1.58
C LEU B 119 -16.90 -7.67 2.92
N ASP B 120 -16.18 -7.94 4.00
CA ASP B 120 -16.73 -7.82 5.34
C ASP B 120 -17.06 -6.38 5.71
N TRP B 121 -16.77 -5.41 4.86
CA TRP B 121 -16.96 -3.99 5.16
C TRP B 121 -17.93 -3.39 4.16
N VAL B 122 -18.88 -2.59 4.66
CA VAL B 122 -19.87 -1.93 3.83
C VAL B 122 -19.78 -0.44 4.08
N ASN B 123 -20.30 0.36 3.14
CA ASN B 123 -20.31 1.82 3.20
C ASN B 123 -21.75 2.32 3.22
N PRO B 124 -22.34 2.52 4.41
CA PRO B 124 -23.77 2.89 4.48
C PRO B 124 -24.10 4.23 3.84
N LYS B 125 -23.18 5.20 3.90
CA LYS B 125 -23.41 6.45 3.17
C LYS B 125 -23.43 6.22 1.68
N LEU B 126 -22.65 5.25 1.19
CA LEU B 126 -22.71 4.92 -0.22
C LEU B 126 -23.98 4.14 -0.51
N ASP B 127 -24.32 3.17 0.34
CA ASP B 127 -25.62 2.53 0.26
C ASP B 127 -26.73 3.55 0.13
N GLU B 128 -26.75 4.54 1.02
CA GLU B 128 -27.88 5.47 1.04
C GLU B 128 -27.87 6.34 -0.21
N ARG B 129 -26.69 6.75 -0.67
CA ARG B 129 -26.63 7.59 -1.88
C ARG B 129 -27.17 6.84 -3.09
N LEU B 130 -26.79 5.59 -3.27
CA LEU B 130 -27.23 4.91 -4.47
C LEU B 130 -28.67 4.50 -4.35
N GLN B 131 -29.15 4.21 -3.14
CA GLN B 131 -30.57 3.91 -2.98
C GLN B 131 -31.42 5.09 -3.44
N LEU B 132 -30.96 6.31 -3.14
CA LEU B 132 -31.66 7.53 -3.57
C LEU B 132 -31.56 7.75 -5.07
N GLU B 133 -30.34 7.71 -5.62
CA GLU B 133 -30.16 7.96 -7.05
C GLU B 133 -31.00 7.02 -7.91
N LEU B 134 -31.28 5.81 -7.41
CA LEU B 134 -32.09 4.85 -8.16
C LEU B 134 -33.52 5.34 -8.29
N GLY B 135 -34.16 5.65 -7.16
CA GLY B 135 -35.48 6.26 -7.20
C GLY B 135 -35.55 7.46 -8.11
N GLN B 136 -34.48 8.26 -8.14
CA GLN B 136 -34.40 9.43 -9.03
C GLN B 136 -34.38 9.03 -10.50
N ARG B 137 -33.58 8.01 -10.86
CA ARG B 137 -33.47 7.56 -12.25
C ARG B 137 -34.70 6.80 -12.72
N GLN B 138 -35.65 6.50 -11.83
CA GLN B 138 -36.96 5.95 -12.15
C GLN B 138 -37.98 7.02 -12.52
N LEU B 139 -37.64 8.30 -12.43
CA LEU B 139 -38.55 9.35 -12.83
C LEU B 139 -38.12 10.06 -14.12
N GLU B 140 -36.97 9.72 -14.68
CA GLU B 140 -36.56 10.24 -15.97
C GLU B 140 -37.33 9.58 -17.13
N GLU B 141 -37.35 10.28 -18.28
CA GLU B 141 -38.00 9.79 -19.49
C GLU B 141 -36.99 9.35 -20.55
N ASN B 142 -35.71 9.23 -20.19
CA ASN B 142 -34.75 8.50 -21.01
C ASN B 142 -34.67 7.05 -20.55
N ALA B 143 -34.62 6.86 -19.23
CA ALA B 143 -34.95 5.58 -18.64
C ALA B 143 -36.47 5.48 -18.53
N LYS B 144 -36.93 4.31 -18.10
CA LYS B 144 -38.32 3.97 -17.82
C LYS B 144 -39.08 3.79 -19.15
N LYS B 145 -38.44 4.07 -20.28
CA LYS B 145 -38.71 3.36 -21.52
C LYS B 145 -37.74 2.21 -21.63
N ARG B 146 -36.50 2.43 -21.16
CA ARG B 146 -35.51 1.37 -21.12
C ARG B 146 -35.91 0.30 -20.13
N LEU B 147 -36.65 0.68 -19.10
CA LEU B 147 -37.21 -0.35 -18.23
C LEU B 147 -38.38 -1.04 -18.93
N GLU B 148 -39.18 -0.30 -19.71
CA GLU B 148 -40.35 -0.92 -20.32
C GLU B 148 -39.97 -1.82 -21.48
N ALA B 149 -38.88 -1.51 -22.18
CA ALA B 149 -38.39 -2.42 -23.21
C ALA B 149 -37.66 -3.61 -22.60
N ARG B 150 -37.02 -3.43 -21.43
CA ARG B 150 -36.50 -4.57 -20.69
C ARG B 150 -37.61 -5.50 -20.22
N LYS B 151 -38.79 -4.97 -19.88
CA LYS B 151 -39.82 -5.86 -19.38
C LYS B 151 -40.46 -6.71 -20.50
N LYS B 152 -40.17 -6.42 -21.77
CA LYS B 152 -40.52 -7.30 -22.87
C LYS B 152 -39.61 -8.52 -22.97
N LEU B 153 -38.52 -8.57 -22.20
CA LEU B 153 -37.68 -9.77 -22.16
C LEU B 153 -38.26 -10.79 -21.18
N PRO B 154 -38.31 -12.07 -21.58
CA PRO B 154 -38.94 -13.10 -20.73
C PRO B 154 -38.39 -13.15 -19.31
N THR B 155 -37.07 -13.02 -19.14
CA THR B 155 -36.48 -13.16 -17.80
C THR B 155 -37.12 -12.22 -16.78
N MET B 156 -37.52 -11.01 -17.20
CA MET B 156 -38.01 -10.03 -16.23
C MET B 156 -39.28 -10.49 -15.51
N LYS B 157 -40.02 -11.46 -16.11
CA LYS B 157 -41.21 -12.03 -15.47
C LYS B 157 -40.86 -12.81 -14.21
N TYR B 158 -39.64 -13.34 -14.14
CA TYR B 158 -39.25 -14.13 -12.99
C TYR B 158 -38.40 -13.36 -12.01
N ALA B 159 -38.24 -12.05 -12.23
CA ALA B 159 -37.34 -11.24 -11.41
C ALA B 159 -37.52 -11.59 -9.95
N ASP B 160 -38.77 -11.62 -9.51
CA ASP B 160 -39.07 -11.82 -8.09
C ASP B 160 -38.76 -13.25 -7.65
N ASP B 161 -39.14 -14.24 -8.47
CA ASP B 161 -38.85 -15.62 -8.13
C ASP B 161 -37.35 -15.90 -8.11
N ILE B 162 -36.59 -15.28 -9.03
CA ILE B 162 -35.15 -15.49 -9.07
C ILE B 162 -34.48 -14.89 -7.84
N ILE B 163 -34.83 -13.64 -7.51
CA ILE B 163 -34.30 -13.03 -6.29
C ILE B 163 -34.56 -13.95 -5.11
N GLN B 164 -35.79 -14.42 -4.99
CA GLN B 164 -36.13 -15.26 -3.84
C GLN B 164 -35.33 -16.55 -3.85
N ALA B 165 -35.16 -17.18 -5.01
CA ALA B 165 -34.44 -18.44 -5.07
C ALA B 165 -32.99 -18.28 -4.61
N VAL B 166 -32.36 -17.16 -4.96
CA VAL B 166 -31.01 -16.86 -4.52
C VAL B 166 -30.97 -16.58 -3.02
N ARG B 167 -31.99 -15.90 -2.49
CA ARG B 167 -32.03 -15.66 -1.05
C ARG B 167 -32.14 -16.98 -0.29
N GLU B 168 -32.91 -17.94 -0.83
CA GLU B 168 -33.19 -19.23 -0.19
C GLU B 168 -32.15 -20.31 -0.52
N ASN B 169 -31.29 -20.12 -1.53
CA ASN B 169 -30.37 -21.17 -1.95
C ASN B 169 -28.97 -20.64 -2.24
N GLN B 170 -27.97 -21.47 -1.94
CA GLN B 170 -26.60 -21.14 -2.32
C GLN B 170 -26.41 -21.15 -3.84
N VAL B 171 -26.92 -22.17 -4.51
CA VAL B 171 -26.70 -22.40 -5.94
C VAL B 171 -28.06 -22.58 -6.59
N ILE B 172 -28.33 -21.81 -7.62
CA ILE B 172 -29.48 -22.07 -8.48
C ILE B 172 -28.96 -22.22 -9.91
N LEU B 173 -29.88 -22.64 -10.78
CA LEU B 173 -29.58 -22.86 -12.18
C LEU B 173 -30.68 -22.18 -12.98
N ILE B 174 -30.29 -21.40 -13.99
CA ILE B 174 -31.23 -20.69 -14.85
C ILE B 174 -31.03 -21.19 -16.26
N VAL B 175 -32.05 -21.83 -16.83
CA VAL B 175 -31.98 -22.49 -18.14
C VAL B 175 -32.84 -21.75 -19.15
N GLY B 176 -32.23 -21.30 -20.24
CA GLY B 176 -32.91 -20.45 -21.19
C GLY B 176 -32.23 -20.44 -22.54
N SER B 177 -33.02 -20.17 -23.57
CA SER B 177 -32.49 -20.10 -24.92
C SER B 177 -32.08 -18.66 -25.23
N THR B 178 -31.29 -18.52 -26.28
CA THR B 178 -30.94 -17.19 -26.79
C THR B 178 -32.20 -16.37 -27.05
N GLY B 179 -32.16 -15.12 -26.57
CA GLY B 179 -33.28 -14.24 -26.69
C GLY B 179 -34.06 -14.03 -25.41
N CYS B 180 -33.90 -14.90 -24.42
CA CYS B 180 -34.61 -14.73 -23.17
C CYS B 180 -33.99 -13.64 -22.30
N GLY B 181 -32.79 -13.18 -22.63
CA GLY B 181 -32.12 -12.12 -21.91
C GLY B 181 -31.63 -12.47 -20.53
N LYS B 182 -31.52 -13.76 -20.19
CA LYS B 182 -31.01 -14.15 -18.88
C LYS B 182 -29.63 -13.54 -18.62
N THR B 183 -28.83 -13.40 -19.66
CA THR B 183 -27.46 -12.93 -19.51
C THR B 183 -27.40 -11.43 -19.25
N THR B 184 -28.16 -10.64 -19.99
CA THR B 184 -28.13 -9.22 -19.67
C THR B 184 -28.94 -8.90 -18.40
N GLN B 185 -30.00 -9.65 -18.12
CA GLN B 185 -30.96 -9.18 -17.12
C GLN B 185 -30.74 -9.73 -15.73
N VAL B 186 -30.32 -11.00 -15.58
CA VAL B 186 -30.17 -11.55 -14.23
C VAL B 186 -29.20 -10.74 -13.37
N PRO B 187 -28.00 -10.40 -13.83
CA PRO B 187 -27.12 -9.59 -12.96
C PRO B 187 -27.73 -8.27 -12.58
N GLN B 188 -28.42 -7.61 -13.51
CA GLN B 188 -29.09 -6.35 -13.18
C GLN B 188 -30.21 -6.56 -12.17
N ILE B 189 -30.94 -7.68 -12.29
CA ILE B 189 -32.03 -7.95 -11.36
C ILE B 189 -31.49 -8.06 -9.95
N LEU B 190 -30.41 -8.81 -9.78
CA LEU B 190 -29.83 -8.99 -8.46
C LEU B 190 -29.14 -7.72 -7.96
N LEU B 191 -28.56 -6.93 -8.88
CA LEU B 191 -27.88 -5.70 -8.46
C LEU B 191 -28.89 -4.66 -8.02
N ASP B 192 -29.81 -4.31 -8.92
CA ASP B 192 -30.86 -3.34 -8.64
C ASP B 192 -31.66 -3.72 -7.39
N ASP B 193 -31.80 -5.01 -7.11
CA ASP B 193 -32.49 -5.42 -5.88
C ASP B 193 -31.75 -4.93 -4.64
N ALA B 194 -30.47 -5.32 -4.48
CA ALA B 194 -29.72 -4.93 -3.28
C ALA B 194 -29.60 -3.42 -3.15
N ILE B 195 -29.43 -2.71 -4.27
CA ILE B 195 -29.40 -1.25 -4.23
C ILE B 195 -30.70 -0.74 -3.65
N SER B 196 -31.83 -1.31 -4.10
CA SER B 196 -33.14 -0.85 -3.66
C SER B 196 -33.34 -1.11 -2.17
N ARG B 197 -32.98 -2.30 -1.68
CA ARG B 197 -32.94 -2.60 -0.24
C ARG B 197 -31.87 -1.82 0.54
N GLY B 198 -31.01 -1.01 -0.08
CA GLY B 198 -29.97 -0.30 0.66
C GLY B 198 -28.78 -1.16 1.08
N CYS B 199 -28.42 -2.15 0.29
CA CYS B 199 -27.24 -2.99 0.54
C CYS B 199 -26.22 -2.88 -0.58
N ALA B 200 -26.35 -1.85 -1.42
CA ALA B 200 -25.56 -1.74 -2.65
C ALA B 200 -24.07 -2.06 -2.43
N SER B 201 -23.48 -1.51 -1.36
CA SER B 201 -22.04 -1.70 -1.21
C SER B 201 -21.67 -3.14 -0.88
N SER B 202 -22.61 -3.98 -0.44
CA SER B 202 -22.30 -5.40 -0.24
C SER B 202 -22.28 -6.21 -1.53
N CYS B 203 -22.63 -5.60 -2.66
CA CYS B 203 -22.95 -6.33 -3.90
C CYS B 203 -21.88 -6.16 -4.96
N ARG B 204 -21.16 -7.24 -5.25
CA ARG B 204 -20.16 -7.25 -6.30
C ARG B 204 -20.40 -8.52 -7.10
N ILE B 205 -20.87 -8.36 -8.33
CA ILE B 205 -21.30 -9.47 -9.15
C ILE B 205 -20.30 -9.70 -10.28
N ILE B 206 -19.85 -10.95 -10.43
CA ILE B 206 -18.99 -11.37 -11.52
C ILE B 206 -19.75 -12.40 -12.34
N CYS B 207 -19.84 -12.15 -13.64
CA CYS B 207 -20.50 -13.02 -14.61
C CYS B 207 -19.46 -13.42 -15.67
N THR B 208 -19.17 -14.73 -15.77
CA THR B 208 -18.20 -15.27 -16.72
C THR B 208 -18.87 -15.47 -18.08
N GLN B 209 -18.02 -15.54 -19.11
CA GLN B 209 -18.36 -15.82 -20.48
C GLN B 209 -17.26 -16.72 -21.03
N PRO B 210 -17.54 -17.53 -22.02
CA PRO B 210 -16.46 -18.32 -22.59
C PRO B 210 -15.61 -17.48 -23.51
N ARG B 211 -16.19 -16.50 -24.21
CA ARG B 211 -15.51 -15.83 -25.31
C ARG B 211 -15.20 -14.35 -25.03
N ARG B 212 -14.04 -13.91 -25.51
CA ARG B 212 -13.65 -12.52 -25.32
C ARG B 212 -14.66 -11.57 -25.95
N ILE B 213 -15.06 -11.84 -27.20
CA ILE B 213 -15.91 -10.88 -27.89
C ILE B 213 -17.24 -10.74 -27.15
N SER B 214 -17.75 -11.86 -26.61
CA SER B 214 -19.06 -11.80 -25.93
C SER B 214 -18.98 -11.00 -24.65
N ALA B 215 -17.95 -11.23 -23.83
CA ALA B 215 -17.78 -10.47 -22.60
C ALA B 215 -17.82 -8.97 -22.83
N ILE B 216 -17.20 -8.48 -23.91
CA ILE B 216 -17.25 -7.05 -24.19
C ILE B 216 -18.66 -6.61 -24.56
N ALA B 217 -19.21 -7.18 -25.62
CA ALA B 217 -20.49 -6.71 -26.15
C ALA B 217 -21.58 -6.73 -25.09
N ILE B 218 -21.61 -7.79 -24.28
CA ILE B 218 -22.59 -7.86 -23.20
C ILE B 218 -22.40 -6.68 -22.25
N ALA B 219 -21.16 -6.35 -21.92
CA ALA B 219 -20.94 -5.24 -21.00
C ALA B 219 -21.44 -3.94 -21.59
N GLU B 220 -21.08 -3.70 -22.86
CA GLU B 220 -21.46 -2.44 -23.51
C GLU B 220 -22.97 -2.33 -23.62
N TRP B 221 -23.65 -3.46 -23.90
CA TRP B 221 -25.09 -3.49 -24.02
C TRP B 221 -25.77 -3.26 -22.67
N VAL B 222 -25.41 -4.05 -21.65
CA VAL B 222 -25.96 -3.85 -20.30
C VAL B 222 -25.67 -2.44 -19.82
N SER B 223 -24.53 -1.87 -20.22
CA SER B 223 -24.20 -0.52 -19.82
C SER B 223 -25.12 0.49 -20.51
N TYR B 224 -25.48 0.23 -21.76
CA TYR B 224 -26.45 1.05 -22.50
C TYR B 224 -27.82 1.00 -21.85
N GLU B 225 -28.27 -0.18 -21.43
CA GLU B 225 -29.57 -0.35 -20.77
C GLU B 225 -29.64 0.28 -19.40
N ARG B 226 -28.57 0.93 -18.95
CA ARG B 226 -28.53 1.62 -17.66
C ARG B 226 -28.18 3.09 -17.80
N CYS B 227 -28.16 3.61 -19.03
CA CYS B 227 -27.83 5.00 -19.32
C CYS B 227 -26.52 5.40 -18.65
N GLU B 228 -25.50 4.58 -18.87
CA GLU B 228 -24.19 4.84 -18.29
C GLU B 228 -23.12 4.58 -19.33
N SER B 229 -22.06 5.38 -19.28
CA SER B 229 -20.91 5.04 -20.07
C SER B 229 -20.29 3.78 -19.47
N LEU B 230 -19.61 3.02 -20.31
CA LEU B 230 -18.96 1.82 -19.80
C LEU B 230 -17.99 2.16 -18.66
N GLY B 231 -18.08 1.39 -17.58
CA GLY B 231 -17.15 1.47 -16.48
C GLY B 231 -17.70 2.02 -15.17
N ASN B 232 -18.94 2.55 -15.11
CA ASN B 232 -19.45 2.90 -13.78
C ASN B 232 -20.08 1.74 -13.00
N SER B 233 -21.17 1.15 -13.52
CA SER B 233 -21.80 0.07 -12.76
C SER B 233 -21.73 -1.25 -13.49
N VAL B 234 -21.40 -1.20 -14.78
CA VAL B 234 -21.13 -2.37 -15.60
C VAL B 234 -19.70 -2.21 -16.11
N GLY B 235 -18.91 -3.29 -16.06
CA GLY B 235 -17.59 -3.31 -16.66
C GLY B 235 -17.29 -4.68 -17.24
N TYR B 236 -16.13 -4.78 -17.91
CA TYR B 236 -15.61 -6.05 -18.41
C TYR B 236 -14.12 -6.15 -18.17
N GLN B 237 -13.67 -7.39 -18.05
CA GLN B 237 -12.24 -7.70 -17.94
C GLN B 237 -11.95 -8.98 -18.69
N ILE B 238 -11.05 -8.87 -19.67
CA ILE B 238 -10.51 -10.02 -20.36
C ILE B 238 -8.99 -9.83 -20.35
N ARG B 239 -8.26 -10.79 -20.92
CA ARG B 239 -6.79 -10.73 -20.86
C ARG B 239 -6.28 -9.47 -21.56
N LEU B 240 -5.53 -8.65 -20.82
CA LEU B 240 -4.83 -7.51 -21.39
C LEU B 240 -5.77 -6.44 -21.98
N GLU B 241 -7.02 -6.41 -21.54
CA GLU B 241 -7.89 -5.29 -21.89
C GLU B 241 -8.97 -5.26 -20.83
N SER B 242 -9.08 -4.13 -20.14
CA SER B 242 -10.04 -4.10 -19.05
C SER B 242 -10.63 -2.70 -18.93
N ARG B 243 -11.95 -2.64 -18.98
CA ARG B 243 -12.70 -1.45 -18.63
C ARG B 243 -13.41 -1.83 -17.33
N LYS B 244 -12.73 -1.60 -16.22
CA LYS B 244 -13.20 -2.13 -14.95
C LYS B 244 -14.40 -1.36 -14.43
N ALA B 245 -15.38 -2.08 -13.90
CA ALA B 245 -16.49 -1.41 -13.23
C ALA B 245 -16.05 -0.96 -11.83
N ARG B 246 -16.85 -0.09 -11.20
CA ARG B 246 -16.52 0.43 -9.86
C ARG B 246 -16.44 -0.70 -8.83
N GLU B 247 -15.91 -0.37 -7.65
CA GLU B 247 -15.52 -1.42 -6.71
C GLU B 247 -16.73 -2.20 -6.20
N ARG B 248 -17.78 -1.49 -5.78
CA ARG B 248 -18.96 -2.09 -5.18
C ARG B 248 -20.20 -1.71 -5.96
N ALA B 249 -21.27 -2.49 -5.77
CA ALA B 249 -22.53 -2.28 -6.46
C ALA B 249 -22.29 -2.27 -7.97
N SER B 250 -21.64 -3.32 -8.46
CA SER B 250 -21.15 -3.35 -9.83
C SER B 250 -21.38 -4.71 -10.43
N ILE B 251 -21.40 -4.75 -11.75
CA ILE B 251 -21.46 -5.97 -12.53
C ILE B 251 -20.22 -6.05 -13.40
N THR B 252 -19.46 -7.13 -13.25
CA THR B 252 -18.27 -7.30 -14.08
C THR B 252 -18.43 -8.55 -14.95
N TYR B 253 -18.25 -8.39 -16.27
CA TYR B 253 -18.21 -9.52 -17.19
C TYR B 253 -16.76 -9.86 -17.50
N CYS B 254 -16.42 -11.13 -17.46
CA CYS B 254 -15.04 -11.56 -17.72
C CYS B 254 -15.01 -12.91 -18.42
N THR B 255 -13.91 -13.19 -19.11
CA THR B 255 -13.70 -14.55 -19.61
C THR B 255 -13.46 -15.49 -18.44
N THR B 256 -13.99 -16.71 -18.57
CA THR B 256 -13.86 -17.68 -17.50
C THR B 256 -12.40 -17.83 -17.10
N GLY B 257 -11.49 -17.73 -18.07
CA GLY B 257 -10.08 -17.89 -17.77
C GLY B 257 -9.55 -16.84 -16.79
N VAL B 258 -10.02 -15.58 -16.93
CA VAL B 258 -9.60 -14.51 -16.01
C VAL B 258 -9.83 -14.95 -14.57
N LEU B 259 -11.04 -15.46 -14.29
CA LEU B 259 -11.37 -15.83 -12.92
C LEU B 259 -10.46 -16.93 -12.39
N LEU B 260 -10.17 -17.95 -13.20
CA LEU B 260 -9.30 -19.04 -12.76
C LEU B 260 -7.93 -18.52 -12.34
N GLN B 261 -7.30 -17.67 -13.17
CA GLN B 261 -6.02 -17.09 -12.73
C GLN B 261 -6.19 -16.28 -11.44
N GLN B 262 -7.34 -15.61 -11.26
CA GLN B 262 -7.55 -14.81 -10.04
C GLN B 262 -7.64 -15.65 -8.78
N LEU B 263 -7.99 -16.92 -8.92
CA LEU B 263 -8.03 -17.80 -7.75
C LEU B 263 -6.70 -17.89 -7.03
N GLN B 264 -5.57 -17.78 -7.73
CA GLN B 264 -4.31 -17.91 -7.01
C GLN B 264 -4.26 -16.93 -5.84
N SER B 265 -4.64 -15.68 -6.11
CA SER B 265 -4.59 -14.63 -5.11
C SER B 265 -5.76 -14.66 -4.16
N ASP B 266 -6.90 -15.19 -4.61
CA ASP B 266 -8.15 -15.20 -3.84
C ASP B 266 -8.79 -16.58 -3.99
N PRO B 267 -8.21 -17.59 -3.35
CA PRO B 267 -8.60 -18.97 -3.67
C PRO B 267 -10.04 -19.29 -3.32
N LEU B 268 -10.64 -18.58 -2.36
CA LEU B 268 -11.99 -18.91 -1.91
C LEU B 268 -13.01 -17.82 -2.23
N MET B 269 -12.74 -16.99 -3.23
CA MET B 269 -13.77 -16.10 -3.78
C MET B 269 -14.36 -15.18 -2.72
N HIS B 270 -13.51 -14.62 -1.85
CA HIS B 270 -14.03 -13.63 -0.92
C HIS B 270 -14.22 -12.26 -1.55
N ASN B 271 -13.72 -12.06 -2.77
CA ASN B 271 -13.76 -10.76 -3.40
C ASN B 271 -14.97 -10.60 -4.32
N LEU B 272 -15.99 -11.42 -4.12
CA LEU B 272 -17.23 -11.30 -4.87
C LEU B 272 -18.38 -11.79 -4.00
N SER B 273 -19.57 -11.26 -4.24
CA SER B 273 -20.76 -11.64 -3.50
C SER B 273 -21.66 -12.60 -4.27
N VAL B 274 -21.67 -12.52 -5.60
CA VAL B 274 -22.46 -13.38 -6.48
C VAL B 274 -21.55 -13.76 -7.64
N LEU B 275 -21.44 -15.07 -7.90
CA LEU B 275 -20.72 -15.64 -9.05
C LEU B 275 -21.74 -16.20 -10.03
N ILE B 276 -21.71 -15.72 -11.28
CA ILE B 276 -22.61 -16.13 -12.36
C ILE B 276 -21.80 -16.84 -13.44
N LEU B 277 -21.99 -18.16 -13.58
CA LEU B 277 -21.41 -18.94 -14.67
C LEU B 277 -22.39 -19.07 -15.82
N ASP B 278 -22.01 -18.57 -16.98
CA ASP B 278 -22.82 -18.66 -18.18
C ASP B 278 -22.24 -19.68 -19.16
N GLU B 279 -23.10 -20.11 -20.09
CA GLU B 279 -22.73 -20.97 -21.22
C GLU B 279 -22.02 -22.24 -20.78
N ILE B 280 -22.46 -22.81 -19.65
CA ILE B 280 -21.84 -24.03 -19.14
C ILE B 280 -22.16 -25.24 -20.00
N HIS B 281 -23.26 -25.20 -20.74
CA HIS B 281 -23.65 -26.34 -21.57
C HIS B 281 -22.61 -26.62 -22.64
N GLU B 282 -21.75 -25.63 -22.95
CA GLU B 282 -20.66 -25.81 -23.89
C GLU B 282 -19.52 -26.68 -23.38
N ARG B 283 -19.47 -26.94 -22.07
CA ARG B 283 -18.48 -27.86 -21.48
C ARG B 283 -17.04 -27.45 -21.78
N SER B 284 -16.80 -26.13 -21.88
CA SER B 284 -15.44 -25.64 -21.95
C SER B 284 -14.65 -26.10 -20.72
N VAL B 285 -13.34 -26.26 -20.89
CA VAL B 285 -12.48 -26.71 -19.80
C VAL B 285 -12.66 -25.82 -18.57
N GLU B 286 -12.76 -24.53 -18.80
CA GLU B 286 -12.73 -23.58 -17.70
C GLU B 286 -13.98 -23.69 -16.83
N THR B 287 -15.18 -23.82 -17.45
CA THR B 287 -16.41 -23.94 -16.65
C THR B 287 -16.47 -25.28 -15.91
N ASP B 288 -16.10 -26.38 -16.59
CA ASP B 288 -16.07 -27.69 -15.95
C ASP B 288 -15.13 -27.70 -14.75
N LEU B 289 -13.96 -27.05 -14.85
CA LEU B 289 -13.08 -26.92 -13.70
C LEU B 289 -13.69 -26.09 -12.60
N LEU B 290 -14.22 -24.93 -12.96
CA LEU B 290 -14.77 -24.03 -11.96
C LEU B 290 -15.82 -24.72 -11.11
N MET B 291 -16.66 -25.55 -11.73
CA MET B 291 -17.74 -26.17 -10.97
C MET B 291 -17.19 -27.20 -9.98
N GLY B 292 -16.22 -28.02 -10.41
CA GLY B 292 -15.57 -28.92 -9.49
C GLY B 292 -14.89 -28.19 -8.35
N LEU B 293 -14.27 -27.04 -8.65
CA LEU B 293 -13.68 -26.24 -7.57
C LEU B 293 -14.76 -25.65 -6.66
N LEU B 294 -15.92 -25.26 -7.21
CA LEU B 294 -16.98 -24.73 -6.36
C LEU B 294 -17.41 -25.74 -5.31
N LYS B 295 -17.37 -27.03 -5.65
CA LYS B 295 -17.63 -28.07 -4.65
C LYS B 295 -16.62 -28.00 -3.50
N VAL B 296 -15.38 -27.59 -3.79
CA VAL B 296 -14.38 -27.48 -2.72
C VAL B 296 -14.60 -26.21 -1.92
N ILE B 297 -15.01 -25.12 -2.60
CA ILE B 297 -15.10 -23.81 -1.97
C ILE B 297 -16.40 -23.63 -1.20
N LEU B 298 -17.54 -23.96 -1.81
CA LEU B 298 -18.83 -23.57 -1.25
C LEU B 298 -19.07 -24.06 0.18
N PRO B 299 -18.53 -25.18 0.63
CA PRO B 299 -18.62 -25.50 2.06
C PRO B 299 -17.90 -24.52 2.97
N HIS B 300 -17.00 -23.68 2.46
CA HIS B 300 -16.28 -22.72 3.30
C HIS B 300 -16.71 -21.29 3.06
N ARG B 301 -17.62 -21.06 2.11
CA ARG B 301 -18.13 -19.73 1.76
C ARG B 301 -19.65 -19.77 1.71
N PRO B 302 -20.29 -19.87 2.86
CA PRO B 302 -21.78 -19.99 2.87
C PRO B 302 -22.54 -18.72 2.44
N ASP B 303 -21.96 -17.54 2.64
CA ASP B 303 -22.57 -16.29 2.22
C ASP B 303 -22.45 -16.06 0.71
N LEU B 304 -21.66 -16.89 0.03
CA LEU B 304 -21.49 -16.76 -1.40
C LEU B 304 -22.72 -17.32 -2.11
N LYS B 305 -23.19 -16.58 -3.12
CA LYS B 305 -24.33 -16.95 -3.96
C LYS B 305 -23.79 -17.29 -5.35
N VAL B 306 -24.11 -18.49 -5.85
CA VAL B 306 -23.70 -18.92 -7.18
C VAL B 306 -24.94 -19.14 -8.04
N ILE B 307 -24.89 -18.63 -9.28
CA ILE B 307 -25.97 -18.81 -10.25
C ILE B 307 -25.37 -19.46 -11.48
N LEU B 308 -25.81 -20.68 -11.78
CA LEU B 308 -25.39 -21.33 -13.01
C LEU B 308 -26.32 -20.95 -14.14
N MET B 309 -25.76 -20.84 -15.34
CA MET B 309 -26.59 -20.48 -16.48
C MET B 309 -26.26 -21.33 -17.70
N SER B 310 -27.30 -21.81 -18.35
CA SER B 310 -27.17 -22.81 -19.38
C SER B 310 -28.27 -22.63 -20.42
N ALA B 311 -27.97 -23.04 -21.65
CA ALA B 311 -29.00 -23.31 -22.64
C ALA B 311 -29.61 -24.69 -22.38
N THR B 312 -30.60 -25.05 -23.21
CA THR B 312 -31.31 -26.33 -23.06
C THR B 312 -30.55 -27.47 -23.75
N VAL B 313 -29.35 -27.71 -23.26
CA VAL B 313 -28.46 -28.73 -23.81
C VAL B 313 -27.95 -29.54 -22.63
N ARG B 314 -28.57 -30.69 -22.38
CA ARG B 314 -28.34 -31.53 -21.20
C ARG B 314 -28.31 -30.71 -19.92
N GLU B 315 -29.26 -29.77 -19.78
CA GLU B 315 -29.32 -28.95 -18.59
C GLU B 315 -29.40 -29.78 -17.30
N GLN B 316 -29.96 -31.00 -17.38
CA GLN B 316 -30.12 -31.80 -16.17
C GLN B 316 -28.78 -32.25 -15.56
N ASP B 317 -27.72 -32.39 -16.38
CA ASP B 317 -26.41 -32.79 -15.86
C ASP B 317 -25.94 -31.87 -14.74
N PHE B 318 -26.18 -30.56 -14.91
CA PHE B 318 -25.79 -29.56 -13.94
C PHE B 318 -26.72 -29.51 -12.76
N CYS B 319 -28.00 -29.74 -12.98
CA CYS B 319 -28.88 -29.81 -11.84
C CYS B 319 -28.54 -31.02 -10.97
N ASP B 320 -28.28 -32.17 -11.59
CA ASP B 320 -27.86 -33.34 -10.81
C ASP B 320 -26.52 -33.08 -10.10
N TYR B 321 -25.56 -32.50 -10.83
CA TYR B 321 -24.22 -32.32 -10.28
C TYR B 321 -24.26 -31.49 -9.01
N PHE B 322 -25.03 -30.41 -9.01
CA PHE B 322 -25.23 -29.72 -7.75
C PHE B 322 -26.48 -30.17 -7.00
N ASN B 323 -26.63 -31.49 -6.80
CA ASN B 323 -27.50 -32.03 -5.75
C ASN B 323 -28.96 -31.56 -5.86
N ASN B 324 -29.47 -31.43 -7.09
CA ASN B 324 -30.86 -30.98 -7.36
C ASN B 324 -31.18 -29.61 -6.77
N CYS B 325 -30.34 -28.64 -7.08
CA CYS B 325 -30.64 -27.23 -6.81
C CYS B 325 -31.82 -26.73 -7.65
N PRO B 326 -32.45 -25.63 -7.23
CA PRO B 326 -33.56 -25.05 -8.01
C PRO B 326 -33.15 -24.75 -9.43
N MET B 327 -34.10 -24.90 -10.34
CA MET B 327 -33.77 -24.77 -11.75
C MET B 327 -34.92 -24.01 -12.41
N PHE B 328 -34.61 -22.85 -12.97
CA PHE B 328 -35.61 -22.08 -13.68
C PHE B 328 -35.52 -22.41 -15.16
N ARG B 329 -36.65 -22.53 -15.79
CA ARG B 329 -36.68 -22.66 -17.24
C ARG B 329 -37.33 -21.39 -17.74
N ILE B 330 -36.57 -20.62 -18.49
CA ILE B 330 -37.03 -19.36 -19.00
C ILE B 330 -37.27 -19.56 -20.48
N GLU B 331 -38.51 -19.33 -20.86
CA GLU B 331 -38.96 -19.47 -22.22
C GLU B 331 -38.39 -18.37 -23.06
N GLY B 332 -38.40 -18.60 -24.34
CA GLY B 332 -38.13 -17.54 -25.28
C GLY B 332 -37.05 -17.76 -26.28
N VAL B 333 -37.38 -17.17 -27.40
CA VAL B 333 -36.70 -17.37 -28.62
C VAL B 333 -36.52 -16.01 -29.30
N MET B 334 -35.98 -16.10 -30.49
CA MET B 334 -35.87 -15.13 -31.55
C MET B 334 -36.69 -15.79 -32.66
N PHE B 335 -36.70 -15.24 -33.85
CA PHE B 335 -37.72 -15.64 -34.81
C PHE B 335 -37.66 -17.14 -35.10
N PRO B 336 -38.82 -17.75 -35.37
CA PRO B 336 -38.88 -19.22 -35.54
C PRO B 336 -38.14 -19.65 -36.80
N VAL B 337 -37.37 -20.73 -36.68
CA VAL B 337 -36.60 -21.26 -37.80
C VAL B 337 -37.14 -22.65 -38.17
N LYS B 338 -37.58 -22.80 -39.42
CA LYS B 338 -38.17 -24.05 -39.89
C LYS B 338 -37.07 -25.03 -40.29
N MET B 339 -37.17 -26.27 -39.78
CA MET B 339 -36.18 -27.33 -40.01
C MET B 339 -36.61 -28.25 -41.14
N LEU B 340 -35.81 -28.31 -42.18
CA LEU B 340 -35.96 -29.30 -43.21
C LEU B 340 -34.76 -30.26 -43.17
N TYR B 341 -35.01 -31.55 -43.41
CA TYR B 341 -34.00 -32.60 -43.41
C TYR B 341 -33.83 -33.13 -44.82
N LEU B 342 -32.94 -34.13 -44.98
CA LEU B 342 -32.48 -34.50 -46.32
C LEU B 342 -33.66 -34.94 -47.20
N GLU B 343 -34.63 -35.61 -46.60
CA GLU B 343 -35.87 -35.97 -47.28
C GLU B 343 -36.63 -34.73 -47.75
N ASP B 344 -36.72 -33.70 -46.92
CA ASP B 344 -37.38 -32.49 -47.36
C ASP B 344 -36.57 -31.75 -48.44
N VAL B 345 -35.25 -31.76 -48.34
CA VAL B 345 -34.46 -31.00 -49.31
C VAL B 345 -34.56 -31.61 -50.70
N LEU B 346 -34.34 -32.92 -50.82
CA LEU B 346 -34.43 -33.56 -52.13
C LEU B 346 -35.84 -33.46 -52.69
N SER B 347 -36.84 -33.43 -51.82
CA SER B 347 -38.23 -33.25 -52.26
C SER B 347 -38.44 -31.92 -52.98
N LYS B 348 -37.79 -30.83 -52.51
CA LYS B 348 -38.00 -29.53 -53.12
C LYS B 348 -37.09 -29.28 -54.33
N THR B 349 -35.81 -29.64 -54.25
CA THR B 349 -34.85 -29.29 -55.30
C THR B 349 -34.69 -30.38 -56.34
N ASN B 350 -35.09 -31.62 -56.02
CA ASN B 350 -35.02 -32.75 -56.95
C ASN B 350 -33.62 -32.94 -57.48
N TYR B 351 -32.61 -32.63 -56.67
CA TYR B 351 -31.25 -32.84 -57.13
C TYR B 351 -30.98 -34.34 -57.30
N GLU B 352 -30.16 -34.65 -58.30
CA GLU B 352 -29.78 -36.02 -58.65
C GLU B 352 -28.28 -36.20 -58.51
N PHE B 353 -27.88 -37.31 -57.91
CA PHE B 353 -26.48 -37.61 -57.61
C PHE B 353 -25.82 -38.41 -58.74
N GLN B 354 -24.53 -38.13 -58.98
CA GLN B 354 -23.75 -38.89 -59.97
C GLN B 354 -22.22 -38.72 -59.81
N PRO B 365 -15.53 -48.32 -51.06
CA PRO B 365 -15.49 -48.67 -49.62
C PRO B 365 -16.40 -49.88 -49.30
N PRO B 366 -15.79 -50.99 -48.84
CA PRO B 366 -16.42 -52.31 -49.06
C PRO B 366 -17.81 -52.44 -48.48
N GLU B 367 -17.98 -52.19 -47.18
CA GLU B 367 -19.25 -52.34 -46.51
C GLU B 367 -20.07 -51.06 -46.45
N ARG B 368 -19.61 -49.99 -47.07
CA ARG B 368 -20.19 -48.67 -46.82
C ARG B 368 -21.67 -48.64 -47.12
N ARG B 369 -22.05 -49.17 -48.27
CA ARG B 369 -23.44 -49.07 -48.71
C ARG B 369 -24.36 -49.84 -47.77
N MET B 370 -23.90 -51.00 -47.31
CA MET B 370 -24.70 -51.85 -46.43
C MET B 370 -24.75 -51.29 -45.01
N LYS B 371 -23.63 -50.76 -44.51
CA LYS B 371 -23.68 -50.05 -43.23
C LYS B 371 -24.70 -48.91 -43.29
N HIS B 372 -24.65 -48.12 -44.36
CA HIS B 372 -25.61 -47.03 -44.55
C HIS B 372 -27.04 -47.53 -44.61
N GLU B 373 -27.27 -48.71 -45.20
CA GLU B 373 -28.64 -49.22 -45.30
C GLU B 373 -29.13 -49.75 -43.96
N ALA B 374 -28.24 -50.34 -43.17
CA ALA B 374 -28.58 -50.79 -41.81
C ALA B 374 -29.10 -49.64 -40.95
N MET B 375 -28.62 -48.42 -41.18
CA MET B 375 -29.02 -47.25 -40.40
C MET B 375 -30.33 -46.65 -40.89
N ILE B 376 -30.50 -46.51 -42.20
CA ILE B 376 -31.58 -45.70 -42.76
C ILE B 376 -32.84 -46.52 -43.12
N GLU B 377 -32.70 -47.79 -43.49
CA GLU B 377 -33.83 -48.59 -43.96
C GLU B 377 -34.96 -48.69 -42.93
N PRO B 378 -34.71 -48.97 -41.66
CA PRO B 378 -35.83 -48.93 -40.69
C PRO B 378 -36.60 -47.62 -40.73
N TYR B 379 -35.92 -46.49 -40.96
CA TYR B 379 -36.59 -45.20 -41.10
C TYR B 379 -37.38 -45.12 -42.39
N LEU B 380 -36.75 -45.44 -43.51
CA LEU B 380 -37.42 -45.37 -44.81
C LEU B 380 -38.73 -46.15 -44.82
N ARG B 381 -38.84 -47.21 -44.02
CA ARG B 381 -40.04 -48.04 -44.02
C ARG B 381 -41.19 -47.27 -43.38
N ARG B 382 -40.93 -46.65 -42.22
CA ARG B 382 -41.96 -45.94 -41.47
C ARG B 382 -42.50 -44.72 -42.22
N ILE B 383 -41.79 -44.21 -43.23
CA ILE B 383 -42.19 -43.01 -43.96
C ILE B 383 -42.52 -43.29 -45.42
N ARG B 384 -42.73 -44.57 -45.77
CA ARG B 384 -42.99 -44.99 -47.15
C ARG B 384 -44.09 -44.16 -47.82
N ASN B 385 -45.10 -43.74 -47.05
CA ASN B 385 -46.20 -42.91 -47.53
C ASN B 385 -45.99 -41.41 -47.38
N SER B 386 -44.95 -40.95 -46.67
CA SER B 386 -44.77 -39.53 -46.40
C SER B 386 -43.89 -38.77 -47.40
N TYR B 387 -43.10 -39.46 -48.21
CA TYR B 387 -42.25 -38.85 -49.23
C TYR B 387 -42.37 -39.65 -50.51
N ASP B 388 -42.16 -39.00 -51.65
CA ASP B 388 -42.21 -39.71 -52.91
C ASP B 388 -41.24 -40.87 -52.87
N SER B 389 -41.44 -41.90 -53.67
CA SER B 389 -40.55 -43.04 -53.60
C SER B 389 -39.19 -42.73 -54.24
N ARG B 390 -39.14 -41.76 -55.14
CA ARG B 390 -37.85 -41.41 -55.74
C ARG B 390 -36.92 -40.77 -54.71
N VAL B 391 -37.47 -39.97 -53.80
CA VAL B 391 -36.66 -39.37 -52.74
C VAL B 391 -36.04 -40.47 -51.86
N LEU B 392 -36.87 -41.35 -51.31
CA LEU B 392 -36.36 -42.38 -50.42
C LEU B 392 -35.29 -43.24 -51.10
N ASP B 393 -35.30 -43.32 -52.43
CA ASP B 393 -34.23 -44.03 -53.13
C ASP B 393 -32.90 -43.27 -53.04
N LYS B 394 -32.95 -41.92 -53.11
CA LYS B 394 -31.73 -41.14 -53.00
C LYS B 394 -31.15 -41.15 -51.58
N LEU B 395 -32.00 -41.14 -50.55
CA LEU B 395 -31.48 -41.25 -49.18
C LEU B 395 -30.70 -42.55 -48.97
N ARG B 396 -30.95 -43.58 -49.78
CA ARG B 396 -30.18 -44.82 -49.73
C ARG B 396 -28.77 -44.65 -50.24
N LEU B 397 -28.53 -43.66 -51.08
CA LEU B 397 -27.17 -43.27 -51.47
C LEU B 397 -26.36 -42.81 -50.27
N PRO B 398 -25.24 -43.46 -49.95
CA PRO B 398 -24.42 -43.00 -48.81
C PRO B 398 -23.87 -41.57 -48.95
N GLU B 399 -23.77 -41.05 -50.17
CA GLU B 399 -23.20 -39.74 -50.40
C GLU B 399 -24.25 -38.63 -50.43
N SER B 400 -25.52 -38.98 -50.23
CA SER B 400 -26.56 -37.96 -50.15
C SER B 400 -26.44 -37.17 -48.85
N GLU B 401 -25.92 -37.79 -47.81
CA GLU B 401 -25.79 -37.14 -46.52
C GLU B 401 -24.39 -36.58 -46.38
N GLY B 402 -24.32 -35.49 -45.64
CA GLY B 402 -23.09 -34.77 -45.45
C GLY B 402 -22.87 -33.78 -46.57
N CYS B 403 -21.60 -33.56 -46.91
CA CYS B 403 -21.15 -32.66 -47.96
C CYS B 403 -20.20 -33.37 -48.93
N GLU B 404 -20.52 -34.62 -49.30
CA GLU B 404 -19.66 -35.36 -50.21
C GLU B 404 -19.72 -34.79 -51.62
N ASP B 405 -20.92 -34.47 -52.09
CA ASP B 405 -21.15 -33.85 -53.39
C ASP B 405 -21.33 -32.34 -53.14
N ILE B 406 -20.31 -31.54 -53.48
CA ILE B 406 -20.44 -30.11 -53.25
C ILE B 406 -21.44 -29.47 -54.21
N ASP B 407 -21.60 -30.03 -55.42
CA ASP B 407 -22.56 -29.46 -56.37
C ASP B 407 -23.99 -29.58 -55.87
N PHE B 408 -24.27 -30.57 -55.02
CA PHE B 408 -25.56 -30.64 -54.33
C PHE B 408 -25.77 -29.42 -53.44
N ILE B 409 -24.76 -29.09 -52.61
CA ILE B 409 -24.85 -27.88 -51.83
C ILE B 409 -24.90 -26.66 -52.74
N ALA B 410 -24.11 -26.66 -53.81
CA ALA B 410 -24.22 -25.60 -54.79
C ALA B 410 -25.66 -25.48 -55.28
N ASP B 411 -26.26 -26.63 -55.59
CA ASP B 411 -27.62 -26.59 -56.12
C ASP B 411 -28.62 -26.10 -55.06
N LEU B 412 -28.37 -26.42 -53.78
CA LEU B 412 -29.32 -25.96 -52.76
C LEU B 412 -29.25 -24.45 -52.56
N VAL B 413 -28.09 -23.85 -52.80
CA VAL B 413 -27.97 -22.40 -52.76
C VAL B 413 -28.67 -21.79 -53.95
N TYR B 414 -28.43 -22.33 -55.14
CA TYR B 414 -29.15 -21.83 -56.30
C TYR B 414 -30.65 -21.93 -56.10
N TYR B 415 -31.13 -23.02 -55.48
CA TYR B 415 -32.55 -23.15 -55.21
C TYR B 415 -33.05 -22.04 -54.28
N ILE B 416 -32.33 -21.79 -53.19
CA ILE B 416 -32.78 -20.78 -52.25
C ILE B 416 -32.77 -19.40 -52.91
N CYS B 417 -31.81 -19.17 -53.82
CA CYS B 417 -31.72 -17.89 -54.55
C CYS B 417 -32.96 -17.60 -55.38
N GLU B 418 -33.60 -18.63 -55.93
CA GLU B 418 -34.75 -18.42 -56.81
C GLU B 418 -36.05 -18.31 -56.03
N ASN B 419 -36.36 -19.33 -55.23
CA ASN B 419 -37.68 -19.50 -54.65
C ASN B 419 -37.90 -18.96 -53.24
N GLU B 420 -36.91 -18.34 -52.62
CA GLU B 420 -37.13 -17.79 -51.29
C GLU B 420 -36.99 -16.27 -51.23
N PRO B 421 -37.56 -15.64 -50.18
CA PRO B 421 -37.48 -14.18 -50.06
C PRO B 421 -36.05 -13.74 -49.73
N GLU B 422 -35.87 -12.44 -49.53
CA GLU B 422 -34.55 -11.91 -49.21
C GLU B 422 -34.01 -12.56 -47.96
N GLY B 423 -32.71 -12.81 -47.97
CA GLY B 423 -31.98 -13.24 -46.80
C GLY B 423 -30.66 -13.85 -47.19
N ALA B 424 -29.76 -13.95 -46.22
CA ALA B 424 -28.43 -14.49 -46.49
C ALA B 424 -28.38 -15.99 -46.21
N ILE B 425 -27.54 -16.69 -46.97
CA ILE B 425 -27.39 -18.14 -46.85
C ILE B 425 -26.09 -18.40 -46.10
N LEU B 426 -26.17 -19.14 -45.00
CA LEU B 426 -24.99 -19.45 -44.21
C LEU B 426 -24.74 -20.94 -44.36
N VAL B 427 -23.63 -21.30 -45.00
CA VAL B 427 -23.35 -22.68 -45.33
C VAL B 427 -22.28 -23.22 -44.39
N PHE B 428 -22.60 -24.28 -43.65
CA PHE B 428 -21.69 -24.86 -42.70
C PHE B 428 -21.00 -26.08 -43.32
N LEU B 429 -19.72 -25.96 -43.62
CA LEU B 429 -18.95 -27.06 -44.18
C LEU B 429 -17.80 -27.38 -43.23
N PRO B 430 -17.27 -28.60 -43.27
CA PRO B 430 -16.38 -29.03 -42.18
C PRO B 430 -15.06 -28.28 -42.13
N GLY B 431 -14.39 -28.09 -43.27
CA GLY B 431 -13.05 -27.55 -43.20
C GLY B 431 -12.63 -26.69 -44.39
N TYR B 432 -11.35 -26.28 -44.38
CA TYR B 432 -10.81 -25.39 -45.40
C TYR B 432 -10.98 -25.96 -46.81
N ASP B 433 -10.73 -27.26 -46.99
CA ASP B 433 -10.78 -27.85 -48.32
C ASP B 433 -12.17 -27.75 -48.95
N LYS B 434 -13.22 -28.14 -48.20
CA LYS B 434 -14.56 -28.13 -48.80
C LYS B 434 -15.05 -26.71 -49.04
N ILE B 435 -14.56 -25.74 -48.27
CA ILE B 435 -14.89 -24.35 -48.52
C ILE B 435 -14.23 -23.86 -49.80
N SER B 436 -13.00 -24.28 -50.07
CA SER B 436 -12.40 -23.96 -51.36
C SER B 436 -13.28 -24.53 -52.46
N GLN B 437 -13.70 -25.78 -52.29
CA GLN B 437 -14.45 -26.42 -53.35
C GLN B 437 -15.71 -25.63 -53.66
N LEU B 438 -16.51 -25.33 -52.62
CA LEU B 438 -17.77 -24.64 -52.81
C LEU B 438 -17.59 -23.20 -53.27
N TYR B 439 -16.54 -22.53 -52.80
CA TYR B 439 -16.30 -21.18 -53.28
C TYR B 439 -16.02 -21.20 -54.78
N ASN B 440 -15.14 -22.09 -55.23
CA ASN B 440 -14.83 -22.21 -56.65
C ASN B 440 -15.99 -22.67 -57.49
N ILE B 441 -16.87 -23.53 -56.95
CA ILE B 441 -18.04 -23.92 -57.72
C ILE B 441 -18.94 -22.72 -57.97
N LEU B 442 -19.16 -21.90 -56.94
CA LEU B 442 -19.97 -20.70 -57.08
C LEU B 442 -19.24 -19.58 -57.84
N ASP B 443 -17.92 -19.61 -57.91
CA ASP B 443 -17.14 -18.54 -58.53
C ASP B 443 -16.78 -18.82 -59.99
N LYS B 444 -16.56 -20.08 -60.35
CA LYS B 444 -16.21 -20.50 -61.70
C LYS B 444 -17.09 -21.69 -62.09
N PRO B 445 -18.38 -21.45 -62.33
CA PRO B 445 -19.31 -22.56 -62.54
C PRO B 445 -19.18 -23.22 -63.92
N LYS B 446 -19.36 -24.55 -63.91
CA LYS B 446 -19.45 -25.36 -65.11
C LYS B 446 -20.89 -25.60 -65.56
N THR B 447 -21.86 -25.37 -64.68
CA THR B 447 -23.26 -25.62 -65.00
C THR B 447 -23.94 -24.39 -65.57
N SER B 448 -25.07 -24.64 -66.27
CA SER B 448 -25.88 -23.54 -66.79
C SER B 448 -26.50 -22.73 -65.66
N LYS B 449 -27.16 -23.41 -64.73
CA LYS B 449 -27.80 -22.75 -63.60
C LYS B 449 -26.83 -21.88 -62.79
N GLY B 450 -25.57 -22.33 -62.68
CA GLY B 450 -24.61 -21.56 -61.91
C GLY B 450 -24.20 -20.26 -62.57
N GLN B 451 -24.02 -20.27 -63.90
CA GLN B 451 -23.63 -19.03 -64.58
C GLN B 451 -24.74 -17.97 -64.50
N ARG B 452 -26.00 -18.40 -64.57
CA ARG B 452 -27.13 -17.48 -64.42
C ARG B 452 -27.03 -16.66 -63.12
N TRP B 453 -26.62 -17.30 -62.03
CA TRP B 453 -26.67 -16.73 -60.69
C TRP B 453 -25.35 -16.11 -60.25
N ARG B 454 -24.26 -16.41 -60.97
CA ARG B 454 -22.93 -16.10 -60.48
C ARG B 454 -22.78 -14.63 -60.08
N ASP B 455 -23.20 -13.72 -60.95
CA ASP B 455 -23.02 -12.30 -60.62
C ASP B 455 -24.08 -11.75 -59.69
N HIS B 456 -25.04 -12.57 -59.25
CA HIS B 456 -26.09 -12.11 -58.35
C HIS B 456 -25.86 -12.62 -56.92
N MET B 457 -24.68 -13.19 -56.66
CA MET B 457 -24.24 -13.55 -55.32
C MET B 457 -23.02 -12.74 -54.91
N ALA B 458 -22.93 -12.49 -53.60
CA ALA B 458 -21.77 -11.91 -52.92
C ALA B 458 -21.25 -12.93 -51.91
N VAL B 459 -20.15 -13.62 -52.24
CA VAL B 459 -19.77 -14.85 -51.56
C VAL B 459 -18.62 -14.59 -50.59
N PHE B 460 -18.83 -14.91 -49.31
CA PHE B 460 -17.81 -14.73 -48.28
C PHE B 460 -17.37 -16.07 -47.68
N PRO B 461 -16.09 -16.44 -47.81
CA PRO B 461 -15.58 -17.57 -47.02
C PRO B 461 -15.19 -17.09 -45.64
N LEU B 462 -15.49 -17.91 -44.63
CA LEU B 462 -15.35 -17.53 -43.23
C LEU B 462 -14.61 -18.64 -42.48
N HIS B 463 -13.39 -18.32 -42.04
CA HIS B 463 -12.48 -19.32 -41.47
C HIS B 463 -11.47 -18.60 -40.59
N SER B 464 -11.02 -19.28 -39.53
CA SER B 464 -10.15 -18.63 -38.55
C SER B 464 -8.83 -18.17 -39.15
N LEU B 465 -8.36 -18.82 -40.21
CA LEU B 465 -7.16 -18.43 -40.91
C LEU B 465 -7.39 -17.46 -42.06
N MET B 466 -8.60 -16.97 -42.25
CA MET B 466 -8.90 -16.09 -43.37
C MET B 466 -9.30 -14.71 -42.86
N GLN B 467 -9.00 -13.70 -43.68
CA GLN B 467 -9.18 -12.32 -43.26
C GLN B 467 -10.65 -11.89 -43.17
N SER B 468 -11.58 -12.58 -43.85
CA SER B 468 -12.97 -12.11 -43.93
C SER B 468 -13.61 -11.93 -42.55
N GLY B 469 -13.21 -12.73 -41.55
CA GLY B 469 -13.80 -12.57 -40.23
C GLY B 469 -13.46 -11.25 -39.57
N GLU B 470 -12.33 -10.65 -39.94
CA GLU B 470 -11.84 -9.43 -39.31
C GLU B 470 -12.10 -8.17 -40.15
N GLN B 471 -12.96 -8.27 -41.16
CA GLN B 471 -13.38 -7.13 -41.97
C GLN B 471 -14.87 -6.98 -41.80
N GLN B 472 -15.38 -5.77 -42.02
CA GLN B 472 -16.79 -5.51 -41.74
C GLN B 472 -17.74 -5.88 -42.88
N ALA B 473 -17.25 -6.43 -43.98
CA ALA B 473 -18.11 -6.64 -45.15
C ALA B 473 -19.11 -7.77 -44.90
N VAL B 474 -18.62 -8.91 -44.40
CA VAL B 474 -19.46 -10.08 -44.16
C VAL B 474 -20.58 -9.81 -43.17
N PHE B 475 -20.51 -8.71 -42.42
CA PHE B 475 -21.53 -8.42 -41.41
C PHE B 475 -22.61 -7.46 -41.90
N ARG B 476 -22.35 -6.72 -42.97
CA ARG B 476 -23.30 -5.76 -43.54
C ARG B 476 -24.16 -6.42 -44.63
N ARG B 477 -25.24 -5.72 -45.00
CA ARG B 477 -26.12 -6.25 -46.03
C ARG B 477 -25.50 -6.09 -47.43
N PRO B 478 -25.81 -7.01 -48.34
CA PRO B 478 -25.16 -7.01 -49.64
C PRO B 478 -25.72 -5.91 -50.53
N PRO B 479 -25.05 -5.58 -51.64
CA PRO B 479 -25.59 -4.58 -52.57
C PRO B 479 -26.96 -4.95 -53.09
N ALA B 480 -27.66 -3.95 -53.60
CA ALA B 480 -28.95 -4.20 -54.23
C ALA B 480 -28.76 -5.18 -55.38
N GLY B 481 -29.74 -6.06 -55.59
CA GLY B 481 -29.65 -7.06 -56.64
C GLY B 481 -28.67 -8.19 -56.43
N GLN B 482 -28.00 -8.25 -55.28
CA GLN B 482 -27.18 -9.39 -54.90
C GLN B 482 -27.65 -9.93 -53.55
N ARG B 483 -27.52 -11.25 -53.39
CA ARG B 483 -27.77 -11.94 -52.12
C ARG B 483 -26.45 -12.42 -51.56
N LYS B 484 -26.22 -12.19 -50.28
CA LYS B 484 -24.98 -12.63 -49.63
C LYS B 484 -25.02 -14.12 -49.27
N VAL B 485 -23.95 -14.84 -49.64
CA VAL B 485 -23.78 -16.26 -49.34
C VAL B 485 -22.48 -16.45 -48.57
N ILE B 486 -22.58 -16.98 -47.35
CA ILE B 486 -21.43 -17.18 -46.48
C ILE B 486 -21.13 -18.68 -46.40
N ILE B 487 -19.91 -19.06 -46.80
CA ILE B 487 -19.42 -20.43 -46.78
C ILE B 487 -18.43 -20.52 -45.62
N SER B 488 -18.82 -21.22 -44.56
CA SER B 488 -18.14 -21.13 -43.27
C SER B 488 -17.90 -22.49 -42.59
N THR B 489 -16.89 -22.51 -41.74
CA THR B 489 -16.71 -23.62 -40.80
C THR B 489 -17.57 -23.36 -39.58
N ILE B 490 -17.38 -24.20 -38.56
CA ILE B 490 -18.16 -24.10 -37.35
C ILE B 490 -18.03 -22.75 -36.67
N ILE B 491 -17.07 -21.91 -37.13
CA ILE B 491 -16.81 -20.62 -36.51
C ILE B 491 -18.07 -19.74 -36.38
N ALA B 492 -18.99 -19.80 -37.35
CA ALA B 492 -20.20 -18.98 -37.25
C ALA B 492 -21.29 -19.57 -36.32
N GLU B 493 -20.99 -20.67 -35.62
CA GLU B 493 -21.92 -21.26 -34.66
C GLU B 493 -21.96 -20.46 -33.36
N THR B 494 -20.80 -20.18 -32.75
CA THR B 494 -20.80 -19.27 -31.61
C THR B 494 -19.83 -18.10 -31.73
N SER B 495 -18.64 -18.33 -32.31
CA SER B 495 -17.57 -17.32 -32.26
C SER B 495 -17.94 -16.07 -33.05
N VAL B 496 -18.44 -16.26 -34.26
CA VAL B 496 -18.75 -15.18 -35.18
C VAL B 496 -20.27 -15.16 -35.33
N THR B 497 -20.84 -13.96 -35.38
CA THR B 497 -22.28 -13.81 -35.46
C THR B 497 -22.57 -12.87 -36.63
N ILE B 498 -23.33 -13.34 -37.60
CA ILE B 498 -23.77 -12.54 -38.75
C ILE B 498 -25.28 -12.33 -38.66
N ASP B 499 -25.72 -11.07 -38.69
CA ASP B 499 -27.09 -10.81 -38.24
C ASP B 499 -28.15 -11.08 -39.30
N ASP B 500 -27.89 -10.92 -40.60
CA ASP B 500 -28.97 -11.04 -41.58
C ASP B 500 -29.10 -12.45 -42.18
N VAL B 501 -28.50 -13.46 -41.56
CA VAL B 501 -28.70 -14.81 -42.04
C VAL B 501 -30.18 -15.16 -41.91
N VAL B 502 -30.78 -15.61 -43.02
CA VAL B 502 -32.13 -16.17 -43.01
C VAL B 502 -32.15 -17.65 -43.37
N TYR B 503 -31.16 -18.16 -44.08
CA TYR B 503 -31.16 -19.54 -44.53
C TYR B 503 -29.84 -20.18 -44.11
N VAL B 504 -29.93 -21.31 -43.45
CA VAL B 504 -28.76 -22.02 -42.97
C VAL B 504 -28.77 -23.37 -43.67
N ILE B 505 -27.70 -23.67 -44.39
CA ILE B 505 -27.48 -25.02 -44.88
C ILE B 505 -26.54 -25.69 -43.89
N ASN B 506 -27.01 -26.72 -43.20
CA ASN B 506 -26.22 -27.44 -42.22
C ASN B 506 -25.76 -28.77 -42.83
N SER B 507 -24.50 -28.83 -43.27
CA SER B 507 -23.97 -30.06 -43.83
C SER B 507 -23.89 -31.17 -42.79
N GLY B 508 -23.88 -30.83 -41.50
CA GLY B 508 -23.73 -31.81 -40.45
C GLY B 508 -22.33 -32.35 -40.23
N ARG B 509 -21.36 -31.94 -41.04
CA ARG B 509 -19.98 -32.41 -40.89
C ARG B 509 -19.07 -31.28 -40.41
N THR B 510 -18.22 -31.62 -39.44
CA THR B 510 -17.21 -30.76 -38.84
C THR B 510 -15.92 -31.56 -38.77
N LYS B 511 -14.84 -30.90 -38.37
CA LYS B 511 -13.59 -31.61 -38.13
C LYS B 511 -13.27 -31.51 -36.65
N ALA B 512 -12.64 -32.55 -36.10
CA ALA B 512 -12.30 -32.48 -34.67
C ALA B 512 -10.96 -33.15 -34.45
N THR B 513 -10.17 -32.58 -33.51
CA THR B 513 -8.85 -33.12 -33.19
C THR B 513 -8.97 -34.01 -31.98
N ASN B 514 -8.42 -35.22 -32.11
CA ASN B 514 -8.52 -36.28 -31.11
C ASN B 514 -7.13 -36.76 -30.80
N TYR B 515 -6.81 -36.78 -29.52
CA TYR B 515 -5.61 -37.43 -29.06
C TYR B 515 -5.90 -38.87 -28.66
N ASP B 516 -5.09 -39.79 -29.18
CA ASP B 516 -5.13 -41.20 -28.82
C ASP B 516 -4.02 -41.49 -27.82
N ILE B 517 -4.40 -41.69 -26.57
CA ILE B 517 -3.46 -41.87 -25.46
C ILE B 517 -2.53 -43.08 -25.66
N GLU B 518 -2.99 -44.13 -26.35
CA GLU B 518 -2.17 -45.34 -26.44
C GLU B 518 -0.98 -45.16 -27.37
N THR B 519 -1.17 -44.51 -28.52
CA THR B 519 -0.11 -44.37 -29.51
C THR B 519 0.50 -42.97 -29.59
N ASN B 520 -0.01 -42.02 -28.82
CA ASN B 520 0.46 -40.65 -28.87
C ASN B 520 0.41 -40.11 -30.29
N ILE B 521 -0.68 -40.39 -30.99
CA ILE B 521 -0.89 -39.84 -32.31
C ILE B 521 -2.12 -38.96 -32.24
N GLN B 522 -1.92 -37.66 -32.41
CA GLN B 522 -3.02 -36.72 -32.54
C GLN B 522 -3.46 -36.60 -33.99
N SER B 523 -4.77 -36.62 -34.18
CA SER B 523 -5.37 -36.67 -35.50
C SER B 523 -6.42 -35.58 -35.68
N LEU B 524 -6.61 -35.21 -36.94
CA LEU B 524 -7.62 -34.26 -37.38
C LEU B 524 -8.54 -35.04 -38.33
N ASP B 525 -9.79 -35.26 -37.91
CA ASP B 525 -10.69 -36.16 -38.61
C ASP B 525 -11.98 -35.42 -38.93
N GLU B 526 -12.61 -35.82 -40.04
CA GLU B 526 -13.97 -35.37 -40.35
C GLU B 526 -14.98 -36.20 -39.55
N VAL B 527 -15.89 -35.51 -38.87
CA VAL B 527 -16.87 -36.18 -38.02
C VAL B 527 -18.25 -35.57 -38.18
N TRP B 528 -19.23 -36.32 -37.72
CA TRP B 528 -20.57 -35.76 -37.64
C TRP B 528 -20.67 -34.79 -36.45
N VAL B 529 -21.50 -33.79 -36.61
CA VAL B 529 -21.83 -32.87 -35.55
C VAL B 529 -22.77 -33.56 -34.62
N THR B 530 -22.99 -32.98 -33.45
CA THR B 530 -23.92 -33.55 -32.48
C THR B 530 -25.27 -32.81 -32.55
N LYS B 531 -26.26 -33.35 -31.85
CA LYS B 531 -27.58 -32.71 -31.88
C LYS B 531 -27.49 -31.28 -31.38
N ALA B 532 -26.75 -31.06 -30.28
CA ALA B 532 -26.54 -29.72 -29.74
C ALA B 532 -26.01 -28.77 -30.81
N ASN B 533 -25.05 -29.22 -31.63
CA ASN B 533 -24.59 -28.38 -32.73
C ASN B 533 -25.77 -27.98 -33.60
N THR B 534 -26.46 -28.99 -34.16
CA THR B 534 -27.50 -28.73 -35.13
C THR B 534 -28.50 -27.71 -34.59
N GLN B 535 -28.88 -27.87 -33.30
CA GLN B 535 -29.77 -26.92 -32.66
C GLN B 535 -29.16 -25.53 -32.63
N GLN B 536 -27.85 -25.43 -32.39
CA GLN B 536 -27.25 -24.11 -32.32
C GLN B 536 -27.20 -23.46 -33.70
N ARG B 537 -26.90 -24.25 -34.75
CA ARG B 537 -26.88 -23.70 -36.11
C ARG B 537 -28.27 -23.26 -36.56
N ARG B 538 -29.32 -23.91 -36.06
CA ARG B 538 -30.70 -23.59 -36.43
C ARG B 538 -31.06 -22.15 -36.04
N GLY B 539 -30.68 -21.73 -34.83
CA GLY B 539 -31.03 -20.40 -34.36
C GLY B 539 -30.37 -19.31 -35.17
N ARG B 540 -29.23 -19.62 -35.79
CA ARG B 540 -28.49 -18.62 -36.55
C ARG B 540 -29.32 -18.02 -37.68
N ALA B 541 -30.40 -18.67 -38.09
CA ALA B 541 -31.25 -18.12 -39.14
C ALA B 541 -32.41 -17.34 -38.53
N GLY B 542 -32.50 -17.32 -37.21
CA GLY B 542 -33.60 -16.71 -36.54
C GLY B 542 -33.29 -15.45 -35.80
N ARG B 543 -32.29 -14.70 -36.23
CA ARG B 543 -31.99 -13.47 -35.51
C ARG B 543 -32.79 -12.29 -36.09
N VAL B 544 -32.85 -12.17 -37.41
CA VAL B 544 -33.53 -11.03 -38.06
C VAL B 544 -35.01 -11.33 -38.35
N ARG B 545 -35.33 -12.43 -38.99
CA ARG B 545 -36.69 -12.72 -39.38
C ARG B 545 -36.91 -14.22 -39.34
N PRO B 546 -38.16 -14.70 -39.47
CA PRO B 546 -38.38 -16.14 -39.57
C PRO B 546 -37.52 -16.75 -40.66
N GLY B 547 -36.76 -17.78 -40.30
CA GLY B 547 -35.85 -18.37 -41.27
C GLY B 547 -36.06 -19.84 -41.56
N ILE B 548 -35.09 -20.44 -42.24
CA ILE B 548 -35.13 -21.84 -42.63
C ILE B 548 -33.76 -22.44 -42.39
N CYS B 549 -33.72 -23.69 -41.94
CA CYS B 549 -32.48 -24.43 -41.78
C CYS B 549 -32.59 -25.71 -42.60
N TYR B 550 -31.67 -25.90 -43.53
CA TYR B 550 -31.63 -27.08 -44.38
C TYR B 550 -30.55 -28.06 -43.90
N ASN B 551 -30.96 -29.22 -43.41
CA ASN B 551 -30.04 -30.20 -42.83
C ASN B 551 -29.80 -31.34 -43.80
N LEU B 552 -28.55 -31.46 -44.28
CA LEU B 552 -28.26 -32.45 -45.32
C LEU B 552 -27.98 -33.85 -44.76
N PHE B 553 -28.90 -34.37 -43.94
CA PHE B 553 -28.86 -35.74 -43.43
C PHE B 553 -30.27 -36.19 -43.10
N SER B 554 -30.49 -37.49 -43.05
CA SER B 554 -31.85 -37.94 -42.77
C SER B 554 -32.14 -37.77 -41.28
N ARG B 555 -33.42 -37.83 -40.92
CA ARG B 555 -33.70 -37.82 -39.50
C ARG B 555 -33.14 -39.07 -38.82
N ALA B 556 -32.96 -40.17 -39.57
CA ALA B 556 -32.33 -41.35 -38.97
C ALA B 556 -30.89 -41.09 -38.57
N ARG B 557 -30.21 -40.20 -39.29
CA ARG B 557 -28.86 -39.83 -38.88
C ARG B 557 -28.88 -39.08 -37.57
N GLU B 558 -29.75 -38.06 -37.48
CA GLU B 558 -29.84 -37.25 -36.26
C GLU B 558 -30.03 -38.13 -35.01
N ASP B 559 -30.88 -39.16 -35.08
CA ASP B 559 -31.01 -40.03 -33.91
C ASP B 559 -29.71 -40.73 -33.56
N ARG B 560 -28.81 -40.92 -34.52
CA ARG B 560 -27.55 -41.58 -34.23
C ARG B 560 -26.45 -40.62 -33.81
N MET B 561 -26.69 -39.32 -33.89
CA MET B 561 -25.72 -38.32 -33.46
C MET B 561 -25.70 -38.20 -31.94
N ASP B 562 -24.53 -37.81 -31.43
CA ASP B 562 -24.37 -37.60 -29.99
C ASP B 562 -25.20 -36.42 -29.50
N ASP B 563 -25.44 -36.38 -28.19
CA ASP B 563 -26.09 -35.24 -27.57
C ASP B 563 -25.23 -33.99 -27.65
N ILE B 564 -23.98 -34.09 -27.19
CA ILE B 564 -23.06 -32.97 -27.14
C ILE B 564 -21.70 -33.41 -27.69
N PRO B 565 -20.80 -32.49 -28.01
CA PRO B 565 -19.41 -32.88 -28.30
C PRO B 565 -18.76 -33.45 -27.07
N THR B 566 -17.70 -34.21 -27.27
CA THR B 566 -16.95 -34.67 -26.11
C THR B 566 -16.53 -33.46 -25.29
N PRO B 567 -16.85 -33.42 -23.97
CA PRO B 567 -16.36 -32.35 -23.10
C PRO B 567 -14.88 -32.06 -23.33
N GLU B 568 -14.51 -30.79 -23.45
CA GLU B 568 -13.18 -30.51 -23.95
C GLU B 568 -12.08 -31.03 -23.00
N ILE B 569 -12.38 -31.17 -21.71
CA ILE B 569 -11.37 -31.66 -20.77
C ILE B 569 -10.93 -33.09 -21.09
N LEU B 570 -11.78 -33.88 -21.74
CA LEU B 570 -11.36 -35.23 -22.04
C LEU B 570 -10.38 -35.31 -23.22
N ARG B 571 -10.28 -34.25 -24.04
CA ARG B 571 -9.35 -34.22 -25.17
C ARG B 571 -8.07 -33.44 -24.85
N SER B 572 -7.93 -32.85 -23.67
CA SER B 572 -6.88 -31.89 -23.36
C SER B 572 -5.72 -32.53 -22.60
N LYS B 573 -4.52 -31.96 -22.86
CA LYS B 573 -3.33 -32.19 -22.05
C LYS B 573 -3.52 -31.56 -20.68
N LEU B 574 -3.17 -32.29 -19.62
CA LEU B 574 -3.55 -31.87 -18.27
C LEU B 574 -2.42 -31.27 -17.46
N GLU B 575 -1.20 -31.21 -17.99
CA GLU B 575 -0.08 -30.77 -17.16
C GLU B 575 -0.32 -29.37 -16.63
N SER B 576 -0.84 -28.47 -17.46
CA SER B 576 -1.01 -27.10 -17.01
C SER B 576 -2.02 -27.04 -15.87
N ILE B 577 -3.15 -27.76 -16.00
CA ILE B 577 -4.16 -27.78 -14.94
C ILE B 577 -3.62 -28.42 -13.67
N ILE B 578 -2.99 -29.58 -13.79
CA ILE B 578 -2.43 -30.28 -12.62
C ILE B 578 -1.54 -29.36 -11.81
N LEU B 579 -0.75 -28.53 -12.49
CA LEU B 579 0.13 -27.61 -11.81
C LEU B 579 -0.63 -26.44 -11.17
N SER B 580 -1.55 -25.83 -11.92
CA SER B 580 -2.31 -24.72 -11.34
C SER B 580 -3.08 -25.13 -10.07
N LEU B 581 -3.56 -26.39 -10.01
CA LEU B 581 -4.23 -26.85 -8.80
C LEU B 581 -3.35 -26.71 -7.55
N LYS B 582 -2.03 -26.91 -7.70
CA LYS B 582 -1.12 -26.87 -6.55
C LYS B 582 -1.11 -25.50 -5.86
N LEU B 583 -1.30 -24.43 -6.61
CA LEU B 583 -1.33 -23.11 -5.98
C LEU B 583 -2.59 -22.87 -5.18
N LEU B 584 -3.60 -23.72 -5.36
CA LEU B 584 -4.85 -23.67 -4.60
C LEU B 584 -4.88 -24.71 -3.51
N HIS B 585 -3.74 -25.32 -3.22
CA HIS B 585 -3.60 -26.39 -2.26
C HIS B 585 -4.44 -27.61 -2.61
N ILE B 586 -4.67 -27.84 -3.90
CA ILE B 586 -5.21 -29.11 -4.34
C ILE B 586 -4.05 -29.95 -4.84
N ASP B 587 -3.50 -30.73 -3.92
CA ASP B 587 -2.24 -31.43 -4.07
C ASP B 587 -2.40 -32.82 -4.66
N ASP B 588 -3.62 -33.34 -4.76
CA ASP B 588 -3.86 -34.67 -5.32
C ASP B 588 -4.70 -34.53 -6.58
N PRO B 589 -4.06 -34.47 -7.75
CA PRO B 589 -4.81 -34.24 -8.99
C PRO B 589 -5.70 -35.41 -9.39
N TYR B 590 -5.30 -36.65 -9.10
CA TYR B 590 -6.19 -37.79 -9.37
C TYR B 590 -7.50 -37.68 -8.60
N ARG B 591 -7.41 -37.38 -7.29
CA ARG B 591 -8.60 -37.34 -6.44
C ARG B 591 -9.51 -36.19 -6.84
N PHE B 592 -8.95 -35.03 -7.14
CA PHE B 592 -9.79 -33.90 -7.49
C PHE B 592 -10.46 -34.10 -8.84
N LEU B 593 -9.67 -34.45 -9.87
CA LEU B 593 -10.19 -34.49 -11.24
C LEU B 593 -11.27 -35.53 -11.40
N GLN B 594 -11.30 -36.55 -10.53
CA GLN B 594 -12.36 -37.54 -10.55
C GLN B 594 -13.71 -36.94 -10.15
N THR B 595 -13.73 -35.79 -9.49
CA THR B 595 -14.99 -35.20 -9.07
C THR B 595 -15.58 -34.20 -10.05
N LEU B 596 -15.02 -34.08 -11.26
CA LEU B 596 -15.63 -33.23 -12.26
C LEU B 596 -16.83 -33.93 -12.90
N ILE B 597 -17.65 -33.16 -13.64
CA ILE B 597 -18.81 -33.75 -14.34
C ILE B 597 -18.38 -34.93 -15.19
N ASN B 598 -17.37 -34.73 -16.04
CA ASN B 598 -16.75 -35.85 -16.73
C ASN B 598 -15.31 -35.96 -16.26
N ALA B 599 -15.00 -37.07 -15.60
CA ALA B 599 -13.68 -37.28 -15.05
C ALA B 599 -12.71 -37.66 -16.17
N PRO B 600 -11.54 -37.02 -16.24
CA PRO B 600 -10.56 -37.38 -17.27
C PRO B 600 -9.92 -38.72 -16.96
N ASN B 601 -9.34 -39.32 -18.01
CA ASN B 601 -8.71 -40.63 -17.91
C ASN B 601 -7.51 -40.54 -16.99
N PRO B 602 -7.46 -41.29 -15.89
CA PRO B 602 -6.28 -41.21 -15.01
C PRO B 602 -4.96 -41.51 -15.71
N GLU B 603 -4.99 -42.26 -16.82
CA GLU B 603 -3.78 -42.43 -17.62
C GLU B 603 -3.34 -41.08 -18.21
N ALA B 604 -4.31 -40.21 -18.55
CA ALA B 604 -3.98 -38.85 -18.97
C ALA B 604 -3.56 -37.95 -17.80
N ILE B 605 -4.12 -38.13 -16.60
CA ILE B 605 -3.62 -37.39 -15.44
C ILE B 605 -2.17 -37.75 -15.18
N LYS B 606 -1.89 -39.06 -15.08
CA LYS B 606 -0.53 -39.50 -14.83
C LYS B 606 0.40 -38.93 -15.88
N MET B 607 -0.02 -38.99 -17.15
CA MET B 607 0.86 -38.55 -18.22
C MET B 607 1.27 -37.11 -18.00
N GLY B 608 0.34 -36.27 -17.54
CA GLY B 608 0.73 -34.91 -17.24
C GLY B 608 1.72 -34.81 -16.10
N VAL B 609 1.51 -35.58 -15.04
CA VAL B 609 2.43 -35.52 -13.90
C VAL B 609 3.83 -35.92 -14.32
N GLU B 610 3.93 -36.91 -15.22
CA GLU B 610 5.25 -37.37 -15.66
C GLU B 610 5.97 -36.32 -16.46
N LEU B 611 5.27 -35.68 -17.42
CA LEU B 611 5.83 -34.52 -18.11
C LEU B 611 6.29 -33.45 -17.12
N LEU B 612 5.46 -33.12 -16.12
CA LEU B 612 5.87 -32.10 -15.15
C LEU B 612 7.07 -32.54 -14.31
N LYS B 613 7.21 -33.82 -13.98
CA LYS B 613 8.43 -34.27 -13.32
C LYS B 613 9.65 -34.17 -14.23
N ARG B 614 9.44 -34.32 -15.54
CA ARG B 614 10.57 -34.30 -16.47
C ARG B 614 11.17 -32.91 -16.58
N ILE B 615 10.30 -31.89 -16.63
CA ILE B 615 10.78 -30.51 -16.64
C ILE B 615 11.05 -30.00 -15.23
N GLU B 616 10.93 -30.88 -14.23
CA GLU B 616 11.31 -30.64 -12.82
C GLU B 616 10.50 -29.51 -12.19
N ALA B 617 9.20 -29.47 -12.55
CA ALA B 617 8.22 -28.64 -11.84
C ALA B 617 7.67 -29.37 -10.61
N LEU B 618 7.67 -30.70 -10.66
CA LEU B 618 7.41 -31.53 -9.50
C LEU B 618 8.63 -32.41 -9.28
N ASP B 619 8.95 -32.70 -8.03
CA ASP B 619 9.99 -33.67 -7.69
C ASP B 619 9.38 -35.08 -7.69
N GLN B 620 10.17 -36.09 -7.33
CA GLN B 620 9.70 -37.46 -7.55
C GLN B 620 8.48 -37.81 -6.69
N THR B 621 8.30 -37.10 -5.56
CA THR B 621 7.10 -37.22 -4.73
C THR B 621 5.84 -36.67 -5.40
N GLY B 622 5.98 -36.00 -6.55
CA GLY B 622 4.90 -35.27 -7.16
C GLY B 622 4.65 -33.91 -6.52
N THR B 623 5.47 -33.49 -5.56
CA THR B 623 5.28 -32.24 -4.86
C THR B 623 5.88 -31.07 -5.66
N LEU B 624 5.29 -29.90 -5.48
CA LEU B 624 5.76 -28.70 -6.19
C LEU B 624 7.22 -28.41 -5.89
N THR B 625 7.97 -27.97 -6.90
CA THR B 625 9.32 -27.44 -6.71
C THR B 625 9.30 -25.93 -6.78
N PRO B 626 10.37 -25.25 -6.37
CA PRO B 626 10.37 -23.79 -6.54
C PRO B 626 10.12 -23.39 -7.99
N LEU B 627 10.73 -24.08 -8.96
CA LEU B 627 10.47 -23.78 -10.36
C LEU B 627 8.99 -23.94 -10.68
N GLY B 628 8.38 -25.05 -10.22
CA GLY B 628 6.97 -25.32 -10.52
C GLY B 628 6.04 -24.24 -9.99
N MET B 629 6.32 -23.75 -8.77
CA MET B 629 5.55 -22.64 -8.23
C MET B 629 5.64 -21.42 -9.14
N HIS B 630 6.82 -21.16 -9.71
CA HIS B 630 6.91 -20.08 -10.71
C HIS B 630 6.07 -20.38 -11.95
N LEU B 631 6.28 -21.57 -12.54
CA LEU B 631 5.56 -21.94 -13.74
C LEU B 631 4.06 -21.89 -13.52
N ALA B 632 3.61 -22.23 -12.31
CA ALA B 632 2.18 -22.34 -12.08
C ALA B 632 1.51 -20.99 -12.16
N LYS B 633 2.23 -19.94 -11.77
CA LYS B 633 1.65 -18.61 -11.63
C LYS B 633 1.52 -17.91 -12.96
N LEU B 634 2.04 -18.53 -14.04
CA LEU B 634 2.19 -17.90 -15.35
C LEU B 634 1.15 -18.42 -16.34
N PRO B 635 0.55 -17.52 -17.11
CA PRO B 635 -0.54 -17.82 -18.04
C PRO B 635 -0.14 -18.52 -19.34
N ILE B 636 0.59 -19.63 -19.24
CA ILE B 636 1.06 -20.37 -20.41
C ILE B 636 1.42 -21.77 -19.94
N ASP B 637 1.39 -22.72 -20.87
CA ASP B 637 1.77 -24.10 -20.55
C ASP B 637 3.17 -24.15 -19.92
N PRO B 638 3.42 -25.07 -18.97
CA PRO B 638 4.66 -24.97 -18.18
C PRO B 638 5.93 -25.12 -19.01
N GLN B 639 5.90 -25.88 -20.10
CA GLN B 639 7.06 -26.00 -20.99
C GLN B 639 7.41 -24.63 -21.57
N MET B 640 6.46 -23.97 -22.20
CA MET B 640 6.73 -22.65 -22.75
C MET B 640 7.00 -21.62 -21.65
N GLY B 641 6.39 -21.78 -20.48
CA GLY B 641 6.80 -20.96 -19.34
C GLY B 641 8.26 -21.19 -18.98
N LYS B 642 8.69 -22.47 -18.92
CA LYS B 642 10.10 -22.73 -18.65
C LYS B 642 10.99 -22.08 -19.71
N MET B 643 10.62 -22.20 -20.97
CA MET B 643 11.38 -21.58 -22.05
C MET B 643 11.51 -20.06 -21.85
N ILE B 644 10.42 -19.37 -21.48
CA ILE B 644 10.50 -17.93 -21.22
C ILE B 644 11.47 -17.66 -20.07
N LEU B 645 11.46 -18.49 -19.03
CA LEU B 645 12.39 -18.31 -17.92
C LEU B 645 13.82 -18.40 -18.39
N MET B 646 14.14 -19.44 -19.18
CA MET B 646 15.49 -19.57 -19.70
C MET B 646 15.89 -18.30 -20.42
N SER B 647 14.95 -17.71 -21.15
CA SER B 647 15.32 -16.56 -21.95
C SER B 647 15.71 -15.38 -21.08
N ALA B 648 15.18 -15.30 -19.86
CA ALA B 648 15.64 -14.28 -18.94
C ALA B 648 17.06 -14.56 -18.48
N LEU B 649 17.38 -15.82 -18.25
CA LEU B 649 18.73 -16.20 -17.83
C LEU B 649 19.76 -16.08 -18.96
N PHE B 650 19.34 -16.20 -20.22
CA PHE B 650 20.26 -16.23 -21.35
C PHE B 650 20.13 -15.03 -22.28
N CYS B 651 19.42 -13.99 -21.85
CA CYS B 651 19.39 -12.70 -22.55
C CYS B 651 18.90 -12.79 -23.99
N CYS B 652 17.86 -13.58 -24.24
CA CYS B 652 17.17 -13.53 -25.53
C CYS B 652 15.65 -13.43 -25.35
N LEU B 653 15.24 -12.55 -24.43
CA LEU B 653 13.84 -12.45 -24.00
C LEU B 653 12.89 -12.14 -25.15
N ASP B 654 13.27 -11.22 -26.04
CA ASP B 654 12.32 -10.73 -27.04
C ASP B 654 12.01 -11.84 -28.04
N PRO B 655 12.99 -12.48 -28.70
CA PRO B 655 12.62 -13.59 -29.60
C PRO B 655 11.90 -14.71 -28.90
N ILE B 656 12.38 -15.14 -27.74
CA ILE B 656 11.78 -16.31 -27.09
C ILE B 656 10.31 -16.06 -26.74
N THR B 657 9.97 -14.87 -26.16
CA THR B 657 8.56 -14.56 -25.87
C THR B 657 7.71 -14.37 -27.13
N SER B 658 8.30 -13.97 -28.26
CA SER B 658 7.57 -14.06 -29.53
C SER B 658 7.21 -15.50 -29.86
N ALA B 659 8.20 -16.39 -29.86
CA ALA B 659 7.93 -17.78 -30.19
C ALA B 659 6.89 -18.35 -29.22
N ALA B 660 7.07 -18.10 -27.92
CA ALA B 660 6.14 -18.63 -26.93
C ALA B 660 4.71 -18.15 -27.15
N ALA B 661 4.54 -16.84 -27.35
CA ALA B 661 3.21 -16.26 -27.42
C ALA B 661 2.45 -16.76 -28.62
N ALA B 662 3.13 -17.03 -29.74
CA ALA B 662 2.43 -17.58 -30.91
C ALA B 662 2.05 -19.04 -30.68
N LEU B 663 2.94 -19.82 -30.07
CA LEU B 663 2.58 -21.21 -29.84
C LEU B 663 1.42 -21.33 -28.88
N SER B 664 1.35 -20.45 -27.88
CA SER B 664 0.18 -20.43 -27.01
C SER B 664 -1.05 -19.94 -27.78
N PHE B 665 -0.96 -18.77 -28.43
CA PHE B 665 -2.20 -18.28 -29.04
C PHE B 665 -2.41 -18.62 -30.52
N LYS B 666 -1.57 -18.14 -31.42
CA LYS B 666 -1.73 -18.52 -32.83
C LYS B 666 -0.65 -17.87 -33.71
N SER B 667 -0.63 -18.31 -34.95
CA SER B 667 0.21 -17.62 -35.91
C SER B 667 -0.51 -16.38 -36.38
N PRO B 668 0.23 -15.30 -36.67
CA PRO B 668 -0.40 -14.09 -37.24
C PRO B 668 -0.78 -14.17 -38.72
N PHE B 669 -0.42 -15.25 -39.42
CA PHE B 669 -0.53 -15.27 -40.88
C PHE B 669 -1.90 -15.76 -41.32
N TYR B 670 -2.57 -14.95 -42.15
CA TYR B 670 -3.76 -15.46 -42.80
C TYR B 670 -3.35 -16.50 -43.85
N SER B 671 -4.34 -17.14 -44.45
CA SER B 671 -4.10 -18.11 -45.51
C SER B 671 -5.30 -18.00 -46.44
N PRO B 672 -5.39 -16.90 -47.19
CA PRO B 672 -6.59 -16.70 -48.02
C PRO B 672 -6.65 -17.62 -49.24
N LEU B 673 -7.88 -17.88 -49.67
CA LEU B 673 -8.15 -18.76 -50.81
C LEU B 673 -7.36 -18.32 -52.04
N GLY B 674 -6.75 -19.29 -52.72
CA GLY B 674 -6.01 -19.07 -53.95
C GLY B 674 -4.61 -18.54 -53.71
N LYS B 675 -4.42 -17.80 -52.63
CA LYS B 675 -3.14 -17.15 -52.40
C LYS B 675 -2.13 -18.08 -51.77
N GLU B 676 -2.41 -19.38 -51.71
CA GLU B 676 -1.52 -20.29 -50.97
C GLU B 676 -0.13 -20.36 -51.60
N SER B 677 -0.01 -20.09 -52.90
CA SER B 677 1.34 -20.05 -53.48
C SER B 677 2.09 -18.82 -52.96
N ARG B 678 1.45 -17.65 -52.94
CA ARG B 678 2.11 -16.46 -52.41
C ARG B 678 2.33 -16.56 -50.92
N VAL B 679 1.48 -17.29 -50.20
CA VAL B 679 1.66 -17.38 -48.77
C VAL B 679 2.92 -18.16 -48.46
N ASP B 680 3.13 -19.27 -49.18
CA ASP B 680 4.37 -20.03 -49.03
C ASP B 680 5.58 -19.13 -49.25
N GLU B 681 5.54 -18.25 -50.26
CA GLU B 681 6.68 -17.39 -50.51
C GLU B 681 6.82 -16.32 -49.43
N ILE B 682 5.70 -15.80 -48.92
CA ILE B 682 5.79 -14.79 -47.87
C ILE B 682 6.39 -15.38 -46.60
N LYS B 683 5.97 -16.60 -46.25
CA LYS B 683 6.54 -17.23 -45.07
C LYS B 683 8.00 -17.57 -45.26
N ARG B 684 8.38 -18.09 -46.44
CA ARG B 684 9.80 -18.34 -46.70
C ARG B 684 10.60 -17.07 -46.45
N ARG B 685 10.06 -15.91 -46.87
CA ARG B 685 10.82 -14.67 -46.83
C ARG B 685 10.92 -14.09 -45.42
N MET B 686 9.85 -14.18 -44.63
CA MET B 686 9.93 -13.81 -43.21
C MET B 686 10.85 -14.76 -42.44
N ALA B 687 11.01 -16.00 -42.90
CA ALA B 687 11.87 -16.93 -42.18
C ALA B 687 13.34 -16.52 -42.27
N ARG B 688 13.70 -15.73 -43.27
CA ARG B 688 15.07 -15.23 -43.43
C ARG B 688 16.07 -16.39 -43.38
N ASN B 689 15.69 -17.49 -44.02
CA ASN B 689 16.46 -18.71 -44.22
C ASN B 689 16.97 -19.37 -42.91
N MET B 690 16.36 -19.05 -41.77
CA MET B 690 16.73 -19.57 -40.46
C MET B 690 16.10 -20.92 -40.16
N ARG B 691 15.22 -21.43 -41.03
CA ARG B 691 14.64 -22.78 -40.93
C ARG B 691 13.95 -23.03 -39.60
N SER B 692 13.17 -22.05 -39.14
CA SER B 692 12.41 -22.17 -37.89
C SER B 692 11.09 -21.44 -38.01
N ASP B 693 9.97 -22.16 -37.84
CA ASP B 693 8.66 -21.50 -37.84
C ASP B 693 8.55 -20.45 -36.74
N HIS B 694 9.18 -20.71 -35.60
CA HIS B 694 9.01 -19.84 -34.44
C HIS B 694 9.82 -18.56 -34.56
N LEU B 695 11.09 -18.69 -34.94
CA LEU B 695 11.87 -17.48 -35.21
C LEU B 695 11.24 -16.69 -36.35
N MET B 696 10.54 -17.38 -37.25
CA MET B 696 9.81 -16.72 -38.32
C MET B 696 8.72 -15.82 -37.74
N VAL B 697 8.00 -16.29 -36.71
CA VAL B 697 7.00 -15.41 -36.14
C VAL B 697 7.69 -14.22 -35.52
N HIS B 698 8.83 -14.44 -34.87
CA HIS B 698 9.50 -13.30 -34.23
C HIS B 698 10.06 -12.32 -35.27
N ASN B 699 10.61 -12.82 -36.38
CA ASN B 699 10.99 -11.92 -37.47
C ASN B 699 9.80 -11.08 -37.92
N THR B 700 8.62 -11.69 -37.98
CA THR B 700 7.42 -10.96 -38.35
C THR B 700 7.10 -9.86 -37.34
N ILE B 701 7.28 -10.10 -36.03
CA ILE B 701 7.02 -9.01 -35.08
C ILE B 701 8.05 -7.88 -35.23
N ILE B 702 9.32 -8.22 -35.46
CA ILE B 702 10.33 -7.18 -35.71
C ILE B 702 9.92 -6.33 -36.93
N ALA B 703 9.36 -6.98 -37.95
CA ALA B 703 8.84 -6.30 -39.12
C ALA B 703 7.59 -5.49 -38.80
N TYR B 704 6.65 -6.08 -38.06
CA TYR B 704 5.47 -5.29 -37.73
C TYR B 704 5.87 -4.01 -37.00
N ARG B 705 6.84 -4.10 -36.09
CA ARG B 705 7.18 -2.93 -35.28
C ARG B 705 7.69 -1.78 -36.14
N ASP B 706 8.65 -2.07 -37.04
CA ASP B 706 9.25 -1.03 -37.88
C ASP B 706 8.20 -0.40 -38.81
N SER B 707 7.25 -1.20 -39.31
CA SER B 707 6.18 -0.63 -40.11
C SER B 707 5.29 0.30 -39.29
N ARG B 708 5.17 0.09 -37.97
CA ARG B 708 4.49 1.10 -37.17
C ARG B 708 5.38 2.31 -36.96
N TYR B 709 6.70 2.08 -36.95
CA TYR B 709 7.66 3.18 -36.88
C TYR B 709 7.60 3.99 -38.17
N SER B 710 7.26 3.35 -39.29
CA SER B 710 7.25 3.99 -40.59
C SER B 710 5.86 4.40 -41.03
N HIS B 711 4.87 4.28 -40.15
CA HIS B 711 3.48 4.56 -40.49
C HIS B 711 3.01 3.76 -41.72
N ALA B 712 3.71 2.67 -42.06
CA ALA B 712 3.27 1.74 -43.10
C ALA B 712 2.44 0.57 -42.57
N GLU B 713 1.80 0.71 -41.40
CA GLU B 713 1.13 -0.43 -40.79
C GLU B 713 0.16 -1.12 -41.75
N ARG B 714 -0.80 -0.37 -42.31
CA ARG B 714 -1.79 -0.97 -43.21
C ARG B 714 -1.11 -1.63 -44.42
N ASP B 715 -0.26 -0.88 -45.13
CA ASP B 715 0.41 -1.44 -46.30
C ASP B 715 1.16 -2.72 -45.93
N PHE B 716 1.90 -2.69 -44.83
CA PHE B 716 2.68 -3.86 -44.43
C PHE B 716 1.79 -5.09 -44.22
N CYS B 717 0.66 -4.95 -43.52
CA CYS B 717 -0.16 -6.14 -43.27
C CYS B 717 -0.83 -6.66 -44.54
N TYR B 718 -1.33 -5.76 -45.41
CA TYR B 718 -1.89 -6.20 -46.68
C TYR B 718 -0.86 -6.96 -47.51
N LYS B 719 0.37 -6.44 -47.60
CA LYS B 719 1.39 -7.07 -48.44
C LYS B 719 1.75 -8.47 -47.96
N ASN B 720 1.71 -8.71 -46.64
CA ASN B 720 2.17 -9.98 -46.08
C ASN B 720 1.06 -10.85 -45.52
N PHE B 721 -0.21 -10.57 -45.84
CA PHE B 721 -1.34 -11.34 -45.35
C PHE B 721 -1.31 -11.51 -43.84
N LEU B 722 -1.16 -10.39 -43.14
CA LEU B 722 -1.03 -10.38 -41.69
C LEU B 722 -2.23 -9.76 -41.01
N SER B 723 -2.58 -10.31 -39.85
CA SER B 723 -3.61 -9.73 -39.01
C SER B 723 -2.99 -8.76 -38.01
N SER B 724 -3.30 -7.46 -38.14
CA SER B 724 -2.85 -6.51 -37.13
C SER B 724 -3.43 -6.84 -35.76
N MET B 725 -4.66 -7.35 -35.70
CA MET B 725 -5.26 -7.68 -34.41
C MET B 725 -4.45 -8.78 -33.73
N THR B 726 -4.18 -9.87 -34.44
CA THR B 726 -3.36 -10.93 -33.87
C THR B 726 -2.00 -10.41 -33.41
N LEU B 727 -1.34 -9.60 -34.27
CA LEU B 727 0.01 -9.10 -33.94
C LEU B 727 -0.03 -8.22 -32.69
N GLN B 728 -1.00 -7.30 -32.62
CA GLN B 728 -1.10 -6.44 -31.44
C GLN B 728 -1.30 -7.27 -30.17
N GLN B 729 -2.08 -8.33 -30.26
CA GLN B 729 -2.31 -9.17 -29.09
C GLN B 729 -1.09 -10.02 -28.76
N LEU B 730 -0.31 -10.44 -29.75
CA LEU B 730 0.97 -11.07 -29.45
C LEU B 730 1.90 -10.13 -28.68
N GLU B 731 1.97 -8.86 -29.11
CA GLU B 731 2.80 -7.89 -28.40
C GLU B 731 2.34 -7.70 -26.97
N ARG B 732 1.02 -7.61 -26.76
CA ARG B 732 0.49 -7.47 -25.41
C ARG B 732 0.89 -8.65 -24.55
N MET B 733 0.89 -9.86 -25.12
CA MET B 733 1.28 -11.05 -24.38
C MET B 733 2.76 -11.02 -24.05
N LYS B 734 3.57 -10.62 -25.04
CA LYS B 734 5.01 -10.54 -24.79
C LYS B 734 5.28 -9.63 -23.62
N ASN B 735 4.58 -8.50 -23.53
CA ASN B 735 4.82 -7.61 -22.41
C ASN B 735 4.24 -8.16 -21.10
N GLN B 736 3.11 -8.88 -21.15
CA GLN B 736 2.61 -9.52 -19.94
C GLN B 736 3.64 -10.49 -19.37
N PHE B 737 4.27 -11.29 -20.24
CA PHE B 737 5.28 -12.21 -19.77
C PHE B 737 6.48 -11.49 -19.18
N SER B 738 6.98 -10.45 -19.86
CA SER B 738 8.16 -9.79 -19.31
C SER B 738 7.83 -9.06 -18.00
N GLU B 739 6.63 -8.46 -17.91
CA GLU B 739 6.27 -7.75 -16.68
C GLU B 739 6.18 -8.72 -15.50
N LEU B 740 5.61 -9.90 -15.74
CA LEU B 740 5.57 -10.93 -14.70
C LEU B 740 6.97 -11.33 -14.28
N LEU B 741 7.81 -11.68 -15.25
CA LEU B 741 9.17 -12.08 -14.93
C LEU B 741 9.90 -10.97 -14.17
N TYR B 742 9.66 -9.71 -14.55
CA TYR B 742 10.20 -8.59 -13.78
C TYR B 742 9.65 -8.59 -12.36
N ASN B 743 8.33 -8.79 -12.21
CA ASN B 743 7.74 -8.81 -10.86
C ASN B 743 8.31 -9.97 -10.04
N TYR B 744 8.66 -11.09 -10.69
CA TYR B 744 9.22 -12.24 -10.01
C TYR B 744 10.73 -12.12 -9.78
N LYS B 745 11.33 -10.97 -10.13
CA LYS B 745 12.76 -10.66 -9.93
C LYS B 745 13.68 -11.50 -10.83
N PHE B 746 13.22 -11.86 -12.04
CA PHE B 746 14.06 -12.48 -13.06
C PHE B 746 14.55 -11.49 -14.10
N LEU B 747 13.95 -10.32 -14.21
CA LEU B 747 14.41 -9.32 -15.14
C LEU B 747 14.67 -8.04 -14.37
N ALA B 748 15.65 -7.29 -14.84
CA ALA B 748 15.89 -5.97 -14.29
C ALA B 748 14.86 -4.98 -14.81
N SER B 749 14.29 -5.22 -16.00
CA SER B 749 13.38 -4.30 -16.68
C SER B 749 12.09 -4.99 -17.09
N SER B 750 10.96 -4.30 -16.97
CA SER B 750 9.71 -4.91 -17.40
C SER B 750 9.52 -4.84 -18.93
N ASN B 751 10.46 -4.28 -19.67
CA ASN B 751 10.30 -4.14 -21.10
C ASN B 751 10.83 -5.42 -21.79
N CYS B 752 10.01 -6.04 -22.63
CA CYS B 752 10.57 -7.21 -23.31
C CYS B 752 11.53 -6.80 -24.40
N LYS B 753 11.66 -5.51 -24.67
CA LYS B 753 12.63 -5.05 -25.65
C LYS B 753 13.91 -4.53 -25.02
N ASP B 754 13.97 -4.37 -23.69
CA ASP B 754 15.14 -3.75 -23.03
C ASP B 754 16.46 -4.41 -23.42
N ALA B 755 17.50 -3.57 -23.59
CA ALA B 755 18.76 -4.04 -24.17
C ALA B 755 19.44 -5.07 -23.27
N ALA B 756 19.32 -4.91 -21.94
CA ALA B 756 20.01 -5.84 -21.06
C ALA B 756 19.39 -7.23 -21.16
N SER B 757 18.06 -7.32 -21.25
CA SER B 757 17.40 -8.62 -21.45
C SER B 757 17.72 -9.26 -22.80
N ASN B 758 18.47 -8.60 -23.71
CA ASN B 758 18.48 -9.11 -25.07
C ASN B 758 19.87 -9.11 -25.73
N LYS B 759 20.96 -9.16 -24.94
CA LYS B 759 22.30 -9.15 -25.52
C LYS B 759 22.53 -10.31 -26.47
N ASN B 760 21.93 -11.45 -26.21
CA ASN B 760 22.14 -12.58 -27.08
C ASN B 760 21.09 -12.76 -28.15
N SER B 761 20.13 -11.84 -28.27
CA SER B 761 18.91 -12.10 -29.05
C SER B 761 19.19 -12.27 -30.54
N GLU B 762 20.42 -12.01 -30.98
CA GLU B 762 20.81 -12.22 -32.37
C GLU B 762 21.73 -13.43 -32.55
N LYS B 763 22.09 -14.11 -31.47
CA LYS B 763 22.90 -15.31 -31.58
C LYS B 763 21.97 -16.46 -31.91
N ILE B 764 21.80 -16.71 -33.22
CA ILE B 764 20.79 -17.67 -33.67
C ILE B 764 21.03 -19.08 -33.15
N PRO B 765 22.25 -19.61 -33.13
CA PRO B 765 22.42 -20.92 -32.50
C PRO B 765 21.94 -20.93 -31.06
N LEU B 766 22.03 -19.78 -30.38
CA LEU B 766 21.58 -19.67 -28.99
C LEU B 766 20.07 -19.79 -28.90
N LEU B 767 19.34 -19.04 -29.74
CA LEU B 767 17.89 -19.10 -29.75
C LEU B 767 17.42 -20.53 -29.98
N ARG B 768 17.99 -21.19 -30.98
CA ARG B 768 17.61 -22.58 -31.20
C ARG B 768 17.80 -23.43 -29.94
N ALA B 769 18.80 -23.09 -29.12
CA ALA B 769 19.06 -23.85 -27.90
C ALA B 769 17.92 -23.69 -26.90
N ILE B 770 17.40 -22.46 -26.76
CA ILE B 770 16.35 -22.14 -25.80
C ILE B 770 14.97 -22.56 -26.33
N ILE B 771 14.73 -22.39 -27.65
CA ILE B 771 13.54 -22.97 -28.30
C ILE B 771 13.50 -24.49 -28.15
N GLY B 772 14.60 -25.16 -28.50
CA GLY B 772 14.70 -26.60 -28.28
C GLY B 772 14.55 -26.98 -26.82
N ALA B 773 15.17 -26.18 -25.93
CA ALA B 773 15.00 -26.38 -24.48
C ALA B 773 13.53 -26.38 -24.06
N GLY B 774 12.68 -25.71 -24.81
CA GLY B 774 11.26 -25.73 -24.57
C GLY B 774 10.51 -26.91 -25.16
N LEU B 775 10.74 -27.16 -26.46
CA LEU B 775 9.92 -28.11 -27.18
C LEU B 775 10.41 -29.54 -26.98
N TYR B 776 11.61 -29.69 -26.44
CA TYR B 776 12.10 -31.00 -26.04
C TYR B 776 11.08 -31.66 -25.12
N PRO B 777 10.83 -32.97 -25.25
CA PRO B 777 11.58 -33.85 -26.14
C PRO B 777 10.93 -34.13 -27.48
N ASN B 778 10.22 -33.17 -28.04
CA ASN B 778 9.62 -33.43 -29.36
C ASN B 778 10.68 -33.24 -30.44
N MET B 779 11.34 -34.33 -30.82
CA MET B 779 12.46 -34.29 -31.76
C MET B 779 12.19 -35.12 -33.01
N ALA B 780 12.80 -34.70 -34.11
CA ALA B 780 12.72 -35.44 -35.36
C ALA B 780 14.09 -35.48 -36.02
N HIS B 781 14.33 -36.54 -36.80
CA HIS B 781 15.58 -36.72 -37.50
C HIS B 781 15.27 -37.01 -38.96
N LEU B 782 15.94 -36.27 -39.84
CA LEU B 782 15.81 -36.38 -41.28
C LEU B 782 17.07 -37.07 -41.79
N ARG B 783 16.90 -38.17 -42.55
CA ARG B 783 18.06 -38.95 -42.98
C ARG B 783 18.26 -39.01 -44.49
N LYS B 784 17.30 -38.58 -45.30
CA LYS B 784 17.53 -38.49 -46.74
C LYS B 784 16.68 -37.36 -47.29
N SER B 785 17.20 -36.68 -48.32
CA SER B 785 16.51 -35.55 -48.94
C SER B 785 16.67 -35.69 -50.46
N ARG B 786 15.70 -36.35 -51.10
CA ARG B 786 15.75 -36.59 -52.53
C ARG B 786 15.18 -35.40 -53.30
N GLN B 787 15.42 -35.40 -54.62
CA GLN B 787 14.93 -34.34 -55.52
C GLN B 787 14.28 -34.99 -56.74
N ARG B 793 11.23 -28.21 -55.14
CA ARG B 793 10.84 -28.82 -53.86
C ARG B 793 11.61 -30.12 -53.60
N ALA B 794 11.68 -30.52 -52.33
CA ALA B 794 12.39 -31.73 -51.90
C ALA B 794 11.46 -32.71 -51.20
N ILE B 795 11.76 -34.01 -51.35
CA ILE B 795 11.10 -35.08 -50.60
C ILE B 795 11.95 -35.43 -49.38
N HIS B 796 11.30 -35.89 -48.31
CA HIS B 796 11.98 -36.07 -47.03
C HIS B 796 11.80 -37.51 -46.56
N THR B 797 12.89 -38.13 -46.11
CA THR B 797 12.85 -39.34 -45.28
C THR B 797 13.12 -38.89 -43.84
N MET B 798 12.07 -38.76 -43.05
CA MET B 798 12.22 -38.17 -41.72
C MET B 798 11.32 -38.90 -40.73
N ALA B 799 11.81 -39.06 -39.50
CA ALA B 799 11.06 -39.77 -38.50
C ALA B 799 11.32 -39.16 -37.12
N THR B 800 10.30 -39.23 -36.26
CA THR B 800 10.42 -38.74 -34.89
C THR B 800 11.20 -39.73 -34.02
N ASP B 801 11.47 -39.34 -32.76
CA ASP B 801 12.24 -40.19 -31.85
C ASP B 801 11.49 -41.46 -31.45
N ASP B 802 10.18 -41.51 -31.70
CA ASP B 802 9.49 -42.77 -31.45
C ASP B 802 9.61 -43.72 -32.64
N GLY B 803 10.14 -43.28 -33.77
CA GLY B 803 10.36 -44.12 -34.91
C GLY B 803 9.42 -43.84 -36.06
N ARG B 804 8.29 -43.19 -35.80
CA ARG B 804 7.24 -43.04 -36.82
C ARG B 804 7.68 -42.08 -37.92
N ARG B 805 7.35 -42.42 -39.17
CA ARG B 805 7.68 -41.54 -40.28
C ARG B 805 6.77 -40.33 -40.31
N VAL B 806 7.38 -39.14 -40.41
CA VAL B 806 6.64 -37.89 -40.45
C VAL B 806 7.21 -37.01 -41.56
N ASN B 807 6.43 -36.00 -41.93
CA ASN B 807 6.90 -35.00 -42.87
C ASN B 807 6.57 -33.64 -42.28
N PHE B 808 7.14 -32.61 -42.89
CA PHE B 808 6.75 -31.27 -42.51
C PHE B 808 5.37 -30.93 -43.06
N HIS B 809 4.54 -30.41 -42.20
CA HIS B 809 3.25 -30.01 -42.68
C HIS B 809 3.42 -28.94 -43.75
N PRO B 810 2.68 -29.04 -44.86
CA PRO B 810 2.82 -28.03 -45.94
C PRO B 810 2.63 -26.57 -45.53
N SER B 811 1.89 -26.28 -44.46
CA SER B 811 1.87 -24.90 -44.01
C SER B 811 3.17 -24.51 -43.29
N SER B 812 3.95 -25.50 -42.85
CA SER B 812 5.26 -25.24 -42.24
C SER B 812 6.27 -24.70 -43.26
N VAL B 813 7.22 -23.90 -42.76
CA VAL B 813 8.21 -23.26 -43.63
C VAL B 813 9.32 -24.18 -44.06
N ASN B 814 9.33 -25.42 -43.60
CA ASN B 814 10.34 -26.38 -44.05
C ASN B 814 9.79 -27.38 -45.05
N SER B 815 8.48 -27.35 -45.32
CA SER B 815 7.91 -28.19 -46.36
C SER B 815 8.66 -27.96 -47.67
N GLY B 816 9.24 -29.02 -48.23
CA GLY B 816 9.89 -28.95 -49.52
C GLY B 816 11.27 -28.31 -49.59
N GLU B 817 11.75 -27.69 -48.52
CA GLU B 817 13.09 -27.08 -48.54
C GLU B 817 14.19 -28.15 -48.55
N SER B 818 15.37 -27.77 -49.04
CA SER B 818 16.45 -28.75 -49.23
C SER B 818 17.70 -28.48 -48.41
N GLY B 819 18.20 -27.25 -48.40
CA GLY B 819 19.46 -26.92 -47.77
C GLY B 819 19.56 -26.85 -46.25
N PHE B 820 19.26 -27.94 -45.53
CA PHE B 820 19.31 -27.88 -44.07
C PHE B 820 20.75 -28.05 -43.55
N ASP B 821 21.17 -27.15 -42.63
CA ASP B 821 22.50 -27.23 -42.01
C ASP B 821 22.60 -28.31 -40.95
N SER B 822 21.49 -28.81 -40.47
CA SER B 822 21.40 -29.86 -39.48
C SER B 822 20.23 -30.77 -39.84
N ALA B 823 20.26 -31.99 -39.31
CA ALA B 823 19.21 -32.95 -39.61
C ALA B 823 18.19 -33.12 -38.49
N TYR B 824 18.26 -32.33 -37.41
CA TYR B 824 17.40 -32.55 -36.24
C TYR B 824 16.50 -31.35 -35.98
N PHE B 825 15.24 -31.63 -35.59
CA PHE B 825 14.23 -30.59 -35.39
C PHE B 825 13.43 -30.84 -34.11
N VAL B 826 12.99 -29.74 -33.50
CA VAL B 826 12.02 -29.77 -32.40
C VAL B 826 10.71 -29.23 -32.93
N TYR B 827 9.62 -29.69 -32.36
CA TYR B 827 8.30 -29.39 -32.89
C TYR B 827 7.32 -29.24 -31.73
N PHE B 828 6.35 -28.36 -31.89
CA PHE B 828 5.37 -28.17 -30.83
C PHE B 828 4.24 -29.19 -30.94
N GLN B 829 3.70 -29.38 -32.15
CA GLN B 829 2.53 -30.20 -32.37
C GLN B 829 2.74 -31.17 -33.53
N ARG B 830 2.43 -32.44 -33.32
CA ARG B 830 2.45 -33.42 -34.41
C ARG B 830 1.02 -33.95 -34.55
N GLN B 831 0.56 -34.04 -35.79
CA GLN B 831 -0.85 -34.29 -36.03
C GLN B 831 -1.04 -35.04 -37.35
N LYS B 832 -1.90 -36.06 -37.32
CA LYS B 832 -2.14 -36.90 -38.49
C LYS B 832 -3.42 -36.45 -39.16
N SER B 833 -3.33 -35.96 -40.41
CA SER B 833 -4.51 -35.92 -41.28
C SER B 833 -4.46 -36.78 -42.53
N THR B 834 -3.45 -36.58 -43.40
CA THR B 834 -3.16 -37.40 -44.58
C THR B 834 -1.85 -38.12 -44.42
N ASP B 835 -1.17 -37.80 -43.36
CA ASP B 835 0.14 -38.33 -43.05
C ASP B 835 0.36 -37.86 -41.63
N LEU B 836 1.46 -38.30 -41.04
CA LEU B 836 1.85 -37.83 -39.73
C LEU B 836 2.71 -36.59 -40.02
N PHE B 837 2.21 -35.40 -39.68
CA PHE B 837 2.88 -34.14 -39.99
C PHE B 837 3.35 -33.43 -38.72
N LEU B 838 4.41 -32.64 -38.90
CA LEU B 838 4.86 -31.65 -37.91
C LEU B 838 4.34 -30.27 -38.31
N LEU B 839 3.43 -29.73 -37.50
CA LEU B 839 2.80 -28.47 -37.87
C LEU B 839 3.77 -27.29 -37.84
N ASP B 840 4.86 -27.38 -37.10
CA ASP B 840 5.73 -26.25 -36.81
C ASP B 840 7.03 -26.79 -36.26
N SER B 841 8.15 -26.27 -36.73
CA SER B 841 9.42 -26.93 -36.43
C SER B 841 10.56 -25.94 -36.50
N THR B 842 11.59 -26.21 -35.69
CA THR B 842 12.82 -25.45 -35.66
C THR B 842 13.99 -26.41 -35.87
N MET B 843 14.87 -26.09 -36.81
CA MET B 843 16.11 -26.83 -36.96
C MET B 843 16.99 -26.56 -35.74
N VAL B 844 17.58 -27.62 -35.16
CA VAL B 844 18.41 -27.53 -33.97
C VAL B 844 19.73 -28.28 -34.14
N PHE B 845 20.69 -27.97 -33.25
CA PHE B 845 21.95 -28.72 -33.34
C PHE B 845 22.16 -29.67 -32.13
N PRO B 846 22.83 -30.82 -32.37
CA PRO B 846 23.09 -31.79 -31.27
C PRO B 846 23.69 -31.20 -29.99
N MET B 847 24.69 -30.31 -30.11
CA MET B 847 25.29 -29.80 -28.88
C MET B 847 24.25 -29.10 -28.01
N ALA B 848 23.25 -28.44 -28.63
CA ALA B 848 22.18 -27.76 -27.87
C ALA B 848 21.20 -28.76 -27.26
N LEU B 849 20.83 -29.81 -27.99
CA LEU B 849 20.03 -30.87 -27.42
C LEU B 849 20.70 -31.48 -26.19
N ILE B 850 21.97 -31.86 -26.33
CA ILE B 850 22.68 -32.56 -25.25
C ILE B 850 22.75 -31.69 -23.99
N ILE B 851 22.94 -30.38 -24.14
CA ILE B 851 23.11 -29.52 -22.98
C ILE B 851 21.81 -29.33 -22.23
N PHE B 852 20.72 -29.14 -22.95
CA PHE B 852 19.47 -28.78 -22.29
C PHE B 852 18.55 -29.97 -22.14
N GLY B 853 18.87 -31.09 -22.78
CA GLY B 853 18.04 -32.28 -22.75
C GLY B 853 18.35 -33.16 -21.56
N ASP B 854 17.88 -34.40 -21.65
CA ASP B 854 18.11 -35.37 -20.61
C ASP B 854 18.41 -36.71 -21.28
N GLY B 855 18.60 -37.76 -20.49
CA GLY B 855 19.05 -38.99 -21.14
C GLY B 855 20.40 -38.87 -21.80
N VAL B 856 21.31 -38.06 -21.22
CA VAL B 856 22.64 -37.81 -21.75
C VAL B 856 23.62 -38.76 -21.07
N GLU B 857 24.35 -39.53 -21.85
CA GLU B 857 25.42 -40.31 -21.26
C GLU B 857 26.57 -40.44 -22.26
N ALA B 858 27.77 -40.61 -21.72
CA ALA B 858 28.96 -40.77 -22.53
C ALA B 858 29.47 -42.18 -22.35
N GLY B 859 30.00 -42.73 -23.42
CA GLY B 859 30.49 -44.09 -23.36
C GLY B 859 31.24 -44.41 -24.61
N VAL B 860 31.33 -45.72 -24.89
CA VAL B 860 32.07 -46.21 -26.04
C VAL B 860 31.27 -47.33 -26.68
N THR B 861 30.95 -47.16 -27.96
CA THR B 861 30.48 -48.29 -28.75
C THR B 861 31.22 -48.36 -30.09
N GLN B 862 31.66 -49.56 -30.41
CA GLN B 862 32.03 -50.22 -31.65
C GLN B 862 33.38 -49.87 -32.34
N ASN B 863 34.19 -48.87 -31.97
CA ASN B 863 35.11 -48.78 -30.85
C ASN B 863 35.11 -47.33 -30.42
N THR B 864 34.06 -46.64 -30.77
CA THR B 864 33.96 -45.19 -30.89
C THR B 864 33.39 -44.58 -29.63
N PRO B 865 33.97 -43.51 -29.11
CA PRO B 865 33.36 -42.84 -27.96
C PRO B 865 32.19 -41.96 -28.39
N TYR B 866 31.14 -41.97 -27.59
CA TYR B 866 29.94 -41.25 -27.96
C TYR B 866 29.48 -40.33 -26.85
N LEU B 867 28.49 -39.51 -27.20
CA LEU B 867 27.69 -38.72 -26.27
C LEU B 867 26.28 -38.74 -26.83
N CYS B 868 25.30 -39.22 -26.06
CA CYS B 868 23.94 -39.42 -26.56
C CYS B 868 22.95 -38.50 -25.85
N VAL B 869 21.75 -38.37 -26.43
CA VAL B 869 20.70 -37.56 -25.82
C VAL B 869 19.38 -38.31 -25.93
N ALA B 870 18.56 -38.20 -24.88
CA ALA B 870 17.31 -38.95 -24.76
C ALA B 870 17.53 -40.47 -24.84
N LYS B 871 18.79 -40.91 -24.61
CA LYS B 871 19.20 -42.29 -24.89
C LYS B 871 18.73 -42.76 -26.27
N THR B 872 18.60 -41.85 -27.22
CA THR B 872 18.12 -42.19 -28.56
C THR B 872 19.06 -41.77 -29.68
N TYR B 873 19.69 -40.60 -29.57
CA TYR B 873 20.59 -40.10 -30.61
C TYR B 873 22.03 -40.15 -30.10
N TYR B 874 22.85 -40.98 -30.74
CA TYR B 874 24.21 -41.16 -30.32
C TYR B 874 25.12 -40.43 -31.30
N PHE B 875 25.99 -39.57 -30.77
CA PHE B 875 26.88 -38.73 -31.54
C PHE B 875 28.31 -39.07 -31.20
N LYS B 876 29.19 -39.09 -32.22
CA LYS B 876 30.62 -39.23 -31.99
C LYS B 876 31.13 -38.04 -31.17
N CYS B 877 31.86 -38.33 -30.09
CA CYS B 877 32.39 -37.27 -29.24
C CYS B 877 33.59 -37.79 -28.46
N ASN B 878 34.69 -37.04 -28.46
CA ASN B 878 35.90 -37.50 -27.79
C ASN B 878 35.75 -37.37 -26.28
N ARG B 879 36.61 -38.07 -25.53
CA ARG B 879 36.42 -38.08 -24.08
C ARG B 879 36.56 -36.69 -23.49
N GLU B 880 37.38 -35.82 -24.09
CA GLU B 880 37.56 -34.50 -23.49
C GLU B 880 36.30 -33.66 -23.60
N THR B 881 35.62 -33.66 -24.76
CA THR B 881 34.39 -32.89 -24.89
C THR B 881 33.26 -33.52 -24.06
N ALA B 882 33.14 -34.84 -24.08
CA ALA B 882 32.17 -35.53 -23.25
C ALA B 882 32.33 -35.20 -21.76
N ASP B 883 33.52 -35.48 -21.19
CA ASP B 883 33.75 -35.19 -19.77
C ASP B 883 33.44 -33.74 -19.41
N VAL B 884 33.64 -32.80 -20.34
CA VAL B 884 33.32 -31.39 -20.08
C VAL B 884 31.83 -31.14 -20.17
N VAL B 885 31.19 -31.60 -21.26
CA VAL B 885 29.76 -31.33 -21.46
C VAL B 885 28.94 -31.97 -20.35
N ILE B 886 29.35 -33.14 -19.89
CA ILE B 886 28.67 -33.72 -18.73
C ILE B 886 28.83 -32.80 -17.52
N GLN B 887 30.06 -32.37 -17.25
CA GLN B 887 30.28 -31.42 -16.15
C GLN B 887 29.52 -30.11 -16.38
N LEU B 888 29.41 -29.69 -17.63
CA LEU B 888 28.65 -28.49 -17.92
C LEU B 888 27.17 -28.67 -17.60
N ARG B 889 26.55 -29.77 -18.05
CA ARG B 889 25.14 -29.98 -17.76
C ARG B 889 24.86 -29.98 -16.27
N SER B 890 25.77 -30.56 -15.49
CA SER B 890 25.65 -30.56 -14.04
C SER B 890 25.63 -29.15 -13.48
N ASN B 891 26.59 -28.31 -13.89
CA ASN B 891 26.58 -26.94 -13.36
C ASN B 891 25.35 -26.17 -13.81
N LEU B 892 24.85 -26.42 -15.01
CA LEU B 892 23.60 -25.79 -15.40
C LEU B 892 22.46 -26.23 -14.49
N GLU B 893 22.41 -27.52 -14.13
CA GLU B 893 21.33 -27.95 -13.25
C GLU B 893 21.44 -27.27 -11.88
N LYS B 894 22.67 -27.18 -11.37
CA LYS B 894 22.87 -26.55 -10.07
C LYS B 894 22.45 -25.09 -10.12
N LEU B 895 22.71 -24.42 -11.25
CA LEU B 895 22.34 -23.02 -11.36
C LEU B 895 20.82 -22.87 -11.36
N LEU B 896 20.13 -23.61 -12.25
CA LEU B 896 18.69 -23.50 -12.35
C LEU B 896 18.01 -23.61 -11.00
N LEU B 897 18.39 -24.65 -10.22
CA LEU B 897 17.78 -24.87 -8.91
C LEU B 897 17.91 -23.65 -8.02
N LYS B 898 19.09 -23.05 -7.96
CA LYS B 898 19.25 -21.87 -7.11
C LYS B 898 18.46 -20.67 -7.64
N LYS B 899 18.46 -20.43 -8.96
CA LYS B 899 17.75 -19.25 -9.48
C LYS B 899 16.27 -19.34 -9.21
N ALA B 900 15.72 -20.56 -9.24
CA ALA B 900 14.31 -20.71 -8.97
C ALA B 900 14.02 -20.36 -7.53
N LEU B 901 14.89 -20.78 -6.61
CA LEU B 901 14.67 -20.57 -5.19
C LEU B 901 14.97 -19.14 -4.75
N TYR B 902 15.98 -18.52 -5.34
CA TYR B 902 16.44 -17.18 -4.96
C TYR B 902 16.47 -16.31 -6.20
N PRO B 903 15.29 -15.92 -6.69
CA PRO B 903 15.23 -15.25 -7.99
C PRO B 903 15.89 -13.88 -7.95
N ALA B 904 16.75 -13.63 -8.94
CA ALA B 904 17.48 -12.37 -9.14
C ALA B 904 18.02 -12.43 -10.57
N PRO B 905 18.07 -11.32 -11.28
CA PRO B 905 18.67 -11.35 -12.62
C PRO B 905 20.17 -11.64 -12.53
N ILE B 906 20.67 -12.29 -13.58
CA ILE B 906 22.08 -12.63 -13.71
C ILE B 906 22.88 -11.38 -14.01
N GLU B 907 23.80 -11.02 -13.11
CA GLU B 907 24.65 -9.87 -13.34
C GLU B 907 25.56 -10.09 -14.53
N GLU B 908 25.86 -9.00 -15.25
CA GLU B 908 26.71 -9.11 -16.44
C GLU B 908 28.15 -9.47 -16.10
N ASN B 909 28.65 -9.08 -14.93
CA ASN B 909 30.04 -9.37 -14.63
C ASN B 909 30.18 -10.18 -13.34
N GLY B 910 29.20 -11.04 -13.08
CA GLY B 910 29.18 -11.88 -11.91
C GLY B 910 29.59 -13.33 -12.18
N TYR B 911 29.51 -14.13 -11.11
CA TYR B 911 29.79 -15.57 -11.21
C TYR B 911 28.80 -16.27 -12.14
N GLU B 912 27.50 -16.05 -11.91
CA GLU B 912 26.53 -16.77 -12.72
C GLU B 912 26.78 -16.54 -14.20
N LYS B 913 27.17 -15.31 -14.57
CA LYS B 913 27.30 -15.03 -15.99
C LYS B 913 28.34 -15.90 -16.66
N GLN B 914 29.32 -16.38 -15.89
CA GLN B 914 30.41 -17.18 -16.47
C GLN B 914 29.86 -18.47 -17.05
N LEU B 915 29.05 -19.18 -16.26
CA LEU B 915 28.42 -20.38 -16.78
C LEU B 915 27.63 -20.08 -18.05
N ILE B 916 26.93 -18.95 -18.06
CA ILE B 916 26.20 -18.53 -19.26
C ILE B 916 27.15 -18.42 -20.45
N LYS B 917 28.26 -17.69 -20.27
CA LYS B 917 29.23 -17.51 -21.35
C LYS B 917 29.85 -18.83 -21.80
N ALA B 918 30.10 -19.76 -20.87
CA ALA B 918 30.57 -21.09 -21.25
C ALA B 918 29.61 -21.77 -22.22
N ILE B 919 28.32 -21.65 -21.96
CA ILE B 919 27.33 -22.29 -22.85
C ILE B 919 27.21 -21.56 -24.18
N GLU B 920 27.21 -20.23 -24.17
CA GLU B 920 27.20 -19.47 -25.42
C GLU B 920 28.34 -19.93 -26.34
N LEU B 921 29.52 -20.12 -25.77
CA LEU B 921 30.70 -20.41 -26.58
C LEU B 921 30.59 -21.80 -27.19
N LEU B 922 30.21 -22.81 -26.39
CA LEU B 922 29.93 -24.14 -26.93
C LEU B 922 28.79 -24.15 -27.95
N LEU B 923 27.71 -23.40 -27.71
CA LEU B 923 26.61 -23.39 -28.68
C LEU B 923 26.97 -22.59 -29.91
N SER B 924 27.84 -21.58 -29.78
CA SER B 924 28.18 -20.73 -30.93
C SER B 924 29.01 -21.46 -32.01
N LEU B 925 29.58 -22.64 -31.71
CA LEU B 925 30.31 -23.41 -32.71
C LEU B 925 29.48 -23.85 -33.91
N ASP B 926 28.17 -23.76 -33.86
CA ASP B 926 27.34 -24.22 -34.96
C ASP B 926 26.99 -23.13 -36.00
N GLU B 927 27.52 -21.91 -35.86
CA GLU B 927 27.17 -20.82 -36.77
C GLU B 927 27.51 -21.16 -38.22
N ARG B 928 26.76 -20.53 -39.14
CA ARG B 928 26.90 -20.78 -40.59
C ARG B 928 28.28 -20.44 -41.14
N LEU B 929 28.67 -19.17 -41.07
CA LEU B 929 30.01 -18.79 -41.55
C LEU B 929 31.00 -18.58 -40.39
#